data_5N0A
#
_entry.id   5N0A
#
_cell.length_a   58.774
_cell.length_b   182.301
_cell.length_c   208.725
_cell.angle_alpha   90.00
_cell.angle_beta   90.00
_cell.angle_gamma   90.00
#
_symmetry.space_group_name_H-M   'P 2 21 21'
#
loop_
_entity.id
_entity.type
_entity.pdbx_description
1 polymer 'Envelope Glycoprotein E'
2 polymer 'BROADLY NEUTRALIZING HUMAN ANTIBODY EDE2 A11 HEAVY CHAIN'
3 polymer 'BROADLY NEUTRALIZING HUMAN ANTIBODY EDE2 A11'
4 branched alpha-D-mannopyranose-(1-3)-[alpha-D-mannopyranose-(1-6)]beta-D-mannopyranose-(1-4)-2-acetamido-2-deoxy-beta-D-glucopyranose-(1-4)-[alpha-L-fucopyranose-(1-6)]2-acetamido-2-deoxy-beta-D-glucopyranose
#
loop_
_entity_poly.entity_id
_entity_poly.type
_entity_poly.pdbx_seq_one_letter_code
_entity_poly.pdbx_strand_id
1 'polypeptide(L)'
;MRCIGISNRDFVEGVSGGSWVDIVLEHGSCVTTMAKNKPTLDFELIKTEAKQPATLRKYCIEAKLTNTTTESRCPTQGEP
SLNEEQDKRFICKHSMVDRGWGNGCGLFGKGGIVTCAKFTCKKNMEGKIVQPENLEYTIVITPHSGEEHAVGNDTGKHGK
EIKITPQSSTTEAELTGYGTVTMECSPRTGLDFNEMVLLQMEDKAWLVHRQWFLDLPLPWLPGADTQGSNWIQKETLVTF
KNPHAKKQDVVVLGSQEGCMHTALTGATEIQMSSGNLLFTGHLKCRLRMDKLQLKGMSYSMCTGKFKIVKEIAETQHGTI
VIRVQYEGDGSPCKIPFEITDLEKRHVLGRLITVNPIVTEKDSPVNIEAEPPFGDSYIIVGVEPGQLKLNWFKKGLVPRG
SSAWSHPQFEKGGSGGGSGGSAWSHPQFEK
;
A,B
2 'polypeptide(L)'
;EVQLVESGGGLVRPGGSLRLSCAASGFSYSNHWMHWVRQAPGKGLVWVSRINSDGSTRNYADFVKGRFTISRDNAENTLY
LEMNSLTADDTAVYYCVRDGVRFYYDSTGYYPDSFFKYGMDVWGQGTTVTVSSASTKGPSVFPLAPSSKSTSGGTAALGC
LVKDYFPEPVTVSWNSGALTSGVHTFPAVLQSSGLYSLSSVVTVPSSSLGTQTYICNVNHKPSNTKVDKRVEPKSCDKTH
TCPPCPLEDDDDKAGWSHPQFEKGGGSGGGSGGGSWSHPQFEK
;
H,I
3 'polypeptide(L)'
;RSQSVLTQPVSVSGSPGQSITISCTGTSSNADTYNLVSWYQQRPGKAPKLMIYEGTKRPSGVSNRFSASKSATAASLTIS
GLQPEDEADYYCCSYATSRTLVFGGGTKLTVVGQPKAAPSVTLFPPSSEELQANKATLVCLISDFYPGAVTVAWKADSSP
VKAGVETTTPSKQSNNKYAASSYLSLTPEQWKSHRSYSCQVTHEGSTVEKTVAPTECS
;
L,M
#
loop_
_chem_comp.id
_chem_comp.type
_chem_comp.name
_chem_comp.formula
BMA D-saccharide, beta linking beta-D-mannopyranose 'C6 H12 O6'
FUC L-saccharide, alpha linking alpha-L-fucopyranose 'C6 H12 O5'
MAN D-saccharide, alpha linking alpha-D-mannopyranose 'C6 H12 O6'
NAG D-saccharide, beta linking 2-acetamido-2-deoxy-beta-D-glucopyranose 'C8 H15 N O6'
#
# COMPACT_ATOMS: atom_id res chain seq x y z
N MET A 1 -1.64 20.05 43.39
CA MET A 1 -1.04 18.79 43.84
C MET A 1 -0.46 18.03 42.66
N ARG A 2 -0.78 18.48 41.42
CA ARG A 2 -0.35 17.88 40.16
C ARG A 2 1.16 17.95 39.96
N CYS A 3 1.78 19.07 40.34
CA CYS A 3 3.22 19.32 40.21
C CYS A 3 4.08 18.34 40.96
N ILE A 4 3.56 17.78 42.08
CA ILE A 4 4.31 16.81 42.87
C ILE A 4 4.59 15.58 42.00
N GLY A 5 5.85 15.43 41.61
CA GLY A 5 6.28 14.32 40.77
C GLY A 5 6.82 14.74 39.42
N ILE A 6 6.49 15.98 39.00
CA ILE A 6 6.93 16.58 37.75
C ILE A 6 8.30 17.20 37.99
N SER A 7 9.30 16.81 37.19
CA SER A 7 10.67 17.31 37.29
C SER A 7 10.77 18.78 36.91
N ASN A 8 10.14 19.19 35.78
CA ASN A 8 10.19 20.59 35.35
C ASN A 8 9.14 21.39 36.12
N ARG A 9 9.44 21.67 37.39
CA ARG A 9 8.56 22.37 38.31
C ARG A 9 9.20 23.64 38.90
N ASP A 10 8.41 24.73 38.97
CA ASP A 10 8.84 26.02 39.50
C ASP A 10 8.03 26.40 40.75
N PHE A 11 8.70 26.99 41.74
CA PHE A 11 8.07 27.46 42.98
C PHE A 11 8.06 28.97 42.96
N VAL A 12 6.94 29.54 42.58
CA VAL A 12 6.79 30.98 42.51
C VAL A 12 6.11 31.48 43.77
N GLU A 13 6.75 32.40 44.50
CA GLU A 13 6.17 32.98 45.70
C GLU A 13 5.93 34.47 45.53
N GLY A 14 4.72 34.89 45.85
CA GLY A 14 4.30 36.28 45.78
C GLY A 14 4.66 37.05 47.03
N TRP A 20 -0.64 40.61 43.07
CA TRP A 20 -0.18 39.97 41.84
C TRP A 20 1.04 39.08 42.05
N VAL A 21 1.17 38.06 41.19
CA VAL A 21 2.28 37.12 41.13
C VAL A 21 2.45 36.69 39.65
N ASP A 22 3.65 36.86 39.10
CA ASP A 22 3.90 36.52 37.70
C ASP A 22 4.44 35.10 37.53
N ILE A 23 3.80 34.28 36.66
CA ILE A 23 4.18 32.89 36.37
C ILE A 23 4.37 32.64 34.87
N VAL A 24 5.15 31.59 34.51
CA VAL A 24 5.41 31.22 33.12
C VAL A 24 5.00 29.77 32.89
N LEU A 25 3.92 29.57 32.13
CA LEU A 25 3.44 28.23 31.83
C LEU A 25 3.85 27.79 30.43
N GLU A 26 4.28 26.53 30.31
CA GLU A 26 4.66 25.90 29.03
C GLU A 26 4.35 24.40 29.11
N HIS A 27 4.44 23.70 27.98
CA HIS A 27 4.16 22.26 27.95
C HIS A 27 5.25 21.50 28.66
N GLY A 28 4.84 20.50 29.44
CA GLY A 28 5.73 19.66 30.23
C GLY A 28 6.36 20.38 31.40
N SER A 29 5.74 21.49 31.82
CA SER A 29 6.16 22.33 32.94
C SER A 29 4.98 22.58 33.83
N CYS A 30 5.21 22.47 35.14
CA CYS A 30 4.23 22.68 36.19
C CYS A 30 4.69 23.84 37.05
N VAL A 31 3.75 24.60 37.65
CA VAL A 31 4.10 25.75 38.51
C VAL A 31 3.33 25.75 39.83
N THR A 32 4.06 25.89 40.95
CA THR A 32 3.49 25.95 42.30
C THR A 32 3.56 27.39 42.82
N THR A 33 2.39 27.98 43.17
CA THR A 33 2.30 29.35 43.66
C THR A 33 1.89 29.41 45.13
N MET A 34 2.58 30.28 45.87
CA MET A 34 2.36 30.49 47.30
C MET A 34 2.33 31.98 47.60
N ALA A 35 1.54 32.36 48.60
CA ALA A 35 1.36 33.73 49.07
C ALA A 35 0.91 33.67 50.52
N LYS A 36 1.28 34.70 51.31
CA LYS A 36 0.93 34.84 52.73
C LYS A 36 -0.58 34.79 52.94
N ASN A 37 -1.05 33.80 53.73
CA ASN A 37 -2.45 33.54 54.10
C ASN A 37 -3.36 33.27 52.88
N LYS A 38 -2.78 32.67 51.83
CA LYS A 38 -3.47 32.30 50.60
C LYS A 38 -3.19 30.83 50.26
N PRO A 39 -4.14 30.11 49.62
CA PRO A 39 -3.90 28.69 49.29
C PRO A 39 -2.80 28.47 48.28
N THR A 40 -2.12 27.34 48.40
CA THR A 40 -1.05 26.99 47.46
C THR A 40 -1.69 26.35 46.23
N LEU A 41 -1.35 26.87 45.03
CA LEU A 41 -1.93 26.40 43.78
C LEU A 41 -0.94 25.85 42.78
N ASP A 42 -1.39 24.86 42.01
CA ASP A 42 -0.63 24.19 40.96
C ASP A 42 -1.21 24.47 39.58
N PHE A 43 -0.37 25.00 38.67
CA PHE A 43 -0.74 25.36 37.30
C PHE A 43 0.01 24.53 36.28
N GLU A 44 -0.70 24.11 35.22
CA GLU A 44 -0.14 23.34 34.12
C GLU A 44 -0.83 23.70 32.81
N LEU A 45 -0.05 23.87 31.73
CA LEU A 45 -0.58 24.10 30.38
C LEU A 45 -0.79 22.71 29.78
N ILE A 46 -2.05 22.31 29.69
CA ILE A 46 -2.52 21.01 29.26
C ILE A 46 -2.65 20.85 27.74
N LYS A 47 -3.06 21.91 27.02
CA LYS A 47 -3.27 21.84 25.56
C LYS A 47 -3.23 23.22 24.89
N THR A 48 -2.62 23.27 23.71
CA THR A 48 -2.54 24.43 22.82
C THR A 48 -3.26 23.92 21.56
N GLU A 49 -4.19 24.72 20.99
CA GLU A 49 -4.98 24.33 19.82
C GLU A 49 -5.21 25.50 18.85
N ALA A 50 -5.05 25.26 17.53
CA ALA A 50 -5.30 26.25 16.48
C ALA A 50 -6.73 26.01 16.05
N LYS A 51 -7.63 26.97 16.28
CA LYS A 51 -9.03 26.63 16.06
C LYS A 51 -9.69 26.91 14.70
N GLN A 52 -9.68 28.11 14.16
CA GLN A 52 -10.33 28.30 12.86
C GLN A 52 -9.25 28.25 11.77
N PRO A 53 -8.90 27.08 11.20
CA PRO A 53 -7.80 27.06 10.23
C PRO A 53 -8.27 27.06 8.79
N ALA A 54 -7.84 28.05 8.03
CA ALA A 54 -8.24 28.12 6.64
C ALA A 54 -7.20 27.42 5.79
N THR A 55 -7.57 26.29 5.19
CA THR A 55 -6.72 25.50 4.31
C THR A 55 -6.31 26.38 3.14
N LEU A 56 -5.01 26.59 2.95
CA LEU A 56 -4.52 27.42 1.86
C LEU A 56 -4.43 26.59 0.58
N ARG A 57 -3.77 25.44 0.68
CA ARG A 57 -3.51 24.56 -0.44
C ARG A 57 -3.19 23.19 0.15
N LYS A 58 -3.53 22.14 -0.59
CA LYS A 58 -3.30 20.75 -0.20
C LYS A 58 -2.43 20.12 -1.30
N TYR A 59 -1.28 19.51 -0.94
CA TYR A 59 -0.36 18.93 -1.91
C TYR A 59 -0.31 17.43 -1.90
N CYS A 60 -0.10 16.82 -3.08
CA CYS A 60 0.08 15.38 -3.18
C CYS A 60 1.55 15.03 -3.07
N ILE A 61 1.88 14.14 -2.12
CA ILE A 61 3.26 13.74 -1.87
C ILE A 61 3.51 12.30 -2.34
N GLU A 62 2.46 11.48 -2.49
CA GLU A 62 2.56 10.11 -2.99
C GLU A 62 1.33 9.84 -3.88
N ALA A 63 1.58 9.45 -5.13
CA ALA A 63 0.50 9.19 -6.09
C ALA A 63 0.58 7.81 -6.72
N LYS A 64 -0.52 7.41 -7.40
CA LYS A 64 -0.61 6.14 -8.11
C LYS A 64 -1.34 6.33 -9.43
N LEU A 65 -0.78 5.72 -10.49
CA LEU A 65 -1.37 5.77 -11.81
C LEU A 65 -2.05 4.46 -12.10
N THR A 66 -3.33 4.55 -12.46
CA THR A 66 -4.21 3.41 -12.76
C THR A 66 -4.93 3.67 -14.09
N ASN A 67 -5.76 2.71 -14.54
CA ASN A 67 -6.59 2.79 -15.75
C ASN A 67 -5.85 3.28 -17.03
N THR A 68 -4.58 2.86 -17.22
CA THR A 68 -3.80 3.28 -18.39
C THR A 68 -4.47 2.84 -19.68
N THR A 69 -4.71 3.81 -20.57
CA THR A 69 -5.35 3.61 -21.86
C THR A 69 -4.59 4.36 -22.96
N THR A 70 -4.47 3.73 -24.14
CA THR A 70 -3.76 4.31 -25.29
C THR A 70 -4.59 4.20 -26.58
N GLU A 71 -4.48 5.22 -27.45
CA GLU A 71 -5.08 5.21 -28.77
C GLU A 71 -4.09 5.78 -29.76
N SER A 72 -3.92 5.10 -30.88
CA SER A 72 -3.06 5.56 -31.97
C SER A 72 -3.85 5.66 -33.27
N ARG A 73 -3.25 6.35 -34.27
CA ARG A 73 -3.79 6.55 -35.60
C ARG A 73 -2.72 6.22 -36.60
N CYS A 74 -3.14 5.81 -37.80
CA CYS A 74 -2.20 5.52 -38.87
C CYS A 74 -1.68 6.85 -39.46
N PRO A 75 -0.52 6.88 -40.14
CA PRO A 75 -0.02 8.17 -40.68
C PRO A 75 -1.04 8.84 -41.59
N THR A 76 -1.16 10.18 -41.50
CA THR A 76 -2.11 11.04 -42.27
C THR A 76 -3.59 10.81 -41.91
N GLN A 77 -3.88 9.95 -40.91
CA GLN A 77 -5.26 9.64 -40.48
C GLN A 77 -5.70 10.52 -39.31
N GLY A 78 -4.92 11.57 -39.05
CA GLY A 78 -5.21 12.53 -38.00
C GLY A 78 -4.65 12.20 -36.63
N GLU A 79 -5.12 12.97 -35.65
CA GLU A 79 -4.74 12.90 -34.24
C GLU A 79 -5.70 11.98 -33.46
N PRO A 80 -5.19 11.06 -32.62
CA PRO A 80 -6.12 10.21 -31.84
C PRO A 80 -6.70 10.96 -30.65
N SER A 81 -7.80 10.42 -30.12
CA SER A 81 -8.47 11.04 -28.98
C SER A 81 -9.12 10.02 -28.08
N LEU A 82 -9.09 10.29 -26.77
CA LEU A 82 -9.74 9.48 -25.74
C LEU A 82 -10.66 10.40 -24.97
N ASN A 83 -11.74 9.85 -24.40
CA ASN A 83 -12.70 10.63 -23.61
C ASN A 83 -12.02 11.15 -22.35
N GLU A 84 -11.10 10.34 -21.82
CA GLU A 84 -10.24 10.56 -20.68
C GLU A 84 -9.55 11.92 -20.70
N GLU A 85 -9.28 12.45 -21.91
CA GLU A 85 -8.65 13.76 -22.09
C GLU A 85 -9.51 14.90 -21.55
N GLN A 86 -10.79 14.58 -21.30
CA GLN A 86 -11.77 15.53 -20.77
C GLN A 86 -12.08 15.22 -19.29
N ASP A 87 -11.60 14.06 -18.78
CA ASP A 87 -11.73 13.68 -17.37
C ASP A 87 -10.56 14.35 -16.66
N LYS A 88 -10.87 15.19 -15.67
CA LYS A 88 -9.88 15.98 -14.91
C LYS A 88 -9.07 15.15 -13.88
N ARG A 89 -9.36 13.85 -13.75
CA ARG A 89 -8.64 12.97 -12.81
C ARG A 89 -7.58 12.17 -13.59
N PHE A 90 -7.53 12.42 -14.91
CA PHE A 90 -6.64 11.74 -15.83
C PHE A 90 -5.56 12.67 -16.31
N ILE A 91 -4.36 12.11 -16.52
CA ILE A 91 -3.20 12.84 -17.04
C ILE A 91 -2.93 12.22 -18.41
N CYS A 92 -2.87 13.08 -19.44
CA CYS A 92 -2.70 12.62 -20.83
C CYS A 92 -1.55 13.30 -21.53
N LYS A 93 -1.04 12.63 -22.58
CA LYS A 93 0.05 13.13 -23.41
C LYS A 93 -0.03 12.55 -24.82
N HIS A 94 0.17 13.43 -25.80
CA HIS A 94 0.23 13.11 -27.21
C HIS A 94 1.67 12.97 -27.65
N SER A 95 1.94 11.97 -28.49
CA SER A 95 3.27 11.73 -29.04
C SER A 95 3.13 11.17 -30.46
N MET A 96 4.26 10.75 -31.05
CA MET A 96 4.30 10.19 -32.40
C MET A 96 5.02 8.86 -32.33
N VAL A 97 4.49 7.86 -33.03
CA VAL A 97 5.14 6.55 -33.13
C VAL A 97 5.37 6.19 -34.59
N ASP A 98 6.32 5.27 -34.83
CA ASP A 98 6.59 4.77 -36.17
C ASP A 98 5.50 3.78 -36.52
N ARG A 99 4.79 4.08 -37.60
CA ARG A 99 3.73 3.25 -38.15
C ARG A 99 4.15 2.76 -39.54
N GLY A 100 3.54 1.64 -39.96
CA GLY A 100 3.79 0.98 -41.23
C GLY A 100 3.08 -0.34 -41.35
N TRP A 101 3.39 -1.08 -42.44
CA TRP A 101 2.82 -2.39 -42.78
C TRP A 101 2.90 -3.44 -41.68
N GLY A 102 4.05 -3.53 -41.01
CA GLY A 102 4.31 -4.50 -39.96
C GLY A 102 3.65 -4.23 -38.61
N ASN A 103 2.93 -3.09 -38.49
CA ASN A 103 2.22 -2.71 -37.27
C ASN A 103 0.80 -2.17 -37.58
N GLY A 104 0.24 -2.62 -38.69
CA GLY A 104 -1.15 -2.36 -39.07
C GLY A 104 -1.52 -1.16 -39.91
N CYS A 105 -0.56 -0.50 -40.60
CA CYS A 105 -0.86 0.65 -41.45
C CYS A 105 -0.51 0.42 -42.89
N GLY A 106 -1.38 0.90 -43.79
CA GLY A 106 -1.14 0.85 -45.22
C GLY A 106 0.01 1.73 -45.66
N LEU A 107 0.23 2.86 -44.94
CA LEU A 107 1.31 3.83 -45.22
C LEU A 107 2.38 3.74 -44.14
N PHE A 108 3.61 4.19 -44.46
CA PHE A 108 4.74 4.24 -43.54
C PHE A 108 4.98 5.68 -43.14
N GLY A 109 4.97 5.95 -41.84
CA GLY A 109 5.21 7.28 -41.29
C GLY A 109 5.02 7.39 -39.80
N LYS A 110 4.94 8.63 -39.31
CA LYS A 110 4.75 8.91 -37.90
C LYS A 110 3.27 9.00 -37.59
N GLY A 111 2.75 7.98 -36.93
CA GLY A 111 1.37 7.93 -36.51
C GLY A 111 1.23 8.49 -35.12
N GLY A 112 0.25 9.37 -34.92
CA GLY A 112 -0.03 9.99 -33.64
C GLY A 112 -0.48 9.00 -32.58
N ILE A 113 -0.01 9.19 -31.35
CA ILE A 113 -0.35 8.35 -30.20
C ILE A 113 -0.84 9.26 -29.06
N VAL A 114 -1.62 8.68 -28.13
CA VAL A 114 -2.13 9.37 -26.94
C VAL A 114 -2.27 8.37 -25.79
N THR A 115 -1.66 8.70 -24.64
CA THR A 115 -1.67 7.87 -23.44
C THR A 115 -2.29 8.65 -22.29
N CYS A 116 -3.28 8.03 -21.62
CA CYS A 116 -4.02 8.58 -20.48
C CYS A 116 -3.95 7.63 -19.32
N ALA A 117 -3.79 8.16 -18.10
CA ALA A 117 -3.77 7.36 -16.88
C ALA A 117 -4.42 8.13 -15.75
N LYS A 118 -5.05 7.41 -14.80
CA LYS A 118 -5.76 8.00 -13.68
C LYS A 118 -4.85 8.31 -12.53
N PHE A 119 -4.70 9.60 -12.25
CA PHE A 119 -3.89 10.12 -11.15
C PHE A 119 -4.68 10.04 -9.84
N THR A 120 -4.23 9.17 -8.93
CA THR A 120 -4.87 8.95 -7.64
C THR A 120 -3.90 9.29 -6.54
N CYS A 121 -4.28 10.20 -5.64
CA CYS A 121 -3.39 10.58 -4.54
C CYS A 121 -3.51 9.61 -3.39
N LYS A 122 -2.37 9.15 -2.90
CA LYS A 122 -2.28 8.19 -1.82
C LYS A 122 -1.96 8.87 -0.49
N LYS A 123 -1.26 10.02 -0.52
CA LYS A 123 -0.85 10.73 0.69
C LYS A 123 -0.78 12.23 0.44
N ASN A 124 -1.28 13.05 1.39
CA ASN A 124 -1.18 14.49 1.19
C ASN A 124 -0.78 15.26 2.44
N MET A 125 -0.41 16.51 2.22
CA MET A 125 -0.07 17.41 3.32
C MET A 125 -0.82 18.71 3.05
N GLU A 126 -1.51 19.23 4.06
CA GLU A 126 -2.24 20.47 3.88
C GLU A 126 -1.61 21.59 4.69
N GLY A 127 -1.58 22.74 4.05
CA GLY A 127 -1.06 23.98 4.60
C GLY A 127 -2.23 24.82 5.07
N LYS A 128 -2.17 25.27 6.33
CA LYS A 128 -3.25 26.03 6.92
C LYS A 128 -2.85 27.40 7.39
N ILE A 129 -3.72 28.37 7.15
CA ILE A 129 -3.52 29.72 7.62
C ILE A 129 -4.23 29.80 8.95
N VAL A 130 -3.47 30.17 9.98
CA VAL A 130 -3.98 30.26 11.34
C VAL A 130 -3.78 31.68 11.87
N GLN A 131 -4.86 32.23 12.43
CA GLN A 131 -4.87 33.57 12.99
C GLN A 131 -4.32 33.46 14.41
N PRO A 132 -3.30 34.28 14.77
CA PRO A 132 -2.70 34.18 16.11
C PRO A 132 -3.70 34.19 17.27
N GLU A 133 -4.71 35.07 17.16
CA GLU A 133 -5.81 35.28 18.11
C GLU A 133 -6.73 34.07 18.21
N ASN A 134 -6.63 33.09 17.29
CA ASN A 134 -7.48 31.89 17.24
C ASN A 134 -6.82 30.67 17.92
N LEU A 135 -5.67 30.94 18.56
CA LEU A 135 -4.85 29.96 19.26
C LEU A 135 -5.36 29.79 20.68
N GLU A 136 -6.12 28.75 20.94
CA GLU A 136 -6.67 28.50 22.27
C GLU A 136 -5.71 27.72 23.18
N TYR A 137 -5.58 28.18 24.44
CA TYR A 137 -4.74 27.53 25.45
C TYR A 137 -5.61 26.95 26.56
N THR A 138 -5.22 25.79 27.10
CA THR A 138 -5.96 25.14 28.18
C THR A 138 -5.07 24.98 29.40
N ILE A 139 -5.36 25.75 30.45
CA ILE A 139 -4.63 25.76 31.72
C ILE A 139 -5.45 25.00 32.77
N VAL A 140 -4.79 24.19 33.61
CA VAL A 140 -5.44 23.44 34.69
C VAL A 140 -4.93 23.95 36.04
N ILE A 141 -5.84 24.47 36.88
CA ILE A 141 -5.49 24.96 38.22
C ILE A 141 -5.92 23.96 39.27
N THR A 142 -4.94 23.37 39.97
CA THR A 142 -5.20 22.39 41.02
C THR A 142 -4.74 22.92 42.38
N PRO A 143 -5.68 23.11 43.33
CA PRO A 143 -5.27 23.58 44.67
C PRO A 143 -4.60 22.47 45.49
N HIS A 144 -3.74 22.88 46.44
CA HIS A 144 -3.06 21.98 47.36
C HIS A 144 -4.01 21.64 48.49
N SER A 145 -4.95 20.72 48.19
CA SER A 145 -6.03 20.29 49.06
C SER A 145 -5.69 19.08 49.91
N GLY A 146 -4.46 18.58 49.78
CA GLY A 146 -3.97 17.41 50.53
C GLY A 146 -4.89 16.22 50.45
N GLU A 147 -5.66 16.12 49.34
CA GLU A 147 -6.61 15.03 49.13
C GLU A 147 -5.86 13.72 48.81
N GLU A 148 -6.37 12.58 49.32
CA GLU A 148 -5.79 11.23 49.19
C GLU A 148 -5.49 10.80 47.75
N HIS A 149 -6.33 11.24 46.80
CA HIS A 149 -6.22 10.92 45.38
C HIS A 149 -5.59 12.02 44.52
N ALA A 150 -5.64 13.29 44.99
CA ALA A 150 -5.12 14.46 44.29
C ALA A 150 -3.60 14.45 44.00
N VAL A 151 -2.82 13.73 44.85
CA VAL A 151 -1.35 13.65 44.70
C VAL A 151 -0.96 12.89 43.42
N GLY A 152 -0.25 13.59 42.55
CA GLY A 152 0.25 13.08 41.27
C GLY A 152 -0.80 12.74 40.22
N ASN A 153 -2.07 13.16 40.45
CA ASN A 153 -3.18 12.90 39.53
C ASN A 153 -3.08 13.78 38.29
N ASP A 154 -3.12 13.16 37.09
CA ASP A 154 -3.00 13.84 35.79
C ASP A 154 -4.34 13.83 34.99
N THR A 155 -5.44 13.41 35.63
CA THR A 155 -6.76 13.33 35.01
C THR A 155 -7.42 14.68 34.83
N GLY A 156 -7.78 15.31 35.95
CA GLY A 156 -8.47 16.60 35.98
C GLY A 156 -9.75 16.56 36.78
N LYS A 157 -9.99 15.45 37.52
CA LYS A 157 -11.18 15.30 38.37
C LYS A 157 -11.06 16.11 39.67
N HIS A 158 -9.93 16.82 39.87
CA HIS A 158 -9.62 17.67 41.03
C HIS A 158 -9.24 19.12 40.64
N GLY A 159 -9.05 19.38 39.35
CA GLY A 159 -8.61 20.68 38.85
C GLY A 159 -9.59 21.40 37.96
N LYS A 160 -9.69 22.75 38.14
CA LYS A 160 -10.56 23.58 37.33
C LYS A 160 -9.85 23.94 36.02
N GLU A 161 -10.42 23.48 34.90
CA GLU A 161 -9.92 23.73 33.55
C GLU A 161 -10.28 25.17 33.16
N ILE A 162 -9.36 25.90 32.50
CA ILE A 162 -9.62 27.28 32.06
C ILE A 162 -9.03 27.53 30.66
N LYS A 163 -9.77 28.23 29.79
CA LYS A 163 -9.34 28.50 28.42
C LYS A 163 -9.05 29.96 28.17
N ILE A 164 -7.92 30.23 27.50
CA ILE A 164 -7.51 31.58 27.16
C ILE A 164 -7.11 31.66 25.67
N THR A 165 -7.12 32.87 25.11
CA THR A 165 -6.68 33.09 23.72
C THR A 165 -5.93 34.41 23.70
N PRO A 166 -4.94 34.66 22.81
CA PRO A 166 -4.26 35.97 22.80
C PRO A 166 -5.19 37.20 22.92
N GLN A 167 -6.47 37.08 22.48
CA GLN A 167 -7.52 38.09 22.63
C GLN A 167 -8.09 38.02 24.05
N SER A 168 -8.73 36.87 24.39
CA SER A 168 -9.33 36.64 25.70
C SER A 168 -8.26 36.17 26.71
N SER A 169 -7.19 36.96 26.78
CA SER A 169 -6.00 36.78 27.61
C SER A 169 -6.27 36.76 29.13
N THR A 170 -7.29 37.51 29.60
CA THR A 170 -7.65 37.64 31.02
C THR A 170 -8.97 36.92 31.39
N THR A 171 -8.92 35.99 32.39
CA THR A 171 -10.07 35.21 32.87
C THR A 171 -10.03 35.07 34.40
N GLU A 172 -11.20 35.19 35.03
CA GLU A 172 -11.42 35.01 36.46
C GLU A 172 -11.88 33.54 36.56
N ALA A 173 -11.25 32.73 37.40
CA ALA A 173 -11.64 31.33 37.55
C ALA A 173 -11.98 30.99 38.98
N GLU A 174 -13.17 30.41 39.20
CA GLU A 174 -13.67 30.03 40.52
C GLU A 174 -13.24 28.62 40.93
N LEU A 175 -12.71 28.49 42.16
CA LEU A 175 -12.25 27.24 42.78
C LEU A 175 -13.14 26.93 43.97
N THR A 176 -13.89 25.81 43.89
CA THR A 176 -14.88 25.37 44.88
C THR A 176 -14.26 25.17 46.28
N GLY A 177 -14.47 26.18 47.12
CA GLY A 177 -14.00 26.21 48.50
C GLY A 177 -12.84 27.15 48.78
N TYR A 178 -12.30 27.78 47.73
CA TYR A 178 -11.16 28.69 47.86
C TYR A 178 -11.43 30.09 47.31
N GLY A 179 -12.57 30.25 46.63
CA GLY A 179 -12.94 31.53 46.04
C GLY A 179 -12.52 31.62 44.59
N THR A 180 -12.27 32.84 44.11
CA THR A 180 -11.91 33.06 42.70
C THR A 180 -10.45 33.52 42.55
N VAL A 181 -9.87 33.24 41.37
CA VAL A 181 -8.50 33.62 41.02
C VAL A 181 -8.50 34.32 39.67
N THR A 182 -7.96 35.53 39.63
CA THR A 182 -7.88 36.32 38.40
C THR A 182 -6.51 36.01 37.78
N MET A 183 -6.51 35.58 36.52
CA MET A 183 -5.32 35.28 35.72
C MET A 183 -5.30 36.20 34.50
N GLU A 184 -4.21 36.95 34.28
CA GLU A 184 -4.11 37.90 33.17
C GLU A 184 -2.88 37.44 32.33
N CYS A 185 -3.16 36.64 31.28
CA CYS A 185 -2.15 35.99 30.44
C CYS A 185 -1.77 36.75 29.18
N SER A 186 -0.46 36.78 28.90
CA SER A 186 0.12 37.42 27.73
C SER A 186 0.71 36.36 26.79
N PRO A 187 0.38 36.45 25.49
CA PRO A 187 0.89 35.46 24.53
C PRO A 187 2.37 35.62 24.18
N ARG A 188 3.14 34.53 24.19
CA ARG A 188 4.55 34.58 23.81
C ARG A 188 4.94 33.38 22.94
N THR A 189 4.43 33.34 21.71
CA THR A 189 4.73 32.25 20.78
C THR A 189 6.15 32.42 20.19
N GLY A 190 6.68 31.35 19.57
CA GLY A 190 8.00 31.31 18.96
C GLY A 190 8.10 32.06 17.64
N LEU A 191 7.18 31.74 16.71
CA LEU A 191 7.14 32.37 15.38
C LEU A 191 5.78 33.03 15.14
N ASP A 192 5.81 34.16 14.43
CA ASP A 192 4.63 34.94 14.07
C ASP A 192 3.85 34.13 13.05
N PHE A 193 2.55 33.92 13.32
CA PHE A 193 1.68 33.14 12.45
C PHE A 193 1.33 33.87 11.16
N ASN A 194 1.58 35.19 11.09
CA ASN A 194 1.34 36.01 9.90
C ASN A 194 2.49 35.80 8.92
N GLU A 195 2.15 35.33 7.71
CA GLU A 195 3.03 34.96 6.59
C GLU A 195 3.62 33.57 6.81
N MET A 196 3.17 32.90 7.87
CA MET A 196 3.54 31.54 8.22
C MET A 196 2.34 30.65 7.89
N VAL A 197 2.61 29.42 7.47
CA VAL A 197 1.64 28.39 7.09
C VAL A 197 1.92 27.20 8.00
N LEU A 198 0.86 26.64 8.61
CA LEU A 198 0.99 25.46 9.48
C LEU A 198 0.90 24.22 8.59
N LEU A 199 2.07 23.74 8.14
CA LEU A 199 2.17 22.59 7.27
C LEU A 199 1.99 21.28 8.03
N GLN A 200 0.84 20.63 7.83
CA GLN A 200 0.54 19.36 8.47
C GLN A 200 0.66 18.17 7.54
N MET A 201 1.56 17.27 7.92
CA MET A 201 1.85 16.01 7.23
C MET A 201 1.54 14.85 8.19
N GLU A 202 0.37 14.20 8.04
CA GLU A 202 -0.06 13.09 8.89
C GLU A 202 -0.02 13.47 10.38
N ASP A 203 0.97 12.93 11.13
CA ASP A 203 1.15 13.18 12.56
C ASP A 203 2.28 14.17 12.86
N LYS A 204 3.00 14.59 11.82
CA LYS A 204 4.07 15.57 11.96
C LYS A 204 3.49 16.93 11.48
N ALA A 205 4.06 18.06 11.94
CA ALA A 205 3.58 19.40 11.60
C ALA A 205 4.70 20.43 11.77
N TRP A 206 4.67 21.52 10.99
CA TRP A 206 5.70 22.55 10.99
C TRP A 206 5.11 23.91 10.69
N LEU A 207 5.84 24.99 10.96
CA LEU A 207 5.40 26.33 10.65
C LEU A 207 6.36 26.89 9.63
N VAL A 208 5.88 27.16 8.42
CA VAL A 208 6.73 27.55 7.29
C VAL A 208 6.27 28.81 6.54
N HIS A 209 7.22 29.45 5.83
CA HIS A 209 7.01 30.63 4.99
C HIS A 209 6.02 30.37 3.87
N ARG A 210 5.08 31.31 3.71
CA ARG A 210 4.01 31.27 2.71
C ARG A 210 4.53 31.10 1.29
N GLN A 211 5.44 31.97 0.84
CA GLN A 211 5.99 31.89 -0.51
C GLN A 211 6.66 30.56 -0.79
N TRP A 212 7.46 30.05 0.16
CA TRP A 212 8.12 28.74 0.03
C TRP A 212 7.05 27.68 -0.20
N PHE A 213 6.02 27.69 0.66
CA PHE A 213 4.91 26.75 0.56
C PHE A 213 4.29 26.76 -0.82
N LEU A 214 3.84 27.93 -1.32
CA LEU A 214 3.19 28.06 -2.63
C LEU A 214 4.10 27.63 -3.80
N ASP A 215 5.42 27.86 -3.67
CA ASP A 215 6.43 27.53 -4.68
C ASP A 215 6.90 26.05 -4.68
N LEU A 216 6.21 25.14 -3.94
CA LEU A 216 6.56 23.71 -3.93
C LEU A 216 6.15 23.07 -5.26
N PRO A 217 7.07 22.32 -5.92
CA PRO A 217 6.75 21.68 -7.20
C PRO A 217 6.04 20.33 -7.04
N LEU A 218 4.78 20.38 -6.60
CA LEU A 218 4.01 19.16 -6.38
C LEU A 218 2.57 19.35 -6.85
N PRO A 219 1.82 18.27 -7.16
CA PRO A 219 0.41 18.45 -7.54
C PRO A 219 -0.37 18.99 -6.35
N TRP A 220 -1.31 19.90 -6.60
CA TRP A 220 -2.08 20.51 -5.52
C TRP A 220 -3.55 20.83 -5.82
N LEU A 221 -4.33 20.94 -4.74
CA LEU A 221 -5.76 21.26 -4.78
C LEU A 221 -5.92 22.55 -4.00
N PRO A 222 -6.66 23.55 -4.52
CA PRO A 222 -6.75 24.82 -3.80
C PRO A 222 -7.51 24.71 -2.49
N GLY A 223 -7.32 25.69 -1.62
CA GLY A 223 -7.99 25.73 -0.33
C GLY A 223 -9.50 25.62 -0.48
N ALA A 224 -10.04 26.24 -1.56
CA ALA A 224 -11.45 26.19 -1.94
C ALA A 224 -11.88 24.73 -2.20
N ASP A 225 -11.16 24.02 -3.09
CA ASP A 225 -11.41 22.61 -3.41
C ASP A 225 -10.70 21.69 -2.42
N THR A 226 -11.44 21.29 -1.38
CA THR A 226 -11.05 20.32 -0.35
C THR A 226 -11.94 19.12 -0.73
N GLN A 227 -11.37 17.94 -0.80
CA GLN A 227 -12.08 16.74 -1.24
C GLN A 227 -12.19 16.59 -2.78
N GLY A 228 -11.68 17.53 -3.57
CA GLY A 228 -11.60 17.36 -5.02
C GLY A 228 -10.64 16.27 -5.47
N SER A 229 -10.66 15.94 -6.77
CA SER A 229 -9.81 14.90 -7.38
C SER A 229 -9.06 15.45 -8.61
N ASN A 230 -9.30 16.73 -8.94
CA ASN A 230 -8.68 17.42 -10.08
C ASN A 230 -7.38 18.11 -9.65
N TRP A 231 -6.38 17.32 -9.29
CA TRP A 231 -5.06 17.78 -8.86
C TRP A 231 -4.38 18.62 -9.94
N ILE A 232 -4.01 19.85 -9.61
CA ILE A 232 -3.30 20.78 -10.49
C ILE A 232 -1.84 20.37 -10.48
N GLN A 233 -1.11 20.60 -11.59
CA GLN A 233 0.31 20.26 -11.76
C GLN A 233 0.63 18.75 -11.64
N LYS A 234 -0.31 17.84 -12.03
CA LYS A 234 -0.08 16.38 -11.96
C LYS A 234 1.29 15.99 -12.55
N GLU A 235 1.74 16.76 -13.56
CA GLU A 235 3.00 16.66 -14.30
C GLU A 235 4.22 16.56 -13.39
N THR A 236 4.16 17.18 -12.21
CA THR A 236 5.26 17.21 -11.25
C THR A 236 5.57 15.84 -10.66
N LEU A 237 4.61 14.90 -10.72
CA LEU A 237 4.78 13.54 -10.21
C LEU A 237 4.59 12.50 -11.32
N VAL A 238 4.35 12.94 -12.56
CA VAL A 238 4.11 12.05 -13.70
C VAL A 238 5.11 12.35 -14.81
N THR A 239 5.56 11.30 -15.51
CA THR A 239 6.52 11.38 -16.59
C THR A 239 6.10 10.49 -17.76
N PHE A 240 6.16 11.05 -18.98
CA PHE A 240 5.86 10.31 -20.21
C PHE A 240 7.17 10.04 -20.96
N LYS A 241 7.44 8.76 -21.26
CA LYS A 241 8.67 8.34 -21.94
C LYS A 241 8.43 7.67 -23.30
N ASN A 242 8.96 8.27 -24.37
CA ASN A 242 8.90 7.72 -25.72
C ASN A 242 10.22 8.03 -26.43
N PRO A 243 11.29 7.28 -26.11
CA PRO A 243 12.61 7.59 -26.69
C PRO A 243 12.91 7.05 -28.10
N HIS A 244 12.26 5.95 -28.51
CA HIS A 244 12.54 5.30 -29.79
C HIS A 244 11.38 5.29 -30.81
N ALA A 245 10.32 6.09 -30.54
CA ALA A 245 9.11 6.18 -31.37
C ALA A 245 8.44 4.80 -31.57
N LYS A 246 8.61 3.92 -30.59
CA LYS A 246 8.04 2.58 -30.61
C LYS A 246 6.85 2.49 -29.67
N LYS A 247 6.92 3.20 -28.51
CA LYS A 247 5.92 3.13 -27.45
C LYS A 247 6.03 4.31 -26.48
N GLN A 248 4.88 4.76 -25.94
CA GLN A 248 4.85 5.81 -24.93
C GLN A 248 4.55 5.16 -23.58
N ASP A 249 5.33 5.53 -22.55
CA ASP A 249 5.17 5.00 -21.19
C ASP A 249 4.83 6.10 -20.20
N VAL A 250 3.95 5.79 -19.24
CA VAL A 250 3.53 6.73 -18.19
C VAL A 250 4.08 6.23 -16.85
N VAL A 251 4.91 7.04 -16.19
CA VAL A 251 5.57 6.64 -14.95
C VAL A 251 5.36 7.66 -13.77
N VAL A 252 4.97 7.10 -12.60
CA VAL A 252 4.78 7.82 -11.33
C VAL A 252 6.17 8.18 -10.80
N LEU A 253 6.31 9.33 -10.14
CA LEU A 253 7.61 9.80 -9.69
C LEU A 253 8.01 9.43 -8.26
N GLY A 254 7.23 8.63 -7.55
CA GLY A 254 7.60 8.17 -6.22
C GLY A 254 7.44 9.16 -5.08
N SER A 255 7.10 8.61 -3.90
CA SER A 255 6.83 9.32 -2.65
C SER A 255 7.84 10.38 -2.30
N GLN A 256 7.32 11.56 -1.99
CA GLN A 256 8.06 12.75 -1.63
C GLN A 256 7.99 13.00 -0.13
N GLU A 257 7.51 12.00 0.65
CA GLU A 257 7.32 12.06 2.09
C GLU A 257 8.62 12.39 2.84
N GLY A 258 9.62 11.52 2.71
CA GLY A 258 10.92 11.71 3.34
C GLY A 258 11.68 12.90 2.78
N CYS A 259 11.45 13.19 1.48
CA CYS A 259 12.04 14.30 0.74
C CYS A 259 11.60 15.58 1.40
N MET A 260 10.28 15.66 1.69
CA MET A 260 9.65 16.79 2.35
C MET A 260 10.24 16.99 3.74
N HIS A 261 10.31 15.90 4.56
CA HIS A 261 10.91 15.95 5.90
C HIS A 261 12.31 16.58 5.87
N THR A 262 13.16 16.16 4.90
CA THR A 262 14.52 16.67 4.71
C THR A 262 14.49 18.16 4.35
N ALA A 263 13.54 18.56 3.48
CA ALA A 263 13.40 19.96 3.04
C ALA A 263 12.97 20.85 4.23
N LEU A 264 12.23 20.25 5.17
CA LEU A 264 11.68 20.88 6.36
C LEU A 264 12.61 20.81 7.58
N THR A 265 13.93 20.62 7.36
CA THR A 265 14.91 20.57 8.46
C THR A 265 15.07 21.96 9.11
N GLY A 266 15.36 22.97 8.29
CA GLY A 266 15.52 24.35 8.73
C GLY A 266 14.21 25.09 8.93
N ALA A 267 13.18 24.37 9.43
CA ALA A 267 11.84 24.88 9.71
C ALA A 267 11.46 24.58 11.16
N THR A 268 10.55 25.40 11.69
CA THR A 268 10.03 25.31 13.04
C THR A 268 9.11 24.09 13.14
N GLU A 269 9.60 23.00 13.75
CA GLU A 269 8.81 21.77 13.89
C GLU A 269 7.80 21.92 15.03
N ILE A 270 6.68 21.19 14.94
CA ILE A 270 5.62 21.15 15.96
C ILE A 270 5.33 19.69 16.31
N GLN A 271 5.28 19.38 17.61
CA GLN A 271 5.02 18.01 18.06
C GLN A 271 3.52 17.72 18.15
N LEU A 277 -1.72 19.52 19.30
CA LEU A 277 -0.71 20.53 18.97
C LEU A 277 0.07 21.03 20.19
N LEU A 278 1.30 20.54 20.33
CA LEU A 278 2.23 20.92 21.39
C LEU A 278 3.17 22.00 20.81
N PHE A 279 2.92 23.27 21.20
CA PHE A 279 3.65 24.44 20.71
C PHE A 279 4.77 24.96 21.62
N THR A 280 5.83 25.47 20.96
CA THR A 280 7.11 26.04 21.42
C THR A 280 6.98 27.17 22.45
N GLY A 281 5.98 28.00 22.22
CA GLY A 281 5.74 29.18 23.05
C GLY A 281 5.36 28.92 24.49
N HIS A 282 5.47 29.98 25.27
CA HIS A 282 5.10 29.98 26.67
C HIS A 282 4.10 31.10 26.93
N LEU A 283 3.34 30.96 28.01
CA LEU A 283 2.30 31.90 28.40
C LEU A 283 2.73 32.62 29.65
N LYS A 284 3.03 33.92 29.54
CA LYS A 284 3.43 34.71 30.69
C LYS A 284 2.18 35.28 31.34
N CYS A 285 1.78 34.74 32.49
CA CYS A 285 0.57 35.21 33.17
C CYS A 285 0.85 36.02 34.41
N ARG A 286 -0.16 36.77 34.86
CA ARG A 286 -0.15 37.54 36.08
C ARG A 286 -1.31 36.98 36.89
N LEU A 287 -1.09 36.79 38.18
CA LEU A 287 -2.09 36.20 39.05
C LEU A 287 -2.46 37.05 40.22
N ARG A 288 -3.76 37.37 40.32
CA ARG A 288 -4.32 38.14 41.41
C ARG A 288 -5.06 37.17 42.32
N MET A 289 -4.67 37.16 43.60
CA MET A 289 -5.14 36.23 44.61
C MET A 289 -5.92 36.88 45.74
N ASP A 290 -6.29 38.17 45.59
CA ASP A 290 -7.06 38.91 46.60
C ASP A 290 -8.45 38.32 46.85
N LYS A 291 -9.03 37.66 45.84
CA LYS A 291 -10.35 37.03 45.94
C LYS A 291 -10.24 35.55 46.39
N LEU A 292 -9.00 35.06 46.61
CA LEU A 292 -8.72 33.71 47.09
C LEU A 292 -8.69 33.68 48.61
N GLN A 293 -9.19 32.58 49.20
CA GLN A 293 -9.24 32.37 50.65
C GLN A 293 -8.86 30.95 51.01
N LEU A 294 -8.09 30.81 52.15
CA LEU A 294 -7.66 29.53 52.71
C LEU A 294 -8.87 28.80 53.25
N LYS A 295 -9.09 27.56 52.76
CA LYS A 295 -10.22 26.73 53.20
C LYS A 295 -9.94 26.22 54.60
N GLY A 296 -10.92 26.45 55.49
CA GLY A 296 -10.88 26.15 56.92
C GLY A 296 -10.82 27.50 57.59
N MET A 297 -9.59 28.02 57.72
CA MET A 297 -8.99 29.13 58.46
C MET A 297 -9.76 29.47 59.77
N SER A 298 -11.06 29.13 59.86
CA SER A 298 -11.98 29.28 60.97
C SER A 298 -12.08 27.99 61.80
N TYR A 299 -11.62 26.83 61.25
CA TYR A 299 -11.66 25.53 61.94
C TYR A 299 -10.70 25.53 63.14
N SER A 300 -11.01 24.71 64.15
CA SER A 300 -10.19 24.58 65.36
C SER A 300 -9.08 23.54 65.13
N MET A 301 -8.05 23.53 66.01
CA MET A 301 -6.91 22.60 65.93
C MET A 301 -7.29 21.17 66.28
N CYS A 302 -6.68 20.19 65.57
CA CYS A 302 -6.95 18.78 65.81
C CYS A 302 -6.40 18.38 67.16
N THR A 303 -7.18 17.59 67.91
CA THR A 303 -6.85 17.16 69.26
C THR A 303 -6.28 15.74 69.31
N GLY A 304 -6.85 14.84 68.51
CA GLY A 304 -6.46 13.43 68.45
C GLY A 304 -5.09 13.12 67.90
N LYS A 305 -4.83 11.83 67.68
CA LYS A 305 -3.56 11.32 67.16
C LYS A 305 -3.63 11.02 65.65
N PHE A 306 -2.46 11.04 64.98
CA PHE A 306 -2.33 10.79 63.55
C PHE A 306 -1.58 9.51 63.23
N LYS A 307 -1.92 8.88 62.10
CA LYS A 307 -1.28 7.65 61.65
C LYS A 307 -0.60 7.89 60.31
N ILE A 308 0.54 7.23 60.08
CA ILE A 308 1.33 7.36 58.84
C ILE A 308 0.93 6.29 57.84
N VAL A 309 0.04 6.68 56.92
CA VAL A 309 -0.58 5.85 55.87
C VAL A 309 0.44 5.32 54.85
N LYS A 310 1.37 6.18 54.40
CA LYS A 310 2.38 5.88 53.40
C LYS A 310 3.71 6.44 53.87
N GLU A 311 4.80 5.67 53.75
CA GLU A 311 6.17 6.08 54.09
C GLU A 311 6.51 7.41 53.41
N ILE A 312 7.08 8.36 54.18
CA ILE A 312 7.49 9.69 53.73
C ILE A 312 8.37 9.57 52.48
N ALA A 313 7.98 10.26 51.39
CA ALA A 313 8.70 10.19 50.12
C ALA A 313 9.22 11.55 49.69
N GLU A 314 10.43 11.58 49.09
CA GLU A 314 11.04 12.82 48.63
C GLU A 314 10.78 13.05 47.14
N THR A 315 10.43 14.29 46.77
CA THR A 315 10.22 14.68 45.38
C THR A 315 11.57 15.04 44.77
N GLN A 316 11.62 15.21 43.44
CA GLN A 316 12.85 15.58 42.72
C GLN A 316 13.41 16.96 43.12
N HIS A 317 12.64 17.78 43.84
CA HIS A 317 13.05 19.13 44.23
C HIS A 317 13.36 19.26 45.73
N GLY A 318 13.68 18.13 46.36
CA GLY A 318 14.05 18.06 47.77
C GLY A 318 12.90 18.09 48.76
N THR A 319 11.68 18.48 48.30
CA THR A 319 10.50 18.55 49.16
C THR A 319 10.04 17.14 49.52
N ILE A 320 9.26 17.02 50.59
CA ILE A 320 8.78 15.72 51.06
C ILE A 320 7.27 15.68 51.14
N VAL A 321 6.70 14.49 50.95
CA VAL A 321 5.25 14.24 50.98
C VAL A 321 4.92 13.20 52.04
N ILE A 322 3.99 13.57 52.92
CA ILE A 322 3.52 12.75 54.02
C ILE A 322 2.03 12.51 53.90
N ARG A 323 1.62 11.25 53.90
CA ARG A 323 0.21 10.97 53.86
C ARG A 323 -0.12 10.44 55.24
N VAL A 324 -1.07 11.10 55.88
CA VAL A 324 -1.52 10.80 57.24
C VAL A 324 -3.05 10.72 57.39
N GLN A 325 -3.54 9.89 58.34
CA GLN A 325 -4.96 9.69 58.65
C GLN A 325 -5.27 10.14 60.10
N TYR A 326 -6.42 10.79 60.32
CA TYR A 326 -6.87 11.27 61.65
C TYR A 326 -7.64 10.20 62.44
N GLU A 327 -7.55 10.25 63.78
CA GLU A 327 -8.21 9.31 64.70
C GLU A 327 -9.13 9.95 65.75
N GLY A 328 -8.85 11.19 66.14
CA GLY A 328 -9.62 11.94 67.14
C GLY A 328 -11.01 12.36 66.71
N ASP A 329 -11.81 12.87 67.67
CA ASP A 329 -13.18 13.31 67.41
C ASP A 329 -13.30 14.85 67.32
N GLY A 330 -12.53 15.45 66.42
CA GLY A 330 -12.52 16.89 66.17
C GLY A 330 -12.91 17.33 64.78
N SER A 331 -12.55 16.53 63.75
CA SER A 331 -12.80 16.75 62.31
C SER A 331 -14.19 17.31 61.95
N PRO A 332 -14.31 18.33 61.03
CA PRO A 332 -13.24 19.00 60.29
C PRO A 332 -12.36 19.90 61.17
N CYS A 333 -11.04 19.68 61.10
CA CYS A 333 -10.09 20.39 61.95
C CYS A 333 -8.71 20.62 61.29
N LYS A 334 -7.97 21.67 61.74
CA LYS A 334 -6.61 22.01 61.26
C LYS A 334 -5.57 21.02 61.83
N ILE A 335 -4.76 20.42 60.94
CA ILE A 335 -3.70 19.49 61.33
C ILE A 335 -2.52 20.27 61.91
N PRO A 336 -2.09 19.98 63.16
CA PRO A 336 -0.90 20.68 63.71
C PRO A 336 0.36 20.09 63.08
N PHE A 337 1.22 20.96 62.53
CA PHE A 337 2.41 20.51 61.81
C PHE A 337 3.65 21.38 62.11
N GLU A 338 4.83 20.74 62.22
CA GLU A 338 6.10 21.43 62.50
C GLU A 338 7.31 20.62 62.04
N ILE A 339 8.34 21.32 61.53
CA ILE A 339 9.61 20.71 61.09
C ILE A 339 10.73 21.38 61.89
N ARG A 350 9.88 24.81 55.85
CA ARG A 350 8.59 25.45 55.52
C ARG A 350 7.54 24.47 54.96
N LEU A 351 6.26 24.88 55.03
CA LEU A 351 5.13 24.10 54.53
C LEU A 351 4.75 24.53 53.13
N ILE A 352 4.48 23.54 52.23
CA ILE A 352 4.02 23.81 50.87
C ILE A 352 2.49 23.70 50.90
N THR A 353 1.94 22.59 51.43
CA THR A 353 0.50 22.39 51.59
C THR A 353 0.04 23.19 52.84
N VAL A 354 0.00 24.53 52.70
CA VAL A 354 -0.38 25.45 53.79
C VAL A 354 -1.82 25.19 54.29
N ASN A 355 -2.05 25.43 55.60
CA ASN A 355 -3.30 25.21 56.34
C ASN A 355 -3.84 23.78 56.13
N PRO A 356 -3.05 22.73 56.48
CA PRO A 356 -3.55 21.36 56.26
C PRO A 356 -4.75 21.06 57.15
N ILE A 357 -5.85 20.57 56.55
CA ILE A 357 -7.09 20.29 57.30
C ILE A 357 -7.61 18.86 57.08
N VAL A 358 -8.36 18.32 58.07
CA VAL A 358 -9.01 17.01 57.98
C VAL A 358 -10.47 17.31 57.63
N THR A 359 -11.04 16.52 56.72
CA THR A 359 -12.42 16.66 56.26
C THR A 359 -13.25 15.53 56.90
N GLU A 360 -12.73 14.30 56.83
CA GLU A 360 -13.29 13.07 57.37
C GLU A 360 -12.12 12.25 57.92
N LYS A 361 -12.31 11.53 59.04
CA LYS A 361 -11.29 10.67 59.67
C LYS A 361 -10.79 9.60 58.69
N ASP A 362 -11.73 9.03 57.90
CA ASP A 362 -11.54 7.99 56.90
C ASP A 362 -10.60 8.40 55.75
N SER A 363 -10.75 9.64 55.25
CA SER A 363 -9.95 10.19 54.16
C SER A 363 -8.58 10.73 54.61
N PRO A 364 -7.46 10.09 54.19
CA PRO A 364 -6.13 10.60 54.59
C PRO A 364 -5.75 11.89 53.87
N VAL A 365 -4.74 12.58 54.39
CA VAL A 365 -4.26 13.86 53.88
C VAL A 365 -2.81 13.79 53.44
N ASN A 366 -2.50 14.44 52.31
CA ASN A 366 -1.17 14.54 51.75
C ASN A 366 -0.59 15.92 52.03
N ILE A 367 0.49 15.96 52.80
CA ILE A 367 1.12 17.22 53.13
C ILE A 367 2.49 17.27 52.51
N GLU A 368 2.75 18.34 51.74
CA GLU A 368 4.02 18.59 51.10
C GLU A 368 4.71 19.72 51.86
N ALA A 369 5.95 19.47 52.28
CA ALA A 369 6.76 20.43 53.03
C ALA A 369 8.20 20.36 52.57
N GLU A 370 8.93 21.47 52.75
CA GLU A 370 10.35 21.56 52.41
C GLU A 370 11.18 21.32 53.68
N PRO A 371 11.80 20.13 53.85
CA PRO A 371 12.62 19.89 55.06
C PRO A 371 13.94 20.66 55.00
N PRO A 372 14.60 20.96 56.14
CA PRO A 372 15.90 21.66 56.08
C PRO A 372 17.04 20.70 55.71
N PHE A 373 18.18 21.26 55.25
CA PHE A 373 19.35 20.48 54.89
C PHE A 373 19.92 19.78 56.10
N GLY A 374 20.04 18.46 55.97
CA GLY A 374 20.54 17.59 57.01
C GLY A 374 19.43 16.96 57.82
N ASP A 375 19.72 16.66 59.10
CA ASP A 375 18.76 16.01 59.99
C ASP A 375 17.72 16.98 60.50
N SER A 376 16.47 16.52 60.45
CA SER A 376 15.27 17.25 60.82
C SER A 376 14.27 16.33 61.51
N TYR A 377 13.27 16.96 62.16
CA TYR A 377 12.21 16.25 62.87
C TYR A 377 10.84 16.73 62.39
N ILE A 378 10.07 15.82 61.80
CA ILE A 378 8.72 16.10 61.31
C ILE A 378 7.74 15.72 62.40
N ILE A 379 7.17 16.74 63.02
CA ILE A 379 6.23 16.57 64.10
C ILE A 379 4.81 16.93 63.63
N VAL A 380 3.94 15.92 63.67
CA VAL A 380 2.54 15.99 63.28
C VAL A 380 1.67 15.61 64.48
N GLY A 381 0.76 16.51 64.87
CA GLY A 381 -0.17 16.31 65.97
C GLY A 381 0.25 16.91 67.29
N VAL A 382 -0.65 16.81 68.30
CA VAL A 382 -0.47 17.31 69.67
C VAL A 382 -0.57 16.12 70.65
N GLU A 383 0.28 16.12 71.70
CA GLU A 383 0.35 15.09 72.75
C GLU A 383 -1.00 14.92 73.48
N PRO A 384 -1.45 13.69 73.84
CA PRO A 384 -0.78 12.38 73.66
C PRO A 384 -0.92 11.80 72.26
N GLY A 385 0.00 10.91 71.90
CA GLY A 385 0.04 10.25 70.60
C GLY A 385 0.66 11.10 69.50
N GLN A 386 1.63 11.97 69.88
CA GLN A 386 2.33 12.87 68.96
C GLN A 386 3.33 12.09 68.09
N LEU A 387 3.34 12.39 66.78
CA LEU A 387 4.26 11.75 65.83
C LEU A 387 5.51 12.60 65.69
N LYS A 388 6.68 11.99 65.94
CA LYS A 388 7.99 12.66 65.85
C LYS A 388 8.87 11.89 64.86
N LEU A 389 8.63 12.14 63.56
CA LEU A 389 9.31 11.49 62.44
C LEU A 389 10.66 12.15 62.13
N ASN A 390 11.59 11.38 61.55
CA ASN A 390 12.96 11.84 61.27
C ASN A 390 13.26 11.93 59.77
N TRP A 391 13.90 13.04 59.34
CA TRP A 391 14.33 13.22 57.95
C TRP A 391 15.82 13.56 57.83
N PHE A 392 16.41 13.27 56.66
CA PHE A 392 17.81 13.52 56.31
C PHE A 392 17.91 14.06 54.86
N LYS A 393 18.06 15.39 54.72
CA LYS A 393 18.17 16.01 53.39
C LYS A 393 19.63 16.33 53.06
N MET B 1 14.84 -6.79 -44.01
CA MET B 1 13.52 -6.27 -44.38
C MET B 1 12.88 -5.56 -43.19
N ARG B 2 13.48 -5.72 -41.99
CA ARG B 2 13.03 -5.15 -40.73
C ARG B 2 13.07 -3.62 -40.72
N CYS B 3 14.13 -3.04 -41.30
CA CYS B 3 14.36 -1.60 -41.37
C CYS B 3 13.27 -0.84 -42.09
N ILE B 4 12.61 -1.49 -43.06
CA ILE B 4 11.53 -0.87 -43.83
C ILE B 4 10.41 -0.50 -42.85
N GLY B 5 10.25 0.80 -42.60
CA GLY B 5 9.25 1.32 -41.68
C GLY B 5 9.82 2.03 -40.47
N ILE B 6 11.10 1.76 -40.16
CA ILE B 6 11.84 2.36 -39.05
C ILE B 6 12.39 3.69 -39.52
N SER B 7 12.07 4.77 -38.81
CA SER B 7 12.51 6.13 -39.13
C SER B 7 14.02 6.30 -38.93
N ASN B 8 14.58 5.83 -37.81
CA ASN B 8 16.01 5.94 -37.55
C ASN B 8 16.74 4.81 -38.28
N ARG B 9 16.86 4.97 -39.61
CA ARG B 9 17.48 3.98 -40.49
C ARG B 9 18.65 4.55 -41.29
N ASP B 10 19.74 3.77 -41.41
CA ASP B 10 20.95 4.15 -42.15
C ASP B 10 21.20 3.19 -43.32
N PHE B 11 21.67 3.75 -44.45
CA PHE B 11 21.99 2.98 -45.65
C PHE B 11 23.50 2.99 -45.83
N VAL B 12 24.13 1.92 -45.39
CA VAL B 12 25.58 1.80 -45.48
C VAL B 12 25.95 0.97 -46.70
N GLU B 13 26.76 1.54 -47.60
CA GLU B 13 27.22 0.79 -48.78
C GLU B 13 28.73 0.61 -48.76
N GLY B 14 29.14 -0.64 -48.99
CA GLY B 14 30.54 -1.02 -49.04
C GLY B 14 31.14 -0.82 -50.41
N VAL B 15 32.38 -0.29 -50.44
CA VAL B 15 33.15 0.00 -51.66
C VAL B 15 33.53 -1.31 -52.37
N SER B 16 33.11 -1.44 -53.64
CA SER B 16 33.33 -2.58 -54.53
C SER B 16 32.89 -3.93 -53.94
N TRP B 20 35.25 -5.57 -46.31
CA TRP B 20 34.74 -4.99 -45.07
C TRP B 20 33.81 -3.81 -45.31
N VAL B 21 32.89 -3.58 -44.37
CA VAL B 21 31.93 -2.46 -44.33
C VAL B 21 31.69 -2.11 -42.84
N ASP B 22 31.90 -0.83 -42.46
CA ASP B 22 31.71 -0.42 -41.07
C ASP B 22 30.30 0.13 -40.80
N ILE B 23 29.61 -0.41 -39.77
CA ILE B 23 28.25 -0.01 -39.37
C ILE B 23 28.16 0.36 -37.90
N VAL B 24 27.15 1.17 -37.52
CA VAL B 24 26.93 1.60 -36.13
C VAL B 24 25.53 1.20 -35.67
N LEU B 25 25.44 0.24 -34.76
CA LEU B 25 24.16 -0.21 -34.23
C LEU B 25 23.94 0.32 -32.83
N GLU B 26 22.69 0.69 -32.54
CA GLU B 26 22.23 1.16 -31.23
C GLU B 26 20.72 0.91 -31.12
N HIS B 27 20.13 1.11 -29.93
CA HIS B 27 18.70 0.91 -29.74
C HIS B 27 17.81 1.88 -30.49
N GLY B 28 16.75 1.35 -31.08
CA GLY B 28 15.79 2.12 -31.86
C GLY B 28 16.35 2.60 -33.19
N SER B 29 17.42 1.95 -33.66
CA SER B 29 18.11 2.24 -34.91
C SER B 29 18.29 0.96 -35.69
N CYS B 30 18.02 1.04 -36.99
CA CYS B 30 18.13 -0.06 -37.93
C CYS B 30 19.17 0.30 -38.98
N VAL B 31 19.89 -0.70 -39.55
CA VAL B 31 20.93 -0.44 -40.57
C VAL B 31 20.78 -1.37 -41.78
N THR B 32 20.78 -0.78 -42.99
CA THR B 32 20.69 -1.51 -44.26
C THR B 32 22.06 -1.49 -44.96
N THR B 33 22.64 -2.68 -45.21
CA THR B 33 23.94 -2.82 -45.86
C THR B 33 23.84 -3.41 -47.26
N MET B 34 24.60 -2.81 -48.18
CA MET B 34 24.66 -3.19 -49.59
C MET B 34 26.10 -3.25 -50.06
N ALA B 35 26.39 -4.17 -50.99
CA ALA B 35 27.69 -4.39 -51.61
C ALA B 35 27.49 -5.02 -52.97
N LYS B 36 28.41 -4.74 -53.91
CA LYS B 36 28.40 -5.25 -55.29
C LYS B 36 28.36 -6.79 -55.30
N ASN B 37 27.30 -7.34 -55.92
CA ASN B 37 27.03 -8.78 -56.07
C ASN B 37 26.92 -9.54 -54.74
N LYS B 38 26.42 -8.84 -53.70
CA LYS B 38 26.22 -9.38 -52.35
C LYS B 38 24.80 -9.07 -51.88
N PRO B 39 24.17 -9.95 -51.05
CA PRO B 39 22.80 -9.68 -50.59
C PRO B 39 22.67 -8.47 -49.68
N THR B 40 21.52 -7.81 -49.75
CA THR B 40 21.25 -6.66 -48.91
C THR B 40 20.78 -7.13 -47.55
N LEU B 41 21.42 -6.64 -46.48
CA LEU B 41 21.10 -7.08 -45.12
C LEU B 41 20.65 -5.97 -44.18
N ASP B 42 19.77 -6.34 -43.25
CA ASP B 42 19.21 -5.46 -42.23
C ASP B 42 19.65 -5.86 -40.82
N PHE B 43 20.27 -4.91 -40.10
CA PHE B 43 20.79 -5.10 -38.75
C PHE B 43 20.07 -4.24 -37.73
N GLU B 44 19.80 -4.81 -36.55
CA GLU B 44 19.14 -4.13 -35.43
C GLU B 44 19.67 -4.65 -34.10
N LEU B 45 19.94 -3.74 -33.15
CA LEU B 45 20.35 -4.08 -31.79
C LEU B 45 19.06 -4.23 -31.00
N ILE B 46 18.72 -5.49 -30.70
CA ILE B 46 17.49 -5.92 -30.06
C ILE B 46 17.54 -5.86 -28.51
N LYS B 47 18.69 -6.15 -27.88
CA LYS B 47 18.81 -6.19 -26.41
C LYS B 47 20.26 -6.01 -25.94
N THR B 48 20.43 -5.26 -24.86
CA THR B 48 21.69 -5.03 -24.15
C THR B 48 21.40 -5.58 -22.74
N GLU B 49 22.30 -6.40 -22.17
CA GLU B 49 22.10 -7.02 -20.86
C GLU B 49 23.39 -7.10 -20.02
N ALA B 50 23.32 -6.76 -18.71
CA ALA B 50 24.46 -6.83 -17.78
C ALA B 50 24.32 -8.20 -17.13
N LYS B 51 25.27 -9.12 -17.37
CA LYS B 51 25.01 -10.48 -16.93
C LYS B 51 25.52 -10.93 -15.55
N GLN B 52 26.79 -10.80 -15.18
CA GLN B 52 27.20 -11.24 -13.84
C GLN B 52 27.26 -10.02 -12.92
N PRO B 53 26.16 -9.61 -12.25
CA PRO B 53 26.23 -8.40 -11.44
C PRO B 53 26.47 -8.67 -9.97
N ALA B 54 27.54 -8.10 -9.42
CA ALA B 54 27.83 -8.30 -8.01
C ALA B 54 27.21 -7.16 -7.21
N THR B 55 26.18 -7.50 -6.41
CA THR B 55 25.47 -6.56 -5.55
C THR B 55 26.48 -5.97 -4.59
N LEU B 56 26.65 -4.65 -4.60
CA LEU B 56 27.58 -3.98 -3.72
C LEU B 56 26.93 -3.74 -2.36
N ARG B 57 25.74 -3.14 -2.38
CA ARG B 57 24.99 -2.76 -1.19
C ARG B 57 23.54 -2.58 -1.62
N LYS B 58 22.61 -2.87 -0.71
CA LYS B 58 21.17 -2.75 -0.92
C LYS B 58 20.65 -1.77 0.14
N TYR B 59 19.94 -0.70 -0.30
CA TYR B 59 19.44 0.32 0.62
C TYR B 59 17.95 0.31 0.80
N CYS B 60 17.48 0.65 2.02
CA CYS B 60 16.07 0.78 2.30
C CYS B 60 15.62 2.21 2.04
N ILE B 61 14.61 2.38 1.19
CA ILE B 61 14.10 3.70 0.82
C ILE B 61 12.72 3.96 1.44
N GLU B 62 11.99 2.90 1.83
CA GLU B 62 10.68 3.00 2.49
C GLU B 62 10.59 1.90 3.54
N ALA B 63 10.36 2.29 4.81
CA ALA B 63 10.28 1.35 5.92
C ALA B 63 8.98 1.45 6.71
N LYS B 64 8.73 0.44 7.56
CA LYS B 64 7.58 0.40 8.43
C LYS B 64 7.96 -0.13 9.81
N LEU B 65 7.45 0.53 10.85
CA LEU B 65 7.70 0.11 12.22
C LEU B 65 6.48 -0.57 12.75
N THR B 66 6.68 -1.80 13.25
CA THR B 66 5.65 -2.67 13.80
C THR B 66 6.10 -3.22 15.16
N ASN B 67 5.24 -4.02 15.83
CA ASN B 67 5.53 -4.67 17.12
C ASN B 67 6.12 -3.75 18.21
N THR B 68 5.66 -2.48 18.30
CA THR B 68 6.16 -1.53 19.28
C THR B 68 5.92 -2.03 20.70
N THR B 69 6.98 -2.12 21.48
CA THR B 69 6.98 -2.60 22.86
C THR B 69 7.80 -1.66 23.75
N THR B 70 7.31 -1.41 24.98
CA THR B 70 7.98 -0.54 25.94
C THR B 70 8.05 -1.19 27.33
N GLU B 71 9.15 -0.94 28.05
CA GLU B 71 9.32 -1.37 29.42
C GLU B 71 9.96 -0.25 30.21
N SER B 72 9.39 0.05 31.37
CA SER B 72 9.93 1.06 32.28
C SER B 72 10.23 0.45 33.64
N ARG B 73 10.98 1.20 34.47
CA ARG B 73 11.36 0.82 35.83
C ARG B 73 11.08 2.01 36.73
N CYS B 74 10.83 1.74 38.01
CA CYS B 74 10.62 2.80 38.99
C CYS B 74 11.98 3.42 39.34
N PRO B 75 12.04 4.67 39.88
CA PRO B 75 13.36 5.26 40.20
C PRO B 75 14.16 4.37 41.15
N THR B 76 15.50 4.29 40.93
CA THR B 76 16.47 3.48 41.69
C THR B 76 16.28 1.96 41.53
N GLN B 77 15.32 1.52 40.69
CA GLN B 77 15.03 0.09 40.46
C GLN B 77 15.80 -0.47 39.26
N GLY B 78 16.77 0.30 38.79
CA GLY B 78 17.63 -0.09 37.67
C GLY B 78 17.12 0.29 36.30
N GLU B 79 17.80 -0.27 35.29
CA GLU B 79 17.55 -0.07 33.86
C GLU B 79 16.60 -1.15 33.32
N PRO B 80 15.57 -0.79 32.54
CA PRO B 80 14.69 -1.83 31.98
C PRO B 80 15.32 -2.54 30.80
N SER B 81 14.79 -3.72 30.46
CA SER B 81 15.31 -4.50 29.36
C SER B 81 14.23 -5.32 28.66
N LEU B 82 14.36 -5.45 27.35
CA LEU B 82 13.47 -6.24 26.50
C LEU B 82 14.35 -7.22 25.74
N ASN B 83 13.80 -8.39 25.38
CA ASN B 83 14.53 -9.41 24.62
C ASN B 83 14.85 -8.89 23.23
N GLU B 84 13.95 -8.06 22.70
CA GLU B 84 13.97 -7.36 21.43
C GLU B 84 15.29 -6.61 21.20
N GLU B 85 15.95 -6.17 22.29
CA GLU B 85 17.23 -5.46 22.23
C GLU B 85 18.33 -6.35 21.68
N GLN B 86 18.08 -7.67 21.62
CA GLN B 86 19.00 -8.66 21.11
C GLN B 86 18.56 -9.17 19.72
N ASP B 87 17.32 -8.80 19.30
CA ASP B 87 16.80 -9.12 17.98
C ASP B 87 17.31 -8.04 17.04
N LYS B 88 18.04 -8.44 16.00
CA LYS B 88 18.67 -7.54 15.02
C LYS B 88 17.69 -6.90 14.02
N ARG B 89 16.40 -7.25 14.07
CA ARG B 89 15.37 -6.70 13.20
C ARG B 89 14.61 -5.58 13.92
N PHE B 90 15.00 -5.35 15.18
CA PHE B 90 14.40 -4.37 16.06
C PHE B 90 15.30 -3.17 16.30
N ILE B 91 14.67 -1.99 16.41
CA ILE B 91 15.36 -0.74 16.69
C ILE B 91 14.93 -0.32 18.11
N CYS B 92 15.92 -0.12 18.99
CA CYS B 92 15.66 0.20 20.40
C CYS B 92 16.37 1.46 20.87
N LYS B 93 15.81 2.07 21.93
CA LYS B 93 16.33 3.28 22.56
C LYS B 93 15.93 3.36 24.03
N HIS B 94 16.90 3.73 24.86
CA HIS B 94 16.75 3.95 26.28
C HIS B 94 16.59 5.43 26.56
N SER B 95 15.68 5.77 27.48
CA SER B 95 15.46 7.16 27.89
C SER B 95 15.05 7.18 29.37
N MET B 96 14.67 8.36 29.87
CA MET B 96 14.25 8.57 31.26
C MET B 96 12.90 9.23 31.26
N VAL B 97 12.01 8.78 32.14
CA VAL B 97 10.69 9.38 32.32
C VAL B 97 10.48 9.79 33.77
N ASP B 98 9.56 10.74 34.00
CA ASP B 98 9.21 11.16 35.34
C ASP B 98 8.31 10.10 35.94
N ARG B 99 8.75 9.54 37.06
CA ARG B 99 8.03 8.54 37.83
C ARG B 99 7.67 9.10 39.20
N GLY B 100 6.65 8.51 39.83
CA GLY B 100 6.13 8.89 41.13
C GLY B 100 4.84 8.17 41.49
N TRP B 101 4.22 8.58 42.62
CA TRP B 101 2.98 8.02 43.16
C TRP B 101 1.81 7.94 42.19
N GLY B 102 1.60 9.00 41.42
CA GLY B 102 0.51 9.11 40.44
C GLY B 102 0.66 8.30 39.17
N ASN B 103 1.81 7.60 39.01
CA ASN B 103 2.07 6.77 37.84
C ASN B 103 2.71 5.40 38.24
N GLY B 104 2.41 4.96 39.46
CA GLY B 104 2.77 3.65 39.97
C GLY B 104 4.08 3.41 40.69
N CYS B 105 4.76 4.47 41.18
CA CYS B 105 6.02 4.30 41.93
C CYS B 105 5.94 4.81 43.34
N GLY B 106 6.55 4.08 44.27
CA GLY B 106 6.65 4.47 45.66
C GLY B 106 7.53 5.70 45.86
N LEU B 107 8.55 5.87 45.00
CA LEU B 107 9.49 7.00 45.03
C LEU B 107 9.23 7.93 43.84
N PHE B 108 9.67 9.20 43.97
CA PHE B 108 9.57 10.21 42.92
C PHE B 108 10.95 10.44 42.32
N GLY B 109 11.06 10.29 41.00
CA GLY B 109 12.31 10.48 40.28
C GLY B 109 12.27 10.13 38.82
N LYS B 110 13.45 10.01 38.20
CA LYS B 110 13.58 9.66 36.79
C LYS B 110 13.70 8.15 36.65
N GLY B 111 12.63 7.53 36.19
CA GLY B 111 12.59 6.10 35.94
C GLY B 111 13.00 5.80 34.52
N GLY B 112 13.88 4.84 34.35
CA GLY B 112 14.37 4.42 33.04
C GLY B 112 13.29 3.82 32.16
N ILE B 113 13.33 4.13 30.87
CA ILE B 113 12.39 3.61 29.87
C ILE B 113 13.17 3.01 28.70
N VAL B 114 12.53 2.09 27.95
CA VAL B 114 13.10 1.45 26.77
C VAL B 114 11.99 1.15 25.76
N THR B 115 12.16 1.60 24.51
CA THR B 115 11.20 1.41 23.44
C THR B 115 11.86 0.68 22.28
N CYS B 116 11.23 -0.41 21.82
CA CYS B 116 11.67 -1.28 20.72
C CYS B 116 10.58 -1.40 19.69
N ALA B 117 10.96 -1.38 18.40
CA ALA B 117 10.03 -1.55 17.29
C ALA B 117 10.69 -2.31 16.15
N LYS B 118 9.90 -3.08 15.40
CA LYS B 118 10.38 -3.91 14.31
C LYS B 118 10.50 -3.15 13.02
N PHE B 119 11.75 -2.98 12.56
CA PHE B 119 12.08 -2.31 11.32
C PHE B 119 11.89 -3.26 10.15
N THR B 120 10.88 -2.97 9.31
CA THR B 120 10.53 -3.79 8.15
C THR B 120 10.69 -2.94 6.90
N CYS B 121 11.50 -3.41 5.94
CA CYS B 121 11.67 -2.67 4.70
C CYS B 121 10.57 -2.97 3.71
N LYS B 122 9.98 -1.92 3.16
CA LYS B 122 8.90 -2.00 2.20
C LYS B 122 9.38 -1.85 0.77
N LYS B 123 10.47 -1.10 0.55
CA LYS B 123 11.01 -0.83 -0.78
C LYS B 123 12.52 -0.67 -0.74
N ASN B 124 13.23 -1.25 -1.71
CA ASN B 124 14.68 -1.08 -1.72
C ASN B 124 15.26 -0.83 -3.10
N MET B 125 16.50 -0.38 -3.11
CA MET B 125 17.24 -0.16 -4.34
C MET B 125 18.59 -0.81 -4.16
N GLU B 126 19.02 -1.61 -5.13
CA GLU B 126 20.31 -2.26 -5.03
C GLU B 126 21.27 -1.71 -6.07
N GLY B 127 22.50 -1.53 -5.60
CA GLY B 127 23.63 -1.07 -6.37
C GLY B 127 24.45 -2.24 -6.80
N LYS B 128 24.73 -2.35 -8.10
CA LYS B 128 25.46 -3.47 -8.65
C LYS B 128 26.74 -3.08 -9.35
N ILE B 129 27.77 -3.89 -9.13
CA ILE B 129 29.03 -3.71 -9.82
C ILE B 129 28.97 -4.60 -11.04
N VAL B 130 29.15 -3.98 -12.19
CA VAL B 130 29.08 -4.68 -13.46
C VAL B 130 30.40 -4.52 -14.21
N GLN B 131 30.94 -5.63 -14.68
CA GLN B 131 32.18 -5.69 -15.43
C GLN B 131 31.84 -5.34 -16.88
N PRO B 132 32.55 -4.37 -17.49
CA PRO B 132 32.23 -3.98 -18.88
C PRO B 132 32.14 -5.15 -19.86
N GLU B 133 33.07 -6.10 -19.74
CA GLU B 133 33.20 -7.33 -20.52
C GLU B 133 32.02 -8.30 -20.33
N ASN B 134 31.19 -8.08 -19.30
CA ASN B 134 30.03 -8.94 -18.98
C ASN B 134 28.72 -8.42 -19.57
N LEU B 135 28.83 -7.38 -20.39
CA LEU B 135 27.74 -6.71 -21.08
C LEU B 135 27.40 -7.42 -22.37
N GLU B 136 26.35 -8.23 -22.39
CA GLU B 136 25.95 -8.96 -23.59
C GLU B 136 25.03 -8.16 -24.51
N TYR B 137 25.31 -8.19 -25.82
CA TYR B 137 24.51 -7.51 -26.84
C TYR B 137 23.83 -8.54 -27.75
N THR B 138 22.60 -8.25 -28.19
CA THR B 138 21.83 -9.12 -29.07
C THR B 138 21.50 -8.39 -30.37
N ILE B 139 22.13 -8.81 -31.46
CA ILE B 139 21.95 -8.26 -32.81
C ILE B 139 21.10 -9.22 -33.64
N VAL B 140 20.17 -8.67 -34.46
CA VAL B 140 19.32 -9.46 -35.36
C VAL B 140 19.64 -9.12 -36.82
N ILE B 141 20.08 -10.12 -37.60
CA ILE B 141 20.40 -9.93 -39.02
C ILE B 141 19.29 -10.50 -39.88
N THR B 142 18.62 -9.63 -40.63
CA THR B 142 17.54 -10.01 -41.52
C THR B 142 17.87 -9.72 -42.99
N PRO B 143 17.98 -10.77 -43.84
CA PRO B 143 18.27 -10.51 -45.26
C PRO B 143 17.07 -9.96 -46.03
N HIS B 144 17.35 -9.22 -47.11
CA HIS B 144 16.33 -8.66 -47.99
C HIS B 144 15.89 -9.76 -48.96
N SER B 145 15.05 -10.66 -48.43
CA SER B 145 14.53 -11.84 -49.12
C SER B 145 13.23 -11.61 -49.87
N GLY B 146 12.71 -10.38 -49.84
CA GLY B 146 11.47 -10.00 -50.49
C GLY B 146 10.31 -10.92 -50.17
N GLU B 147 10.34 -11.55 -48.98
CA GLU B 147 9.31 -12.46 -48.54
C GLU B 147 8.03 -11.69 -48.15
N GLU B 148 6.85 -12.27 -48.48
CA GLU B 148 5.52 -11.68 -48.26
C GLU B 148 5.25 -11.22 -46.82
N HIS B 149 5.81 -11.94 -45.82
CA HIS B 149 5.65 -11.66 -44.40
C HIS B 149 6.83 -10.93 -43.76
N ALA B 150 8.03 -11.03 -44.36
CA ALA B 150 9.27 -10.41 -43.85
C ALA B 150 9.25 -8.88 -43.76
N VAL B 151 8.43 -8.21 -44.59
CA VAL B 151 8.33 -6.74 -44.61
C VAL B 151 7.71 -6.20 -43.30
N GLY B 152 8.49 -5.38 -42.60
CA GLY B 152 8.11 -4.75 -41.34
C GLY B 152 7.94 -5.66 -40.15
N ASN B 153 8.34 -6.95 -40.28
CA ASN B 153 8.22 -7.94 -39.21
C ASN B 153 9.24 -7.68 -38.09
N ASP B 154 8.77 -7.59 -36.84
CA ASP B 154 9.58 -7.32 -35.64
C ASP B 154 9.68 -8.54 -34.70
N THR B 155 9.22 -9.72 -35.17
CA THR B 155 9.23 -10.96 -34.38
C THR B 155 10.62 -11.57 -34.28
N GLY B 156 11.13 -12.06 -35.41
CA GLY B 156 12.42 -12.72 -35.50
C GLY B 156 12.32 -14.10 -36.14
N LYS B 157 11.15 -14.44 -36.72
CA LYS B 157 10.93 -15.72 -37.40
C LYS B 157 11.59 -15.75 -38.80
N HIS B 158 12.25 -14.63 -39.20
CA HIS B 158 12.94 -14.45 -40.48
C HIS B 158 14.42 -14.02 -40.30
N GLY B 159 14.82 -13.66 -39.07
CA GLY B 159 16.17 -13.17 -38.79
C GLY B 159 17.01 -14.01 -37.85
N LYS B 160 18.31 -14.12 -38.15
CA LYS B 160 19.27 -14.86 -37.34
C LYS B 160 19.77 -13.99 -36.18
N GLU B 161 19.45 -14.42 -34.94
CA GLU B 161 19.86 -13.76 -33.70
C GLU B 161 21.35 -14.05 -33.45
N ILE B 162 22.13 -13.06 -33.00
CA ILE B 162 23.56 -13.24 -32.70
C ILE B 162 23.96 -12.46 -31.42
N LYS B 163 24.80 -13.07 -30.56
CA LYS B 163 25.22 -12.46 -29.29
C LYS B 163 26.71 -12.12 -29.27
N ILE B 164 27.02 -10.91 -28.80
CA ILE B 164 28.41 -10.44 -28.68
C ILE B 164 28.65 -9.83 -27.28
N THR B 165 29.92 -9.74 -26.87
CA THR B 165 30.31 -9.11 -25.60
C THR B 165 31.61 -8.35 -25.88
N PRO B 166 31.93 -7.23 -25.17
CA PRO B 166 33.22 -6.55 -25.43
C PRO B 166 34.45 -7.46 -25.58
N GLN B 167 34.42 -8.67 -24.96
CA GLN B 167 35.43 -9.72 -25.08
C GLN B 167 35.20 -10.49 -26.37
N SER B 168 34.04 -11.19 -26.46
CA SER B 168 33.66 -11.97 -27.65
C SER B 168 33.04 -11.06 -28.73
N SER B 169 33.78 -10.00 -29.05
CA SER B 169 33.47 -8.94 -30.00
C SER B 169 33.25 -9.41 -31.44
N THR B 170 33.98 -10.48 -31.86
CA THR B 170 33.93 -11.02 -33.23
C THR B 170 33.20 -12.39 -33.32
N THR B 171 32.17 -12.48 -34.19
CA THR B 171 31.35 -13.69 -34.44
C THR B 171 31.03 -13.85 -35.92
N GLU B 172 31.09 -15.09 -36.41
CA GLU B 172 30.74 -15.50 -37.76
C GLU B 172 29.29 -15.98 -37.62
N ALA B 173 28.35 -15.47 -38.44
CA ALA B 173 26.95 -15.88 -38.37
C ALA B 173 26.46 -16.41 -39.71
N GLU B 174 25.87 -17.62 -39.72
CA GLU B 174 25.35 -18.29 -40.91
C GLU B 174 23.90 -17.91 -41.20
N LEU B 175 23.62 -17.54 -42.46
CA LEU B 175 22.30 -17.17 -42.98
C LEU B 175 21.86 -18.21 -44.02
N THR B 176 20.78 -18.94 -43.71
CA THR B 176 20.24 -20.05 -44.51
C THR B 176 19.86 -19.61 -45.95
N GLY B 177 20.77 -19.91 -46.88
CA GLY B 177 20.63 -19.63 -48.30
C GLY B 177 21.50 -18.51 -48.82
N TYR B 178 22.26 -17.84 -47.92
CA TYR B 178 23.11 -16.72 -48.30
C TYR B 178 24.57 -16.91 -47.88
N GLY B 179 24.83 -17.95 -47.11
CA GLY B 179 26.18 -18.23 -46.62
C GLY B 179 26.43 -17.64 -45.25
N THR B 180 27.70 -17.33 -44.95
CA THR B 180 28.07 -16.78 -43.64
C THR B 180 28.51 -15.32 -43.72
N VAL B 181 28.36 -14.59 -42.60
CA VAL B 181 28.75 -13.19 -42.46
C VAL B 181 29.61 -13.01 -41.21
N THR B 182 30.80 -12.46 -41.38
CA THR B 182 31.72 -12.22 -40.28
C THR B 182 31.44 -10.85 -39.64
N MET B 183 31.20 -10.85 -38.33
CA MET B 183 30.92 -9.66 -37.51
C MET B 183 32.05 -9.34 -36.54
N GLU B 184 32.71 -8.18 -36.67
CA GLU B 184 33.83 -7.78 -35.81
C GLU B 184 33.43 -6.47 -35.09
N CYS B 185 32.79 -6.61 -33.92
CA CYS B 185 32.21 -5.50 -33.15
C CYS B 185 33.11 -4.94 -32.06
N SER B 186 33.14 -3.59 -31.96
CA SER B 186 33.90 -2.85 -30.96
C SER B 186 32.95 -2.14 -29.98
N PRO B 187 33.22 -2.29 -28.68
CA PRO B 187 32.34 -1.65 -27.67
C PRO B 187 32.50 -0.14 -27.53
N ARG B 188 31.39 0.60 -27.51
CA ARG B 188 31.43 2.05 -27.33
C ARG B 188 30.33 2.53 -26.38
N THR B 189 30.46 2.21 -25.10
CA THR B 189 29.48 2.62 -24.08
C THR B 189 29.65 4.12 -23.73
N GLY B 190 28.64 4.70 -23.09
CA GLY B 190 28.61 6.11 -22.69
C GLY B 190 29.48 6.43 -21.49
N LEU B 191 29.33 5.66 -20.41
CA LEU B 191 30.11 5.83 -19.18
C LEU B 191 30.86 4.54 -18.84
N ASP B 192 32.07 4.70 -18.29
CA ASP B 192 32.94 3.61 -17.89
C ASP B 192 32.30 2.95 -16.68
N PHE B 193 32.12 1.62 -16.73
CA PHE B 193 31.51 0.84 -15.66
C PHE B 193 32.41 0.70 -14.43
N ASN B 194 33.72 1.00 -14.59
CA ASN B 194 34.70 0.96 -13.51
C ASN B 194 34.57 2.24 -12.67
N GLU B 195 34.29 2.06 -11.37
CA GLU B 195 34.02 3.09 -10.34
C GLU B 195 32.58 3.60 -10.43
N MET B 196 31.80 2.98 -11.34
CA MET B 196 30.39 3.25 -11.54
C MET B 196 29.61 2.09 -10.94
N VAL B 197 28.43 2.38 -10.41
CA VAL B 197 27.51 1.44 -9.77
C VAL B 197 26.20 1.54 -10.54
N LEU B 198 25.62 0.39 -10.94
CA LEU B 198 24.35 0.35 -11.64
C LEU B 198 23.23 0.34 -10.59
N LEU B 199 22.75 1.54 -10.23
CA LEU B 199 21.72 1.72 -9.23
C LEU B 199 20.34 1.39 -9.78
N GLN B 200 19.78 0.26 -9.33
CA GLN B 200 18.46 -0.18 -9.76
C GLN B 200 17.39 0.02 -8.70
N MET B 201 16.40 0.83 -9.07
CA MET B 201 15.22 1.16 -8.27
C MET B 201 13.97 0.69 -9.01
N GLU B 202 13.42 -0.48 -8.63
CA GLU B 202 12.23 -1.07 -9.26
C GLU B 202 12.41 -1.22 -10.77
N ASP B 203 11.69 -0.38 -11.54
CA ASP B 203 11.75 -0.35 -13.00
C ASP B 203 12.69 0.71 -13.58
N LYS B 204 13.17 1.62 -12.74
CA LYS B 204 14.08 2.70 -13.14
C LYS B 204 15.51 2.25 -12.78
N ALA B 205 16.53 2.79 -13.46
CA ALA B 205 17.93 2.42 -13.25
C ALA B 205 18.86 3.55 -13.70
N TRP B 206 20.04 3.66 -13.06
CA TRP B 206 21.02 4.72 -13.34
C TRP B 206 22.43 4.20 -13.14
N LEU B 207 23.42 4.94 -13.67
CA LEU B 207 24.83 4.58 -13.47
C LEU B 207 25.46 5.71 -12.69
N VAL B 208 25.90 5.40 -11.46
CA VAL B 208 26.38 6.42 -10.51
C VAL B 208 27.75 6.11 -9.88
N HIS B 209 28.43 7.17 -9.40
CA HIS B 209 29.72 7.11 -8.71
C HIS B 209 29.67 6.28 -7.44
N ARG B 210 30.66 5.40 -7.28
CA ARG B 210 30.80 4.48 -6.16
C ARG B 210 30.79 5.18 -4.81
N GLN B 211 31.67 6.17 -4.60
CA GLN B 211 31.73 6.90 -3.34
C GLN B 211 30.42 7.56 -2.97
N TRP B 212 29.74 8.20 -3.94
CA TRP B 212 28.43 8.83 -3.72
C TRP B 212 27.47 7.76 -3.20
N PHE B 213 27.41 6.62 -3.91
CA PHE B 213 26.55 5.52 -3.55
C PHE B 213 26.78 5.08 -2.11
N LEU B 214 28.03 4.74 -1.73
CA LEU B 214 28.36 4.29 -0.37
C LEU B 214 28.05 5.33 0.72
N ASP B 215 28.18 6.63 0.39
CA ASP B 215 27.93 7.76 1.29
C ASP B 215 26.44 8.15 1.44
N LEU B 216 25.49 7.33 0.94
CA LEU B 216 24.05 7.62 1.08
C LEU B 216 23.60 7.37 2.54
N PRO B 217 22.90 8.34 3.16
CA PRO B 217 22.46 8.16 4.55
C PRO B 217 21.15 7.39 4.67
N LEU B 218 21.19 6.09 4.39
CA LEU B 218 20.00 5.24 4.44
C LEU B 218 20.32 3.89 5.06
N PRO B 219 19.33 3.13 5.60
CA PRO B 219 19.64 1.80 6.14
C PRO B 219 20.07 0.89 4.99
N TRP B 220 21.07 0.03 5.22
CA TRP B 220 21.58 -0.82 4.17
C TRP B 220 21.86 -2.26 4.63
N LEU B 221 22.01 -3.16 3.64
CA LEU B 221 22.42 -4.54 3.82
C LEU B 221 23.61 -4.74 2.90
N PRO B 222 24.70 -5.37 3.37
CA PRO B 222 25.88 -5.50 2.50
C PRO B 222 25.63 -6.44 1.33
N GLY B 223 26.47 -6.33 0.31
CA GLY B 223 26.41 -7.18 -0.87
C GLY B 223 26.39 -8.64 -0.52
N ALA B 224 27.17 -9.00 0.52
CA ALA B 224 27.26 -10.34 1.11
C ALA B 224 25.88 -10.80 1.61
N ASP B 225 25.24 -9.99 2.48
CA ASP B 225 23.91 -10.25 3.01
C ASP B 225 22.82 -9.74 2.08
N THR B 226 22.34 -10.63 1.21
CA THR B 226 21.23 -10.42 0.30
C THR B 226 20.12 -11.28 0.91
N GLY B 228 18.92 -10.74 3.90
CA GLY B 228 18.93 -10.46 5.33
C GLY B 228 17.85 -9.50 5.79
N SER B 229 17.68 -9.37 7.12
CA SER B 229 16.69 -8.49 7.74
C SER B 229 17.34 -7.56 8.77
N ASN B 230 18.66 -7.70 8.98
CA ASN B 230 19.44 -6.90 9.92
C ASN B 230 20.02 -5.65 9.24
N TRP B 231 19.11 -4.73 8.87
CA TRP B 231 19.45 -3.48 8.21
C TRP B 231 20.38 -2.62 9.09
N ILE B 232 21.54 -2.25 8.54
CA ILE B 232 22.53 -1.40 9.20
C ILE B 232 22.04 0.03 9.05
N GLN B 233 22.37 0.92 10.02
CA GLN B 233 21.98 2.34 10.05
C GLN B 233 20.45 2.57 10.10
N LYS B 234 19.65 1.65 10.72
CA LYS B 234 18.18 1.82 10.82
C LYS B 234 17.81 3.23 11.29
N GLU B 235 18.68 3.84 12.12
CA GLU B 235 18.59 5.18 12.71
C GLU B 235 18.32 6.27 11.68
N THR B 236 18.79 6.08 10.44
CA THR B 236 18.64 7.05 9.35
C THR B 236 17.17 7.22 8.91
N LEU B 237 16.32 6.24 9.22
CA LEU B 237 14.89 6.28 8.87
C LEU B 237 14.00 6.19 10.13
N VAL B 238 14.62 6.13 11.32
CA VAL B 238 13.90 6.02 12.59
C VAL B 238 14.28 7.16 13.52
N THR B 239 13.30 7.66 14.29
CA THR B 239 13.48 8.75 15.23
C THR B 239 12.75 8.46 16.55
N PHE B 240 13.46 8.70 17.67
CA PHE B 240 12.88 8.54 19.01
C PHE B 240 12.66 9.91 19.64
N LYS B 241 11.41 10.20 20.05
CA LYS B 241 11.03 11.49 20.62
C LYS B 241 10.53 11.40 22.07
N ASN B 242 11.23 12.09 22.99
CA ASN B 242 10.85 12.18 24.40
C ASN B 242 11.20 13.60 24.89
N PRO B 243 10.36 14.61 24.53
CA PRO B 243 10.70 15.99 24.91
C PRO B 243 10.31 16.45 26.31
N HIS B 244 9.29 15.83 26.94
CA HIS B 244 8.80 16.27 28.25
C HIS B 244 8.96 15.24 29.38
N ALA B 245 9.75 14.18 29.17
CA ALA B 245 9.99 13.08 30.13
C ALA B 245 8.66 12.42 30.57
N LYS B 246 7.67 12.44 29.68
CA LYS B 246 6.35 11.85 29.94
C LYS B 246 6.20 10.54 29.16
N LYS B 247 6.77 10.49 27.93
CA LYS B 247 6.61 9.36 27.01
C LYS B 247 7.67 9.37 25.90
N GLN B 248 8.10 8.17 25.46
CA GLN B 248 9.03 8.02 24.35
C GLN B 248 8.24 7.53 23.13
N ASP B 249 8.45 8.18 21.97
CA ASP B 249 7.76 7.83 20.72
C ASP B 249 8.75 7.39 19.65
N VAL B 250 8.38 6.37 18.86
CA VAL B 250 9.21 5.84 17.76
C VAL B 250 8.52 6.20 16.44
N VAL B 251 9.21 6.97 15.59
CA VAL B 251 8.62 7.46 14.34
C VAL B 251 9.48 7.13 13.07
N VAL B 252 8.81 6.56 12.04
CA VAL B 252 9.38 6.24 10.73
C VAL B 252 9.60 7.55 9.98
N LEU B 253 10.65 7.65 9.17
CA LEU B 253 10.99 8.90 8.50
C LEU B 253 10.42 9.09 7.08
N GLY B 254 9.57 8.19 6.60
CA GLY B 254 8.93 8.34 5.30
C GLY B 254 9.76 8.07 4.06
N SER B 255 9.08 7.56 3.02
CA SER B 255 9.64 7.15 1.73
C SER B 255 10.60 8.16 1.10
N GLN B 256 11.75 7.65 0.71
CA GLN B 256 12.85 8.38 0.09
C GLN B 256 12.90 8.11 -1.42
N GLU B 257 11.84 7.49 -1.97
CA GLU B 257 11.71 7.13 -3.38
C GLU B 257 11.87 8.31 -4.32
N GLY B 258 10.98 9.29 -4.20
CA GLY B 258 11.01 10.50 -5.02
C GLY B 258 12.21 11.37 -4.74
N CYS B 259 12.70 11.33 -3.48
CA CYS B 259 13.86 12.06 -2.97
C CYS B 259 15.06 11.58 -3.74
N MET B 260 15.18 10.25 -3.86
CA MET B 260 16.24 9.57 -4.59
C MET B 260 16.21 9.98 -6.05
N HIS B 261 15.03 9.91 -6.71
CA HIS B 261 14.87 10.31 -8.12
C HIS B 261 15.41 11.73 -8.36
N THR B 262 15.08 12.67 -7.46
CA THR B 262 15.53 14.07 -7.51
C THR B 262 17.05 14.15 -7.36
N ALA B 263 17.63 13.35 -6.43
CA ALA B 263 19.06 13.33 -6.19
C ALA B 263 19.81 12.76 -7.40
N LEU B 264 19.14 11.87 -8.16
CA LEU B 264 19.64 11.19 -9.35
C LEU B 264 19.37 11.95 -10.66
N THR B 265 19.13 13.28 -10.58
CA THR B 265 18.88 14.10 -11.78
C THR B 265 20.16 14.23 -12.63
N GLY B 266 21.26 14.66 -12.00
CA GLY B 266 22.56 14.81 -12.65
C GLY B 266 23.34 13.51 -12.77
N ALA B 267 22.61 12.41 -13.03
CA ALA B 267 23.15 11.06 -13.20
C ALA B 267 22.70 10.47 -14.53
N THR B 268 23.50 9.52 -15.04
CA THR B 268 23.25 8.81 -16.29
C THR B 268 22.08 7.85 -16.10
N GLU B 269 20.89 8.22 -16.61
CA GLU B 269 19.70 7.37 -16.49
C GLU B 269 19.75 6.22 -17.50
N ILE B 270 19.11 5.09 -17.17
CA ILE B 270 18.99 3.91 -18.03
C ILE B 270 17.52 3.54 -18.14
N GLN B 271 17.04 3.31 -19.37
CA GLN B 271 15.65 2.95 -19.61
C GLN B 271 15.42 1.45 -19.45
N MET B 272 14.21 1.08 -18.99
CA MET B 272 13.82 -0.30 -18.73
C MET B 272 12.29 -0.45 -18.82
N LEU B 277 17.28 -3.90 -20.13
CA LEU B 277 18.24 -2.80 -20.09
C LEU B 277 18.56 -2.17 -21.45
N LEU B 278 18.03 -0.97 -21.68
CA LEU B 278 18.23 -0.19 -22.89
C LEU B 278 19.34 0.83 -22.59
N PHE B 279 20.56 0.57 -23.11
CA PHE B 279 21.75 1.39 -22.86
C PHE B 279 22.10 2.39 -23.98
N THR B 280 22.65 3.55 -23.54
CA THR B 280 23.10 4.76 -24.25
C THR B 280 24.10 4.49 -25.38
N GLY B 281 25.02 3.57 -25.13
CA GLY B 281 26.11 3.24 -26.04
C GLY B 281 25.69 2.65 -27.36
N HIS B 282 26.64 2.68 -28.29
CA HIS B 282 26.49 2.12 -29.62
C HIS B 282 27.60 1.11 -29.88
N LEU B 283 27.35 0.21 -30.82
CA LEU B 283 28.27 -0.85 -31.20
C LEU B 283 28.82 -0.58 -32.57
N LYS B 284 30.11 -0.24 -32.66
CA LYS B 284 30.75 0.02 -33.95
C LYS B 284 31.28 -1.31 -34.48
N CYS B 285 30.61 -1.88 -35.51
CA CYS B 285 31.02 -3.16 -36.06
C CYS B 285 31.67 -3.04 -37.42
N ARG B 286 32.39 -4.09 -37.81
CA ARG B 286 33.01 -4.24 -39.12
C ARG B 286 32.40 -5.50 -39.70
N LEU B 287 32.04 -5.44 -40.97
CA LEU B 287 31.38 -6.55 -41.63
C LEU B 287 32.11 -7.06 -42.83
N ARG B 288 32.42 -8.35 -42.81
CA ARG B 288 33.07 -9.03 -43.91
C ARG B 288 31.98 -9.86 -44.59
N MET B 289 31.87 -9.66 -45.89
CA MET B 289 30.84 -10.27 -46.72
C MET B 289 31.38 -11.19 -47.82
N ASP B 290 32.68 -11.53 -47.79
CA ASP B 290 33.33 -12.41 -48.76
C ASP B 290 32.74 -13.83 -48.78
N LYS B 291 32.22 -14.29 -47.62
CA LYS B 291 31.59 -15.61 -47.48
C LYS B 291 30.07 -15.57 -47.76
N LEU B 292 29.53 -14.37 -48.08
CA LEU B 292 28.13 -14.17 -48.44
C LEU B 292 27.92 -14.33 -49.93
N GLN B 293 26.78 -14.90 -50.33
CA GLN B 293 26.41 -15.13 -51.72
C GLN B 293 24.94 -14.79 -51.97
N LEU B 294 24.67 -14.19 -53.14
CA LEU B 294 23.32 -13.82 -53.60
C LEU B 294 22.54 -15.10 -53.90
N LYS B 295 21.37 -15.27 -53.25
CA LYS B 295 20.52 -16.44 -53.46
C LYS B 295 19.84 -16.35 -54.83
N GLY B 296 20.01 -17.41 -55.59
CA GLY B 296 19.55 -17.55 -56.96
C GLY B 296 20.80 -17.55 -57.80
N MET B 297 21.24 -16.32 -58.17
CA MET B 297 22.29 -15.83 -59.08
C MET B 297 22.49 -16.74 -60.33
N SER B 298 22.17 -18.03 -60.22
CA SER B 298 22.21 -19.09 -61.24
C SER B 298 20.84 -19.29 -61.89
N TYR B 299 19.75 -18.78 -61.27
CA TYR B 299 18.38 -18.91 -61.80
C TYR B 299 18.22 -18.10 -63.09
N SER B 300 17.30 -18.52 -63.97
CA SER B 300 17.02 -17.84 -65.24
C SER B 300 15.99 -16.73 -65.02
N MET B 301 15.85 -15.81 -66.01
CA MET B 301 14.92 -14.67 -65.97
C MET B 301 13.47 -15.09 -66.10
N CYS B 302 12.57 -14.37 -65.40
CA CYS B 302 11.14 -14.69 -65.42
C CYS B 302 10.57 -14.32 -66.77
N THR B 303 9.73 -15.20 -67.33
CA THR B 303 9.12 -15.05 -68.65
C THR B 303 7.70 -14.50 -68.59
N GLY B 304 6.91 -14.98 -67.64
CA GLY B 304 5.52 -14.60 -67.45
C GLY B 304 5.25 -13.17 -67.02
N LYS B 305 3.98 -12.90 -66.70
CA LYS B 305 3.50 -11.58 -66.27
C LYS B 305 3.37 -11.48 -64.74
N PHE B 306 3.44 -10.24 -64.22
CA PHE B 306 3.37 -9.94 -62.79
C PHE B 306 2.10 -9.17 -62.41
N LYS B 307 1.63 -9.38 -61.18
CA LYS B 307 0.44 -8.71 -60.67
C LYS B 307 0.82 -7.88 -59.44
N ILE B 308 0.17 -6.72 -59.28
CA ILE B 308 0.43 -5.79 -58.17
C ILE B 308 -0.51 -6.08 -57.00
N VAL B 309 -0.02 -6.85 -56.04
CA VAL B 309 -0.69 -7.36 -54.83
C VAL B 309 -1.14 -6.23 -53.89
N LYS B 310 -0.24 -5.25 -53.64
CA LYS B 310 -0.45 -4.13 -52.74
C LYS B 310 0.03 -2.85 -53.42
N GLU B 311 -0.76 -1.76 -53.32
CA GLU B 311 -0.43 -0.44 -53.88
C GLU B 311 0.97 0.00 -53.41
N ILE B 312 1.80 0.48 -54.34
CA ILE B 312 3.17 0.95 -54.10
C ILE B 312 3.16 1.96 -52.96
N ALA B 313 3.98 1.71 -51.91
CA ALA B 313 4.05 2.58 -50.73
C ALA B 313 5.43 3.17 -50.53
N GLU B 314 5.50 4.42 -50.09
CA GLU B 314 6.77 5.10 -49.84
C GLU B 314 7.16 5.04 -48.38
N THR B 315 8.45 4.73 -48.11
CA THR B 315 8.99 4.69 -46.76
C THR B 315 9.39 6.12 -46.36
N GLN B 316 9.71 6.33 -45.07
CA GLN B 316 10.13 7.63 -44.54
C GLN B 316 11.44 8.17 -45.15
N HIS B 317 12.20 7.33 -45.87
CA HIS B 317 13.48 7.70 -46.46
C HIS B 317 13.43 7.83 -48.00
N GLY B 318 12.23 8.05 -48.52
CA GLY B 318 11.99 8.24 -49.95
C GLY B 318 11.94 6.99 -50.79
N THR B 319 12.41 5.85 -50.25
CA THR B 319 12.40 4.56 -50.96
C THR B 319 10.97 4.05 -51.11
N ILE B 320 10.75 3.14 -52.06
CA ILE B 320 9.43 2.60 -52.31
C ILE B 320 9.41 1.09 -52.21
N VAL B 321 8.25 0.54 -51.81
CA VAL B 321 8.04 -0.90 -51.64
C VAL B 321 6.91 -1.37 -52.53
N ILE B 322 7.19 -2.40 -53.33
CA ILE B 322 6.27 -3.01 -54.28
C ILE B 322 5.97 -4.46 -53.96
N ARG B 323 4.70 -4.78 -53.75
CA ARG B 323 4.33 -6.17 -53.56
C ARG B 323 3.72 -6.78 -54.80
N VAL B 324 4.44 -7.76 -55.39
CA VAL B 324 4.08 -8.42 -56.66
C VAL B 324 4.01 -9.95 -56.61
N GLN B 325 3.09 -10.55 -57.41
CA GLN B 325 2.90 -12.00 -57.52
C GLN B 325 3.16 -12.47 -58.97
N TYR B 326 3.81 -13.64 -59.13
CA TYR B 326 4.16 -14.23 -60.44
C TYR B 326 3.02 -15.10 -61.01
N GLU B 327 2.92 -15.16 -62.35
CA GLU B 327 1.88 -15.93 -63.07
C GLU B 327 2.42 -16.97 -64.07
N GLY B 328 3.60 -16.72 -64.63
CA GLY B 328 4.25 -17.59 -65.62
C GLY B 328 4.75 -18.91 -65.08
N ASP B 329 5.17 -19.82 -65.98
CA ASP B 329 5.67 -21.15 -65.62
C ASP B 329 7.21 -21.26 -65.69
N GLY B 330 7.88 -20.37 -64.95
CA GLY B 330 9.34 -20.33 -64.88
C GLY B 330 9.95 -20.55 -63.51
N SER B 331 9.26 -20.08 -62.44
CA SER B 331 9.63 -20.15 -61.03
C SER B 331 10.27 -21.49 -60.56
N PRO B 332 11.37 -21.49 -59.76
CA PRO B 332 12.12 -20.33 -59.23
C PRO B 332 12.89 -19.56 -60.30
N CYS B 333 12.65 -18.24 -60.36
CA CYS B 333 13.25 -17.39 -61.38
C CYS B 333 13.53 -15.94 -60.94
N LYS B 334 14.49 -15.24 -61.59
CA LYS B 334 14.84 -13.83 -61.32
C LYS B 334 13.78 -12.88 -61.88
N ILE B 335 13.28 -11.97 -61.03
CA ILE B 335 12.29 -10.96 -61.42
C ILE B 335 12.98 -9.86 -62.23
N PRO B 336 12.54 -9.58 -63.49
CA PRO B 336 13.14 -8.46 -64.25
C PRO B 336 12.61 -7.14 -63.71
N PHE B 337 13.51 -6.21 -63.35
CA PHE B 337 13.13 -4.95 -62.75
C PHE B 337 13.92 -3.75 -63.30
N GLU B 338 13.25 -2.59 -63.46
CA GLU B 338 13.86 -1.35 -63.97
C GLU B 338 13.09 -0.10 -63.54
N ILE B 339 13.81 0.99 -63.23
CA ILE B 339 13.24 2.29 -62.88
C ILE B 339 13.78 3.33 -63.87
N THR B 340 13.32 3.22 -65.11
CA THR B 340 13.73 4.11 -66.20
C THR B 340 12.87 5.40 -66.21
N VAL B 347 18.01 4.09 -67.49
CA VAL B 347 17.82 3.61 -66.11
C VAL B 347 18.11 4.78 -65.15
N LEU B 348 17.25 4.99 -64.13
CA LEU B 348 17.45 6.12 -63.21
C LEU B 348 17.66 5.72 -61.74
N GLY B 349 16.62 5.20 -61.08
CA GLY B 349 16.72 4.79 -59.68
C GLY B 349 17.42 3.47 -59.46
N ARG B 350 17.87 3.21 -58.21
CA ARG B 350 18.58 1.99 -57.81
C ARG B 350 17.69 0.99 -57.03
N LEU B 351 18.13 -0.28 -56.99
CA LEU B 351 17.43 -1.36 -56.28
C LEU B 351 18.03 -1.56 -54.89
N ILE B 352 17.16 -1.73 -53.87
CA ILE B 352 17.59 -2.04 -52.50
C ILE B 352 17.51 -3.56 -52.35
N THR B 353 16.35 -4.18 -52.68
CA THR B 353 16.18 -5.63 -52.64
C THR B 353 16.84 -6.22 -53.91
N VAL B 354 18.18 -6.24 -53.93
CA VAL B 354 18.99 -6.74 -55.07
C VAL B 354 18.70 -8.23 -55.36
N ASN B 355 18.81 -8.61 -56.65
CA ASN B 355 18.52 -9.95 -57.21
C ASN B 355 17.13 -10.45 -56.77
N PRO B 356 16.03 -9.73 -57.08
CA PRO B 356 14.70 -10.21 -56.67
C PRO B 356 14.35 -11.51 -57.36
N ILE B 357 13.93 -12.53 -56.60
CA ILE B 357 13.61 -13.86 -57.16
C ILE B 357 12.22 -14.37 -56.71
N VAL B 358 11.59 -15.22 -57.54
CA VAL B 358 10.32 -15.87 -57.22
C VAL B 358 10.69 -17.27 -56.73
N THR B 359 10.02 -17.74 -55.67
CA THR B 359 10.23 -19.06 -55.09
C THR B 359 9.06 -19.97 -55.49
N GLU B 360 7.83 -19.45 -55.33
CA GLU B 360 6.55 -20.08 -55.67
C GLU B 360 5.66 -18.98 -56.26
N LYS B 361 4.82 -19.32 -57.26
CA LYS B 361 3.88 -18.39 -57.90
C LYS B 361 2.91 -17.79 -56.87
N ASP B 362 2.46 -18.63 -55.92
CA ASP B 362 1.53 -18.33 -54.83
C ASP B 362 2.04 -17.27 -53.86
N SER B 363 3.34 -17.35 -53.49
CA SER B 363 3.98 -16.42 -52.56
C SER B 363 4.44 -15.11 -53.23
N PRO B 364 3.84 -13.94 -52.87
CA PRO B 364 4.27 -12.67 -53.47
C PRO B 364 5.63 -12.21 -52.96
N VAL B 365 6.24 -11.26 -53.67
CA VAL B 365 7.55 -10.72 -53.37
C VAL B 365 7.50 -9.22 -53.08
N ASN B 366 8.27 -8.77 -52.08
CA ASN B 366 8.40 -7.39 -51.68
C ASN B 366 9.72 -6.83 -52.19
N ILE B 367 9.65 -5.85 -53.09
CA ILE B 367 10.87 -5.25 -53.63
C ILE B 367 10.95 -3.80 -53.18
N GLU B 368 12.09 -3.45 -52.58
CA GLU B 368 12.38 -2.10 -52.12
C GLU B 368 13.39 -1.50 -53.09
N ALA B 369 13.07 -0.32 -53.62
CA ALA B 369 13.92 0.40 -54.57
C ALA B 369 13.87 1.89 -54.27
N GLU B 370 14.94 2.61 -54.65
CA GLU B 370 15.04 4.05 -54.50
C GLU B 370 14.63 4.73 -55.82
N PRO B 371 13.41 5.32 -55.91
CA PRO B 371 13.03 5.98 -57.18
C PRO B 371 13.76 7.32 -57.36
N PRO B 372 13.92 7.84 -58.60
CA PRO B 372 14.58 9.15 -58.76
C PRO B 372 13.65 10.31 -58.41
N PHE B 373 14.23 11.50 -58.16
CA PHE B 373 13.47 12.71 -57.85
C PHE B 373 12.61 13.13 -59.03
N GLY B 374 11.32 13.25 -58.77
CA GLY B 374 10.31 13.61 -59.75
C GLY B 374 9.63 12.40 -60.34
N ASP B 375 9.17 12.54 -61.60
CA ASP B 375 8.46 11.47 -62.30
C ASP B 375 9.39 10.38 -62.80
N SER B 376 8.97 9.15 -62.55
CA SER B 376 9.68 7.91 -62.85
C SER B 376 8.73 6.83 -63.33
N TYR B 377 9.29 5.77 -63.92
CA TYR B 377 8.54 4.63 -64.42
C TYR B 377 9.10 3.34 -63.85
N ILE B 378 8.28 2.63 -63.07
CA ILE B 378 8.65 1.35 -62.47
C ILE B 378 8.17 0.24 -63.39
N ILE B 379 9.13 -0.40 -64.05
CA ILE B 379 8.86 -1.46 -64.98
C ILE B 379 9.30 -2.80 -64.39
N VAL B 380 8.31 -3.68 -64.21
CA VAL B 380 8.45 -5.02 -63.69
C VAL B 380 7.96 -6.04 -64.72
N GLY B 381 8.83 -6.97 -65.10
CA GLY B 381 8.52 -8.03 -66.06
C GLY B 381 8.96 -7.77 -67.48
N VAL B 382 8.76 -8.78 -68.36
CA VAL B 382 9.10 -8.75 -69.79
C VAL B 382 7.81 -8.98 -70.61
N GLU B 383 7.67 -8.26 -71.75
CA GLU B 383 6.53 -8.33 -72.67
C GLU B 383 6.31 -9.75 -73.21
N PRO B 384 5.05 -10.25 -73.38
CA PRO B 384 3.76 -9.58 -73.12
C PRO B 384 3.35 -9.56 -71.65
N GLY B 385 2.49 -8.60 -71.31
CA GLY B 385 1.98 -8.42 -69.95
C GLY B 385 2.94 -7.66 -69.05
N GLN B 386 3.73 -6.74 -69.62
CA GLN B 386 4.71 -5.93 -68.90
C GLN B 386 4.03 -4.84 -68.08
N LEU B 387 4.46 -4.66 -66.82
CA LEU B 387 3.92 -3.65 -65.91
C LEU B 387 4.76 -2.39 -66.02
N LYS B 388 4.10 -1.26 -66.32
CA LYS B 388 4.74 0.06 -66.47
C LYS B 388 4.07 1.03 -65.50
N LEU B 389 4.46 0.95 -64.24
CA LEU B 389 3.93 1.75 -63.13
C LEU B 389 4.58 3.13 -63.05
N ASN B 390 3.85 4.12 -62.50
CA ASN B 390 4.31 5.52 -62.42
C ASN B 390 4.57 5.98 -61.00
N TRP B 391 5.69 6.69 -60.77
CA TRP B 391 6.02 7.28 -59.47
C TRP B 391 6.34 8.78 -59.56
N PHE B 392 6.15 9.50 -58.43
CA PHE B 392 6.42 10.94 -58.28
C PHE B 392 7.11 11.21 -56.93
N LYS B 393 8.45 11.39 -56.95
CA LYS B 393 9.21 11.66 -55.72
C LYS B 393 9.54 13.15 -55.59
N VAL C 2 -0.60 -26.12 -32.48
CA VAL C 2 -1.16 -24.94 -31.82
C VAL C 2 -2.24 -25.35 -30.84
N GLN C 3 -2.07 -25.00 -29.55
CA GLN C 3 -3.06 -25.31 -28.52
C GLN C 3 -3.09 -24.32 -27.39
N LEU C 4 -4.26 -24.25 -26.74
CA LEU C 4 -4.51 -23.41 -25.57
C LEU C 4 -5.16 -24.31 -24.54
N VAL C 5 -4.58 -24.39 -23.33
CA VAL C 5 -5.11 -25.25 -22.25
C VAL C 5 -5.43 -24.43 -21.00
N GLU C 6 -6.72 -24.33 -20.62
CA GLU C 6 -7.13 -23.57 -19.45
C GLU C 6 -7.06 -24.40 -18.19
N SER C 7 -6.87 -23.72 -17.04
CA SER C 7 -6.81 -24.33 -15.71
C SER C 7 -7.39 -23.36 -14.67
N GLY C 8 -7.69 -23.87 -13.49
CA GLY C 8 -8.15 -23.07 -12.36
C GLY C 8 -9.64 -23.00 -12.12
N GLY C 9 -10.41 -23.65 -12.98
CA GLY C 9 -11.86 -23.69 -12.88
C GLY C 9 -12.33 -24.70 -11.86
N GLY C 10 -13.45 -24.38 -11.21
CA GLY C 10 -14.04 -25.25 -10.20
C GLY C 10 -15.12 -24.55 -9.41
N LEU C 11 -15.50 -25.16 -8.29
CA LEU C 11 -16.53 -24.66 -7.40
C LEU C 11 -16.00 -23.51 -6.54
N VAL C 12 -16.74 -22.41 -6.51
CA VAL C 12 -16.41 -21.21 -5.74
C VAL C 12 -17.68 -20.72 -5.05
N ARG C 13 -17.55 -20.24 -3.82
CA ARG C 13 -18.69 -19.75 -3.07
C ARG C 13 -19.08 -18.33 -3.54
N PRO C 14 -20.36 -17.89 -3.39
CA PRO C 14 -20.71 -16.52 -3.79
C PRO C 14 -19.88 -15.50 -3.01
N GLY C 15 -19.39 -14.50 -3.72
CA GLY C 15 -18.51 -13.48 -3.17
C GLY C 15 -17.04 -13.88 -3.20
N GLY C 16 -16.77 -15.13 -3.59
CA GLY C 16 -15.44 -15.70 -3.64
C GLY C 16 -14.58 -15.21 -4.80
N SER C 17 -13.29 -15.61 -4.77
CA SER C 17 -12.28 -15.27 -5.77
C SER C 17 -11.69 -16.51 -6.42
N LEU C 18 -11.20 -16.38 -7.65
CA LEU C 18 -10.60 -17.48 -8.40
C LEU C 18 -9.59 -16.91 -9.40
N ARG C 19 -8.52 -17.66 -9.71
CA ARG C 19 -7.57 -17.23 -10.73
C ARG C 19 -7.51 -18.28 -11.82
N LEU C 20 -7.97 -17.94 -13.03
CA LEU C 20 -7.89 -18.86 -14.15
C LEU C 20 -6.54 -18.67 -14.82
N SER C 21 -6.02 -19.75 -15.43
CA SER C 21 -4.75 -19.74 -16.14
C SER C 21 -4.95 -20.41 -17.49
N CYS C 22 -4.08 -20.12 -18.45
CA CYS C 22 -4.13 -20.72 -19.76
C CYS C 22 -2.71 -20.89 -20.27
N ALA C 23 -2.36 -22.12 -20.70
CA ALA C 23 -1.04 -22.44 -21.23
C ALA C 23 -1.13 -22.49 -22.75
N ALA C 24 -0.31 -21.68 -23.41
CA ALA C 24 -0.28 -21.56 -24.86
C ALA C 24 0.94 -22.28 -25.43
N SER C 25 0.78 -22.92 -26.58
CA SER C 25 1.89 -23.59 -27.23
C SER C 25 1.72 -23.70 -28.73
N GLY C 26 2.84 -23.80 -29.43
CA GLY C 26 2.88 -23.96 -30.88
C GLY C 26 2.82 -22.71 -31.72
N PHE C 27 2.94 -21.52 -31.10
CA PHE C 27 2.93 -20.22 -31.80
C PHE C 27 3.71 -19.15 -31.03
N SER C 28 4.00 -17.99 -31.67
CA SER C 28 4.73 -16.88 -31.05
C SER C 28 3.78 -16.14 -30.10
N TYR C 29 3.58 -16.70 -28.90
CA TYR C 29 2.68 -16.19 -27.86
C TYR C 29 2.84 -14.72 -27.55
N SER C 30 4.08 -14.28 -27.30
CA SER C 30 4.41 -12.92 -26.91
C SER C 30 3.94 -11.84 -27.89
N ASN C 31 3.75 -12.21 -29.18
CA ASN C 31 3.31 -11.26 -30.22
C ASN C 31 1.81 -11.27 -30.51
N HIS C 32 1.02 -12.05 -29.77
CA HIS C 32 -0.41 -12.16 -30.01
C HIS C 32 -1.29 -11.56 -28.94
N TRP C 33 -2.43 -10.99 -29.35
CA TRP C 33 -3.46 -10.55 -28.42
C TRP C 33 -4.14 -11.82 -27.93
N MET C 34 -4.56 -11.83 -26.66
CA MET C 34 -5.25 -12.97 -26.08
C MET C 34 -6.56 -12.49 -25.47
N HIS C 35 -7.60 -13.31 -25.56
CA HIS C 35 -8.93 -12.96 -25.06
C HIS C 35 -9.48 -14.03 -24.13
N TRP C 36 -10.44 -13.62 -23.28
CA TRP C 36 -11.23 -14.52 -22.45
C TRP C 36 -12.66 -14.39 -22.92
N VAL C 37 -13.32 -15.52 -23.17
CA VAL C 37 -14.73 -15.59 -23.59
C VAL C 37 -15.38 -16.56 -22.63
N ARG C 38 -16.66 -16.33 -22.27
CA ARG C 38 -17.34 -17.28 -21.38
C ARG C 38 -18.68 -17.71 -21.94
N GLN C 39 -19.22 -18.80 -21.40
CA GLN C 39 -20.50 -19.32 -21.84
C GLN C 39 -21.20 -19.96 -20.67
N ALA C 40 -22.30 -19.32 -20.24
CA ALA C 40 -23.12 -19.85 -19.16
C ALA C 40 -23.82 -21.14 -19.62
N PRO C 41 -24.09 -22.12 -18.72
CA PRO C 41 -24.73 -23.37 -19.17
C PRO C 41 -26.03 -23.15 -19.96
N GLY C 42 -26.06 -23.70 -21.17
CA GLY C 42 -27.18 -23.60 -22.10
C GLY C 42 -27.39 -22.23 -22.72
N LYS C 43 -26.41 -21.32 -22.55
CA LYS C 43 -26.49 -19.95 -23.07
C LYS C 43 -25.45 -19.67 -24.17
N GLY C 44 -25.39 -18.44 -24.63
CA GLY C 44 -24.48 -18.03 -25.70
C GLY C 44 -23.09 -17.61 -25.28
N LEU C 45 -22.22 -17.39 -26.27
CA LEU C 45 -20.86 -16.92 -26.03
C LEU C 45 -20.90 -15.45 -25.61
N VAL C 46 -20.13 -15.10 -24.58
CA VAL C 46 -20.06 -13.74 -24.03
C VAL C 46 -18.60 -13.32 -23.92
N TRP C 47 -18.22 -12.25 -24.65
CA TRP C 47 -16.85 -11.73 -24.62
C TRP C 47 -16.57 -11.10 -23.25
N VAL C 48 -15.40 -11.43 -22.64
CA VAL C 48 -15.03 -10.96 -21.31
C VAL C 48 -13.91 -9.94 -21.32
N SER C 49 -12.77 -10.25 -21.95
CA SER C 49 -11.59 -9.41 -21.88
C SER C 49 -10.58 -9.69 -22.96
N ARG C 50 -9.64 -8.76 -23.18
CA ARG C 50 -8.51 -8.94 -24.10
C ARG C 50 -7.30 -8.21 -23.56
N ILE C 51 -6.12 -8.67 -23.95
CA ILE C 51 -4.84 -8.09 -23.55
C ILE C 51 -3.88 -8.07 -24.73
N ASN C 52 -3.13 -6.97 -24.90
CA ASN C 52 -2.13 -6.89 -25.97
C ASN C 52 -0.81 -7.57 -25.55
N SER C 53 0.20 -7.54 -26.43
CA SER C 53 1.49 -8.19 -26.19
C SER C 53 2.19 -7.78 -24.90
N ASP C 54 2.15 -6.47 -24.64
CA ASP C 54 2.79 -5.71 -23.60
C ASP C 54 2.03 -5.65 -22.28
N GLY C 55 0.73 -5.93 -22.32
CA GLY C 55 -0.13 -5.78 -21.17
C GLY C 55 -0.48 -4.31 -20.92
N SER C 56 -0.03 -3.39 -21.82
CA SER C 56 -0.32 -1.96 -21.71
C SER C 56 -1.79 -1.66 -22.09
N THR C 57 -2.46 -2.61 -22.78
CA THR C 57 -3.88 -2.50 -23.14
C THR C 57 -4.61 -3.73 -22.65
N ARG C 58 -5.56 -3.50 -21.73
CA ARG C 58 -6.41 -4.52 -21.12
C ARG C 58 -7.82 -3.97 -21.19
N ASN C 59 -8.69 -4.64 -21.97
CA ASN C 59 -10.06 -4.19 -22.12
C ASN C 59 -11.01 -5.19 -21.53
N TYR C 60 -12.15 -4.70 -21.03
CA TYR C 60 -13.13 -5.53 -20.35
C TYR C 60 -14.55 -5.24 -20.79
N ALA C 61 -15.41 -6.27 -20.73
CA ALA C 61 -16.83 -6.15 -21.04
C ALA C 61 -17.48 -5.32 -19.92
N ASP C 62 -18.64 -4.70 -20.20
CA ASP C 62 -19.36 -3.86 -19.24
C ASP C 62 -19.70 -4.53 -17.89
N PHE C 63 -20.03 -5.84 -17.90
CA PHE C 63 -20.39 -6.57 -16.68
C PHE C 63 -19.20 -6.79 -15.71
N VAL C 64 -17.97 -6.59 -16.19
CA VAL C 64 -16.76 -6.66 -15.39
C VAL C 64 -16.54 -5.18 -15.00
N LYS C 65 -17.24 -4.72 -13.99
CA LYS C 65 -17.09 -3.37 -13.44
C LYS C 65 -15.62 -3.00 -13.11
N GLY C 66 -14.85 -3.97 -12.61
CA GLY C 66 -13.44 -3.89 -12.21
C GLY C 66 -13.09 -5.09 -11.36
N ARG C 67 -13.95 -6.12 -11.38
CA ARG C 67 -13.83 -7.34 -10.58
C ARG C 67 -12.83 -8.28 -11.24
N PHE C 68 -12.65 -8.18 -12.56
CA PHE C 68 -11.68 -9.02 -13.26
C PHE C 68 -10.42 -8.34 -13.70
N THR C 69 -9.28 -9.02 -13.59
CA THR C 69 -7.99 -8.50 -14.02
C THR C 69 -7.32 -9.51 -14.95
N ILE C 70 -7.11 -9.13 -16.22
CA ILE C 70 -6.43 -9.99 -17.19
C ILE C 70 -4.93 -9.70 -17.08
N SER C 71 -4.09 -10.73 -17.26
CA SER C 71 -2.63 -10.58 -17.22
C SER C 71 -1.99 -11.70 -18.01
N ARG C 72 -0.69 -11.59 -18.26
CA ARG C 72 0.02 -12.58 -19.05
C ARG C 72 1.47 -12.64 -18.62
N ASP C 73 2.12 -13.79 -18.89
CA ASP C 73 3.54 -14.00 -18.64
C ASP C 73 4.07 -14.57 -19.95
N ASN C 74 4.66 -13.70 -20.77
CA ASN C 74 5.10 -14.08 -22.10
C ASN C 74 6.12 -15.21 -22.15
N ALA C 75 7.20 -15.14 -21.35
CA ALA C 75 8.22 -16.19 -21.32
C ALA C 75 7.66 -17.54 -20.85
N GLU C 76 6.60 -17.51 -20.03
CA GLU C 76 5.95 -18.72 -19.53
C GLU C 76 4.80 -19.17 -20.42
N ASN C 77 4.51 -18.42 -21.51
CA ASN C 77 3.41 -18.71 -22.44
C ASN C 77 2.09 -18.87 -21.66
N THR C 78 1.83 -17.98 -20.69
CA THR C 78 0.67 -18.08 -19.83
C THR C 78 -0.20 -16.83 -19.86
N LEU C 79 -1.52 -17.05 -19.79
CA LEU C 79 -2.55 -16.04 -19.73
C LEU C 79 -3.29 -16.26 -18.42
N TYR C 80 -3.67 -15.18 -17.73
CA TYR C 80 -4.41 -15.29 -16.47
C TYR C 80 -5.66 -14.45 -16.48
N LEU C 81 -6.62 -14.83 -15.61
CA LEU C 81 -7.82 -14.06 -15.32
C LEU C 81 -8.05 -14.12 -13.82
N GLU C 82 -7.74 -13.02 -13.11
CA GLU C 82 -7.95 -12.95 -11.67
C GLU C 82 -9.38 -12.47 -11.50
N MET C 83 -10.21 -13.23 -10.78
CA MET C 83 -11.63 -12.89 -10.59
C MET C 83 -11.96 -12.79 -9.11
N ASN C 84 -12.61 -11.68 -8.72
CA ASN C 84 -13.05 -11.43 -7.35
C ASN C 84 -14.55 -11.15 -7.37
N SER C 85 -15.19 -11.13 -6.18
CA SER C 85 -16.62 -10.83 -5.98
C SER C 85 -17.52 -11.56 -6.99
N LEU C 86 -17.30 -12.86 -7.14
CA LEU C 86 -18.04 -13.69 -8.07
C LEU C 86 -19.48 -13.94 -7.63
N THR C 87 -20.41 -13.95 -8.59
CA THR C 87 -21.83 -14.22 -8.31
C THR C 87 -22.31 -15.31 -9.25
N ALA C 88 -23.54 -15.82 -9.04
CA ALA C 88 -24.16 -16.82 -9.90
C ALA C 88 -24.18 -16.35 -11.36
N ASP C 89 -24.18 -15.01 -11.59
CA ASP C 89 -24.15 -14.43 -12.94
C ASP C 89 -22.85 -14.78 -13.67
N ASP C 90 -21.79 -15.13 -12.92
CA ASP C 90 -20.47 -15.47 -13.46
C ASP C 90 -20.24 -16.97 -13.69
N THR C 91 -21.20 -17.84 -13.29
CA THR C 91 -21.09 -19.29 -13.53
C THR C 91 -21.05 -19.49 -15.05
N ALA C 92 -20.00 -20.16 -15.56
CA ALA C 92 -19.79 -20.39 -17.00
C ALA C 92 -18.56 -21.22 -17.29
N VAL C 93 -18.43 -21.62 -18.56
CA VAL C 93 -17.21 -22.22 -19.09
C VAL C 93 -16.42 -20.99 -19.57
N TYR C 94 -15.15 -20.89 -19.21
CA TYR C 94 -14.27 -19.80 -19.60
C TYR C 94 -13.24 -20.32 -20.58
N TYR C 95 -13.24 -19.73 -21.77
CA TYR C 95 -12.36 -20.07 -22.87
C TYR C 95 -11.24 -19.08 -23.01
N CYS C 96 -10.04 -19.60 -23.22
CA CYS C 96 -8.81 -18.87 -23.51
C CYS C 96 -8.76 -18.83 -25.05
N VAL C 97 -8.60 -17.62 -25.62
CA VAL C 97 -8.68 -17.45 -27.08
C VAL C 97 -7.56 -16.58 -27.67
N ARG C 98 -7.02 -16.99 -28.82
CA ARG C 98 -5.98 -16.23 -29.52
C ARG C 98 -6.56 -15.42 -30.67
N ASP C 99 -6.07 -14.17 -30.88
CA ASP C 99 -6.46 -13.40 -32.05
C ASP C 99 -5.35 -13.64 -33.09
N GLY C 100 -5.52 -14.67 -33.90
CA GLY C 100 -4.53 -15.00 -34.92
C GLY C 100 -4.48 -14.06 -36.09
N VAL C 101 -5.63 -13.41 -36.44
CA VAL C 101 -5.63 -12.56 -37.62
C VAL C 101 -4.89 -11.22 -37.35
N ARG C 102 -5.01 -10.62 -36.15
CA ARG C 102 -4.30 -9.37 -35.84
C ARG C 102 -2.79 -9.51 -36.05
N PHE C 103 -2.23 -10.70 -35.77
CA PHE C 103 -0.82 -10.99 -35.95
C PHE C 103 -0.33 -10.73 -37.39
N TYR C 104 -1.20 -10.93 -38.40
CA TYR C 104 -0.86 -10.72 -39.81
C TYR C 104 -0.85 -9.25 -40.23
N TYR C 105 -1.39 -8.34 -39.38
CA TYR C 105 -1.42 -6.90 -39.61
C TYR C 105 -0.43 -6.18 -38.70
N ASP C 106 -0.40 -6.55 -37.41
CA ASP C 106 0.55 -6.02 -36.44
C ASP C 106 1.24 -7.20 -35.78
N SER C 107 2.42 -7.55 -36.30
CA SER C 107 3.21 -8.66 -35.78
C SER C 107 3.79 -8.40 -34.39
N THR C 108 3.73 -7.14 -33.87
CA THR C 108 4.22 -6.83 -32.53
C THR C 108 3.15 -7.15 -31.49
N GLY C 109 1.87 -7.08 -31.91
CA GLY C 109 0.72 -7.28 -31.04
C GLY C 109 0.56 -6.17 -30.01
N TYR C 110 1.20 -5.02 -30.24
CA TYR C 110 1.16 -3.91 -29.31
C TYR C 110 0.05 -2.89 -29.55
N TYR C 111 -0.02 -2.37 -30.77
CA TYR C 111 -0.89 -1.24 -31.10
C TYR C 111 -2.38 -1.47 -30.88
N PRO C 112 -3.03 -0.64 -30.01
CA PRO C 112 -4.46 -0.80 -29.75
C PRO C 112 -5.33 0.07 -30.67
N ASP C 113 -5.14 -0.08 -31.99
CA ASP C 113 -5.88 0.69 -32.98
C ASP C 113 -7.37 0.42 -32.88
N SER C 114 -8.19 1.46 -33.03
CA SER C 114 -9.63 1.36 -32.97
C SER C 114 -10.18 0.51 -34.10
N PHE C 115 -11.08 -0.43 -33.76
CA PHE C 115 -11.78 -1.31 -34.69
C PHE C 115 -10.82 -2.06 -35.63
N PHE C 116 -9.74 -2.64 -35.10
CA PHE C 116 -8.80 -3.35 -35.98
C PHE C 116 -9.29 -4.73 -36.40
N LYS C 117 -8.84 -5.19 -37.59
CA LYS C 117 -9.20 -6.50 -38.14
C LYS C 117 -8.69 -7.60 -37.20
N TYR C 118 -9.59 -8.50 -36.80
CA TYR C 118 -9.31 -9.55 -35.82
C TYR C 118 -10.04 -10.85 -36.21
N GLY C 119 -9.68 -11.94 -35.54
CA GLY C 119 -10.28 -13.25 -35.72
C GLY C 119 -9.82 -14.17 -34.63
N MET C 120 -10.78 -14.69 -33.85
CA MET C 120 -10.50 -15.59 -32.72
C MET C 120 -10.39 -16.98 -33.30
N ASP C 121 -9.19 -17.33 -33.81
CA ASP C 121 -8.95 -18.57 -34.55
C ASP C 121 -8.52 -19.79 -33.73
N VAL C 122 -8.01 -19.61 -32.51
CA VAL C 122 -7.59 -20.71 -31.64
C VAL C 122 -8.30 -20.60 -30.31
N TRP C 123 -9.00 -21.67 -29.91
CA TRP C 123 -9.78 -21.73 -28.68
C TRP C 123 -9.34 -22.90 -27.85
N GLY C 124 -9.33 -22.72 -26.53
CA GLY C 124 -9.09 -23.83 -25.63
C GLY C 124 -10.39 -24.60 -25.48
N GLN C 125 -10.37 -25.73 -24.73
CA GLN C 125 -11.57 -26.54 -24.48
C GLN C 125 -12.52 -25.86 -23.47
N GLY C 126 -11.96 -24.93 -22.69
CA GLY C 126 -12.68 -24.17 -21.68
C GLY C 126 -12.63 -24.80 -20.31
N THR C 127 -12.61 -23.96 -19.26
CA THR C 127 -12.60 -24.42 -17.88
C THR C 127 -13.90 -23.99 -17.20
N THR C 128 -14.56 -24.90 -16.46
CA THR C 128 -15.84 -24.60 -15.82
C THR C 128 -15.68 -23.89 -14.49
N VAL C 129 -16.37 -22.75 -14.34
CA VAL C 129 -16.44 -22.00 -13.09
C VAL C 129 -17.88 -22.11 -12.60
N THR C 130 -18.08 -22.65 -11.38
CA THR C 130 -19.41 -22.80 -10.79
C THR C 130 -19.45 -21.98 -9.51
N VAL C 131 -20.20 -20.87 -9.52
CA VAL C 131 -20.37 -20.00 -8.35
C VAL C 131 -21.64 -20.52 -7.68
N SER C 132 -21.46 -21.29 -6.61
CA SER C 132 -22.57 -21.99 -5.97
C SER C 132 -22.48 -22.05 -4.45
N VAL D 2 -21.76 3.91 35.20
CA VAL D 2 -20.64 3.29 34.49
C VAL D 2 -21.14 2.12 33.65
N GLN D 3 -20.90 2.17 32.33
CA GLN D 3 -21.30 1.09 31.43
C GLN D 3 -20.40 0.94 30.23
N LEU D 4 -20.39 -0.27 29.67
CA LEU D 4 -19.66 -0.64 28.47
C LEU D 4 -20.65 -1.37 27.59
N VAL D 5 -20.83 -0.91 26.33
CA VAL D 5 -21.77 -1.53 25.39
C VAL D 5 -21.07 -1.96 24.10
N GLU D 6 -21.02 -3.27 23.84
CA GLU D 6 -20.36 -3.80 22.64
C GLU D 6 -21.29 -3.84 21.45
N SER D 7 -20.71 -3.76 20.25
CA SER D 7 -21.42 -3.81 18.97
C SER D 7 -20.54 -4.49 17.91
N GLY D 8 -21.16 -4.89 16.80
CA GLY D 8 -20.46 -5.47 15.66
C GLY D 8 -20.43 -6.97 15.55
N GLY D 9 -21.00 -7.65 16.53
CA GLY D 9 -21.06 -9.11 16.56
C GLY D 9 -22.16 -9.65 15.68
N GLY D 10 -21.91 -10.82 15.12
CA GLY D 10 -22.85 -11.49 14.23
C GLY D 10 -22.24 -12.65 13.49
N LEU D 11 -22.94 -13.13 12.46
CA LEU D 11 -22.52 -14.24 11.63
C LEU D 11 -21.45 -13.81 10.64
N VAL D 12 -20.36 -14.57 10.59
CA VAL D 12 -19.23 -14.32 9.69
C VAL D 12 -18.80 -15.65 9.08
N ARG D 13 -18.43 -15.64 7.81
CA ARG D 13 -18.00 -16.85 7.13
C ARG D 13 -16.56 -17.22 7.51
N PRO D 14 -16.15 -18.51 7.44
CA PRO D 14 -14.74 -18.85 7.76
C PRO D 14 -13.79 -18.11 6.83
N GLY D 15 -12.73 -17.57 7.41
CA GLY D 15 -11.75 -16.76 6.70
C GLY D 15 -12.14 -15.29 6.63
N GLY D 16 -13.34 -14.97 7.09
CA GLY D 16 -13.90 -13.62 7.08
C GLY D 16 -13.31 -12.67 8.09
N SER D 17 -13.70 -11.39 7.98
CA SER D 17 -13.27 -10.30 8.85
C SER D 17 -14.46 -9.63 9.55
N LEU D 18 -14.20 -9.03 10.72
CA LEU D 18 -15.23 -8.35 11.50
C LEU D 18 -14.59 -7.26 12.35
N ARG D 19 -15.29 -6.16 12.61
CA ARG D 19 -14.77 -5.12 13.51
C ARG D 19 -15.73 -4.95 14.67
N LEU D 20 -15.29 -5.31 15.88
CA LEU D 20 -16.12 -5.11 17.07
C LEU D 20 -15.87 -3.70 17.59
N SER D 21 -16.88 -3.12 18.24
CA SER D 21 -16.80 -1.79 18.83
C SER D 21 -17.36 -1.86 20.24
N CYS D 22 -16.97 -0.91 21.09
CA CYS D 22 -17.47 -0.83 22.45
C CYS D 22 -17.58 0.63 22.83
N ALA D 23 -18.76 1.04 23.33
CA ALA D 23 -19.03 2.40 23.77
C ALA D 23 -18.95 2.45 25.29
N ALA D 24 -18.08 3.31 25.81
CA ALA D 24 -17.86 3.48 27.23
C ALA D 24 -18.51 4.75 27.73
N SER D 25 -19.05 4.70 28.95
CA SER D 25 -19.66 5.89 29.55
C SER D 25 -19.63 5.84 31.07
N GLY D 26 -19.67 7.03 31.67
CA GLY D 26 -19.71 7.20 33.11
C GLY D 26 -18.39 7.20 33.85
N PHE D 27 -17.25 7.24 33.12
CA PHE D 27 -15.91 7.27 33.71
C PHE D 27 -14.89 7.96 32.79
N SER D 28 -13.69 8.30 33.31
CA SER D 28 -12.63 8.95 32.53
C SER D 28 -11.98 7.91 31.61
N TYR D 29 -12.64 7.62 30.49
CA TYR D 29 -12.23 6.61 29.50
C TYR D 29 -10.78 6.72 29.05
N SER D 30 -10.36 7.93 28.65
CA SER D 30 -9.03 8.19 28.12
C SER D 30 -7.87 7.80 29.05
N ASN D 31 -8.13 7.74 30.37
CA ASN D 31 -7.11 7.38 31.36
C ASN D 31 -7.10 5.92 31.80
N HIS D 32 -7.95 5.07 31.20
CA HIS D 32 -8.04 3.66 31.57
C HIS D 32 -7.54 2.68 30.53
N TRP D 33 -6.94 1.57 31.00
CA TRP D 33 -6.60 0.46 30.14
C TRP D 33 -7.91 -0.24 29.82
N MET D 34 -8.03 -0.77 28.60
CA MET D 34 -9.22 -1.50 28.18
C MET D 34 -8.80 -2.85 27.65
N HIS D 35 -9.62 -3.89 27.90
CA HIS D 35 -9.32 -5.26 27.51
C HIS D 35 -10.47 -5.87 26.72
N TRP D 36 -10.14 -6.91 25.93
CA TRP D 36 -11.12 -7.75 25.25
C TRP D 36 -10.96 -9.15 25.84
N VAL D 37 -12.07 -9.76 26.23
CA VAL D 37 -12.11 -11.12 26.79
C VAL D 37 -13.17 -11.85 25.98
N ARG D 38 -12.99 -13.14 25.71
CA ARG D 38 -14.00 -13.89 24.97
C ARG D 38 -14.40 -15.17 25.68
N GLN D 39 -15.54 -15.74 25.29
CA GLN D 39 -16.02 -16.96 25.88
C GLN D 39 -16.76 -17.77 24.84
N ALA D 40 -16.18 -18.90 24.46
CA ALA D 40 -16.79 -19.80 23.50
C ALA D 40 -18.05 -20.45 24.14
N PRO D 41 -19.09 -20.79 23.35
CA PRO D 41 -20.31 -21.38 23.95
C PRO D 41 -20.03 -22.60 24.83
N GLY D 42 -20.48 -22.51 26.09
CA GLY D 42 -20.31 -23.55 27.10
C GLY D 42 -18.89 -23.71 27.63
N LYS D 43 -18.00 -22.77 27.29
CA LYS D 43 -16.59 -22.81 27.71
C LYS D 43 -16.23 -21.69 28.68
N GLY D 44 -14.95 -21.60 29.03
CA GLY D 44 -14.46 -20.60 29.98
C GLY D 44 -14.06 -19.27 29.39
N LEU D 45 -13.76 -18.31 30.28
CA LEU D 45 -13.29 -16.98 29.88
C LEU D 45 -11.87 -17.08 29.35
N VAL D 46 -11.59 -16.41 28.22
CA VAL D 46 -10.28 -16.42 27.56
C VAL D 46 -9.86 -14.98 27.28
N TRP D 47 -8.73 -14.55 27.88
CA TRP D 47 -8.20 -13.20 27.68
C TRP D 47 -7.68 -13.05 26.25
N VAL D 48 -8.06 -11.94 25.57
CA VAL D 48 -7.70 -11.70 24.17
C VAL D 48 -6.67 -10.60 23.99
N SER D 49 -6.92 -9.41 24.55
CA SER D 49 -6.08 -8.25 24.28
C SER D 49 -6.26 -7.14 25.30
N ARG D 50 -5.30 -6.20 25.35
CA ARG D 50 -5.39 -5.00 26.17
C ARG D 50 -4.70 -3.85 25.47
N ILE D 51 -5.13 -2.63 25.78
CA ILE D 51 -4.58 -1.40 25.23
C ILE D 51 -4.45 -0.34 26.31
N ASN D 52 -3.34 0.41 26.30
CA ASN D 52 -3.15 1.50 27.27
C ASN D 52 -3.85 2.79 26.80
N SER D 53 -3.74 3.87 27.58
CA SER D 53 -4.40 5.15 27.29
C SER D 53 -4.09 5.71 25.90
N ASP D 54 -2.82 5.64 25.54
CA ASP D 54 -2.14 6.17 24.38
C ASP D 54 -2.19 5.30 23.13
N GLY D 55 -2.47 4.02 23.32
CA GLY D 55 -2.43 3.04 22.24
C GLY D 55 -1.00 2.64 21.91
N SER D 56 0.00 3.16 22.68
CA SER D 56 1.42 2.84 22.49
C SER D 56 1.74 1.42 22.97
N THR D 57 0.85 0.82 23.79
CA THR D 57 0.97 -0.56 24.27
C THR D 57 -0.30 -1.32 23.95
N ARG D 58 -0.15 -2.35 23.11
CA ARG D 58 -1.22 -3.23 22.67
C ARG D 58 -0.68 -4.64 22.81
N ASN D 59 -1.29 -5.43 23.72
CA ASN D 59 -0.84 -6.79 23.97
C ASN D 59 -1.89 -7.77 23.55
N TYR D 60 -1.46 -8.96 23.12
CA TYR D 60 -2.35 -9.99 22.59
C TYR D 60 -2.04 -11.36 23.14
N ALA D 61 -3.08 -12.20 23.25
CA ALA D 61 -2.93 -13.60 23.67
C ALA D 61 -2.21 -14.37 22.55
N ASP D 62 -1.58 -15.50 22.89
CA ASP D 62 -0.82 -16.32 21.93
C ASP D 62 -1.61 -16.76 20.68
N PHE D 63 -2.91 -17.07 20.82
CA PHE D 63 -3.74 -17.53 19.70
C PHE D 63 -4.03 -16.44 18.64
N VAL D 64 -3.79 -15.17 19.00
CA VAL D 64 -3.90 -14.02 18.11
C VAL D 64 -2.47 -13.84 17.59
N LYS D 65 -2.11 -14.64 16.61
CA LYS D 65 -0.81 -14.54 15.96
C LYS D 65 -0.46 -13.09 15.46
N GLY D 66 -1.46 -12.37 14.96
CA GLY D 66 -1.41 -11.02 14.44
C GLY D 66 -2.67 -10.74 13.64
N ARG D 67 -3.69 -11.59 13.82
CA ARG D 67 -4.98 -11.52 13.12
C ARG D 67 -5.91 -10.45 13.65
N PHE D 68 -5.70 -10.06 14.91
CA PHE D 68 -6.54 -9.08 15.60
C PHE D 68 -5.80 -7.79 15.96
N THR D 69 -6.43 -6.64 15.74
CA THR D 69 -5.81 -5.38 16.09
C THR D 69 -6.73 -4.61 17.05
N ILE D 70 -6.24 -4.30 18.25
CA ILE D 70 -7.02 -3.52 19.22
C ILE D 70 -6.72 -2.04 18.97
N SER D 71 -7.72 -1.18 19.14
CA SER D 71 -7.56 0.27 18.97
C SER D 71 -8.62 1.00 19.77
N ARG D 72 -8.47 2.31 19.91
CA ARG D 72 -9.39 3.12 20.69
C ARG D 72 -9.48 4.52 20.14
N ASP D 73 -10.59 5.21 20.44
CA ASP D 73 -10.81 6.61 20.08
C ASP D 73 -11.27 7.27 21.37
N ASN D 74 -10.32 7.90 22.07
CA ASN D 74 -10.58 8.48 23.38
C ASN D 74 -11.70 9.50 23.43
N ALA D 75 -11.68 10.51 22.53
CA ALA D 75 -12.73 11.55 22.51
C ALA D 75 -14.12 10.97 22.20
N GLU D 76 -14.17 9.83 21.47
CA GLU D 76 -15.41 9.16 21.14
C GLU D 76 -15.80 8.09 22.17
N ASN D 77 -14.96 7.89 23.21
CA ASN D 77 -15.18 6.88 24.26
C ASN D 77 -15.42 5.50 23.62
N THR D 78 -14.61 5.16 22.60
CA THR D 78 -14.79 3.91 21.85
C THR D 78 -13.56 3.04 21.87
N LEU D 79 -13.79 1.71 21.94
CA LEU D 79 -12.80 0.66 21.89
C LEU D 79 -13.13 -0.19 20.67
N TYR D 80 -12.11 -0.65 19.93
CA TYR D 80 -12.34 -1.49 18.76
C TYR D 80 -11.51 -2.76 18.81
N LEU D 81 -11.97 -3.77 18.07
CA LEU D 81 -11.23 -5.00 17.83
C LEU D 81 -11.42 -5.38 16.36
N GLU D 82 -10.38 -5.14 15.54
CA GLU D 82 -10.43 -5.49 14.13
C GLU D 82 -9.97 -6.94 14.04
N MET D 83 -10.80 -7.81 13.47
CA MET D 83 -10.49 -9.24 13.37
C MET D 83 -10.51 -9.71 11.93
N ASN D 84 -9.45 -10.40 11.51
CA ASN D 84 -9.31 -10.99 10.17
C ASN D 84 -9.04 -12.48 10.31
N SER D 85 -9.13 -13.22 9.19
CA SER D 85 -8.86 -14.67 9.10
C SER D 85 -9.50 -15.46 10.23
N LEU D 86 -10.79 -15.20 10.46
CA LEU D 86 -11.55 -15.85 11.54
C LEU D 86 -11.84 -17.31 11.25
N THR D 87 -11.77 -18.16 12.29
CA THR D 87 -12.08 -19.58 12.15
C THR D 87 -13.10 -19.97 13.23
N ALA D 88 -13.62 -21.20 13.17
CA ALA D 88 -14.56 -21.72 14.16
C ALA D 88 -13.97 -21.63 15.58
N ASP D 89 -12.62 -21.62 15.70
CA ASP D 89 -11.92 -21.48 16.97
C ASP D 89 -12.20 -20.12 17.62
N ASP D 90 -12.60 -19.12 16.80
CA ASP D 90 -12.89 -17.76 17.25
C ASP D 90 -14.37 -17.48 17.58
N THR D 91 -15.27 -18.46 17.34
CA THR D 91 -16.69 -18.31 17.69
C THR D 91 -16.77 -18.12 19.21
N ALA D 92 -17.39 -17.02 19.67
CA ALA D 92 -17.50 -16.69 21.10
C ALA D 92 -18.29 -15.42 21.35
N VAL D 93 -18.58 -15.17 22.63
CA VAL D 93 -19.12 -13.90 23.09
C VAL D 93 -17.84 -13.09 23.40
N TYR D 94 -17.77 -11.85 22.91
CA TYR D 94 -16.63 -10.95 23.13
C TYR D 94 -17.07 -9.84 24.05
N TYR D 95 -16.38 -9.74 25.19
CA TYR D 95 -16.62 -8.76 26.23
C TYR D 95 -15.61 -7.65 26.17
N CYS D 96 -16.11 -6.42 26.32
CA CYS D 96 -15.35 -5.19 26.44
C CYS D 96 -15.18 -5.00 27.96
N VAL D 97 -13.92 -4.80 28.41
CA VAL D 97 -13.63 -4.75 29.84
C VAL D 97 -12.70 -3.61 30.26
N ARG D 98 -13.00 -2.95 31.39
CA ARG D 98 -12.20 -1.86 31.93
C ARG D 98 -11.28 -2.34 33.06
N ASP D 99 -10.03 -1.86 33.12
CA ASP D 99 -9.16 -2.15 34.25
C ASP D 99 -9.29 -0.95 35.20
N GLY D 100 -10.26 -1.03 36.11
CA GLY D 100 -10.51 0.04 37.05
C GLY D 100 -9.46 0.18 38.14
N VAL D 101 -8.80 -0.93 38.52
CA VAL D 101 -7.84 -0.84 39.63
C VAL D 101 -6.52 -0.16 39.19
N ARG D 102 -6.03 -0.40 37.95
CA ARG D 102 -4.81 0.26 37.49
C ARG D 102 -4.91 1.79 37.56
N PHE D 103 -6.12 2.34 37.33
CA PHE D 103 -6.38 3.77 37.42
C PHE D 103 -5.99 4.38 38.77
N TYR D 104 -6.12 3.60 39.87
CA TYR D 104 -5.78 4.07 41.22
C TYR D 104 -4.28 4.08 41.51
N TYR D 105 -3.46 3.46 40.64
CA TYR D 105 -1.99 3.44 40.75
C TYR D 105 -1.35 4.32 39.70
N ASP D 106 -1.83 4.24 38.45
CA ASP D 106 -1.37 5.09 37.36
C ASP D 106 -2.60 5.75 36.74
N SER D 107 -2.89 6.97 37.18
CA SER D 107 -4.04 7.72 36.68
C SER D 107 -3.90 8.18 35.23
N THR D 108 -2.69 8.06 34.62
CA THR D 108 -2.49 8.42 33.21
C THR D 108 -2.90 7.26 32.31
N GLY D 109 -2.81 6.03 32.83
CA GLY D 109 -3.09 4.81 32.08
C GLY D 109 -2.07 4.53 30.99
N TYR D 110 -0.90 5.18 31.07
CA TYR D 110 0.12 5.03 30.04
C TYR D 110 1.15 3.94 30.30
N TYR D 111 1.78 3.97 31.47
CA TYR D 111 2.92 3.11 31.79
C TYR D 111 2.66 1.61 31.73
N PRO D 112 3.42 0.88 30.86
CA PRO D 112 3.22 -0.57 30.75
C PRO D 112 4.15 -1.36 31.66
N ASP D 113 4.12 -1.05 32.97
CA ASP D 113 4.96 -1.72 33.95
C ASP D 113 4.67 -3.21 34.01
N SER D 114 5.72 -4.02 34.14
CA SER D 114 5.61 -5.47 34.21
C SER D 114 4.84 -5.90 35.45
N PHE D 115 3.88 -6.82 35.28
CA PHE D 115 3.07 -7.42 36.34
C PHE D 115 2.33 -6.33 37.16
N PHE D 116 1.65 -5.39 36.52
CA PHE D 116 0.93 -4.34 37.26
C PHE D 116 -0.34 -4.79 38.00
N LYS D 117 -0.61 -4.16 39.15
CA LYS D 117 -1.79 -4.45 39.96
C LYS D 117 -2.96 -4.01 39.07
N TYR D 118 -3.90 -4.92 38.84
CA TYR D 118 -5.03 -4.72 37.93
C TYR D 118 -6.29 -5.39 38.48
N GLY D 119 -7.44 -5.07 37.88
CA GLY D 119 -8.73 -5.63 38.23
C GLY D 119 -9.74 -5.26 37.18
N MET D 120 -10.33 -6.28 36.53
CA MET D 120 -11.31 -6.08 35.46
C MET D 120 -12.66 -5.91 36.14
N ASP D 121 -12.95 -4.66 36.57
CA ASP D 121 -14.11 -4.33 37.38
C ASP D 121 -15.40 -3.96 36.64
N VAL D 122 -15.32 -3.56 35.35
CA VAL D 122 -16.50 -3.20 34.55
C VAL D 122 -16.49 -4.05 33.28
N TRP D 123 -17.60 -4.76 33.05
CA TRP D 123 -17.77 -5.64 31.90
C TRP D 123 -19.01 -5.25 31.13
N GLY D 124 -18.94 -5.37 29.81
CA GLY D 124 -20.11 -5.20 28.98
C GLY D 124 -20.90 -6.49 29.00
N GLN D 125 -22.08 -6.52 28.37
CA GLN D 125 -22.93 -7.73 28.29
C GLN D 125 -22.35 -8.77 27.31
N GLY D 126 -21.48 -8.31 26.42
CA GLY D 126 -20.81 -9.12 25.41
C GLY D 126 -21.55 -9.18 24.10
N THR D 127 -20.81 -9.27 23.00
CA THR D 127 -21.37 -9.37 21.65
C THR D 127 -21.01 -10.74 21.06
N THR D 128 -21.99 -11.45 20.47
CA THR D 128 -21.76 -12.78 19.92
C THR D 128 -21.16 -12.76 18.52
N VAL D 129 -20.04 -13.48 18.34
CA VAL D 129 -19.40 -13.67 17.05
C VAL D 129 -19.56 -15.15 16.70
N THR D 130 -20.20 -15.45 15.56
CA THR D 130 -20.40 -16.82 15.11
C THR D 130 -19.70 -16.99 13.78
N VAL D 131 -18.59 -17.75 13.76
CA VAL D 131 -17.83 -18.05 12.54
C VAL D 131 -18.40 -19.36 12.03
N SER D 132 -19.28 -19.27 11.02
CA SER D 132 -20.03 -20.43 10.55
C SER D 132 -20.23 -20.47 9.03
N GLN E 3 -21.55 1.92 -27.84
CA GLN E 3 -22.47 0.79 -27.95
C GLN E 3 -22.67 0.37 -29.38
N SER E 4 -22.84 -0.94 -29.58
CA SER E 4 -23.29 -1.71 -30.74
C SER E 4 -23.85 -3.03 -30.20
N VAL E 5 -25.09 -3.38 -30.60
CA VAL E 5 -25.81 -4.58 -30.18
C VAL E 5 -26.12 -5.37 -31.45
N LEU E 6 -25.74 -6.64 -31.47
CA LEU E 6 -25.93 -7.53 -32.61
C LEU E 6 -27.07 -8.49 -32.38
N THR E 7 -28.03 -8.54 -33.32
CA THR E 7 -29.20 -9.39 -33.25
C THR E 7 -29.24 -10.40 -34.39
N GLN E 8 -29.54 -11.65 -34.06
CA GLN E 8 -29.65 -12.74 -35.01
C GLN E 8 -31.00 -13.43 -34.81
N PRO E 9 -31.55 -14.14 -35.83
CA PRO E 9 -32.78 -14.92 -35.57
C PRO E 9 -32.49 -15.97 -34.49
N VAL E 10 -33.47 -16.28 -33.62
CA VAL E 10 -33.24 -17.26 -32.54
C VAL E 10 -32.97 -18.67 -33.11
N SER E 11 -33.70 -19.02 -34.18
CA SER E 11 -33.60 -20.34 -34.79
C SER E 11 -33.93 -20.33 -36.26
N VAL E 12 -33.33 -21.28 -36.99
CA VAL E 12 -33.54 -21.50 -38.42
C VAL E 12 -33.60 -23.00 -38.65
N SER E 13 -34.53 -23.45 -39.50
CA SER E 13 -34.63 -24.85 -39.85
C SER E 13 -34.36 -24.99 -41.33
N GLY E 14 -33.68 -26.06 -41.69
CA GLY E 14 -33.36 -26.35 -43.08
C GLY E 14 -33.36 -27.85 -43.31
N SER E 15 -33.47 -28.25 -44.58
CA SER E 15 -33.45 -29.64 -44.98
C SER E 15 -32.12 -29.96 -45.68
N PRO E 16 -31.64 -31.23 -45.66
CA PRO E 16 -30.37 -31.53 -46.33
C PRO E 16 -30.37 -31.16 -47.82
N GLY E 17 -29.25 -30.61 -48.28
CA GLY E 17 -29.08 -30.16 -49.65
C GLY E 17 -29.50 -28.74 -49.91
N GLN E 18 -30.30 -28.15 -49.00
CA GLN E 18 -30.80 -26.78 -49.14
C GLN E 18 -29.77 -25.72 -48.72
N SER E 19 -30.09 -24.44 -48.99
CA SER E 19 -29.26 -23.30 -48.62
C SER E 19 -29.99 -22.48 -47.57
N ILE E 20 -29.25 -22.03 -46.53
CA ILE E 20 -29.78 -21.20 -45.45
C ILE E 20 -28.88 -19.98 -45.25
N THR E 21 -29.49 -18.85 -44.89
CA THR E 21 -28.80 -17.59 -44.65
C THR E 21 -29.18 -17.10 -43.25
N ILE E 22 -28.16 -16.82 -42.43
CA ILE E 22 -28.31 -16.30 -41.07
C ILE E 22 -27.86 -14.84 -41.10
N SER E 23 -28.75 -13.93 -40.67
CA SER E 23 -28.49 -12.50 -40.62
C SER E 23 -27.96 -12.07 -39.26
N CYS E 24 -27.18 -11.00 -39.25
CA CYS E 24 -26.61 -10.38 -38.07
C CYS E 24 -26.85 -8.90 -38.30
N THR E 25 -27.83 -8.31 -37.57
CA THR E 25 -28.22 -6.91 -37.70
C THR E 25 -27.89 -6.13 -36.43
N GLY E 26 -27.33 -4.93 -36.58
CA GLY E 26 -26.95 -4.11 -35.44
C GLY E 26 -27.77 -2.87 -35.19
N THR E 27 -27.82 -2.41 -33.92
CA THR E 27 -28.57 -1.19 -33.62
C THR E 27 -27.65 0.07 -33.78
N SER E 28 -26.92 0.51 -32.74
CA SER E 28 -25.95 1.62 -32.71
C SER E 28 -24.67 1.14 -33.43
N SER E 29 -24.83 0.67 -34.65
CA SER E 29 -23.78 0.09 -35.48
C SER E 29 -23.57 0.91 -36.74
N ASN E 30 -22.50 0.60 -37.49
CA ASN E 30 -22.22 1.31 -38.74
C ASN E 30 -21.58 0.35 -39.74
N ALA E 31 -21.16 0.85 -40.91
CA ALA E 31 -20.54 0.04 -41.96
C ALA E 31 -19.32 -0.74 -41.47
N ASP E 32 -18.54 -0.15 -40.56
CA ASP E 32 -17.37 -0.80 -39.96
C ASP E 32 -17.78 -1.98 -39.09
N THR E 33 -18.94 -1.90 -38.42
CA THR E 33 -19.43 -3.02 -37.63
C THR E 33 -19.50 -4.28 -38.51
N TYR E 34 -20.13 -4.17 -39.69
CA TYR E 34 -20.32 -5.28 -40.62
C TYR E 34 -19.05 -5.66 -41.36
N ASN E 35 -18.16 -4.68 -41.61
CA ASN E 35 -16.87 -4.95 -42.25
C ASN E 35 -16.01 -5.84 -41.36
N LEU E 36 -16.24 -5.79 -40.04
CA LEU E 36 -15.45 -6.52 -39.06
C LEU E 36 -16.15 -7.73 -38.44
N VAL E 37 -17.32 -8.11 -38.96
CA VAL E 37 -18.07 -9.27 -38.45
C VAL E 37 -17.29 -10.57 -38.64
N SER E 38 -17.28 -11.41 -37.62
CA SER E 38 -16.72 -12.73 -37.69
C SER E 38 -17.84 -13.71 -37.30
N TRP E 39 -17.84 -14.92 -37.88
CA TRP E 39 -18.86 -15.93 -37.61
C TRP E 39 -18.24 -17.16 -36.96
N TYR E 40 -18.94 -17.75 -35.98
CA TYR E 40 -18.48 -18.93 -35.23
C TYR E 40 -19.53 -20.01 -35.24
N GLN E 41 -19.10 -21.26 -35.47
CA GLN E 41 -19.96 -22.45 -35.46
C GLN E 41 -19.68 -23.19 -34.16
N GLN E 42 -20.73 -23.53 -33.43
CA GLN E 42 -20.56 -24.31 -32.21
C GLN E 42 -21.45 -25.53 -32.28
N ARG E 43 -20.86 -26.68 -32.61
CA ARG E 43 -21.58 -27.94 -32.69
C ARG E 43 -21.93 -28.45 -31.27
N PRO E 44 -23.01 -29.25 -31.08
CA PRO E 44 -23.36 -29.71 -29.72
C PRO E 44 -22.20 -30.40 -28.99
N GLY E 45 -21.83 -29.85 -27.84
CA GLY E 45 -20.75 -30.35 -27.00
C GLY E 45 -19.34 -30.05 -27.48
N LYS E 46 -19.20 -29.18 -28.49
CA LYS E 46 -17.90 -28.81 -29.04
C LYS E 46 -17.56 -27.35 -28.79
N ALA E 47 -16.27 -27.02 -28.91
CA ALA E 47 -15.79 -25.65 -28.75
C ALA E 47 -16.13 -24.87 -30.04
N PRO E 48 -16.32 -23.53 -29.97
CA PRO E 48 -16.60 -22.77 -31.19
C PRO E 48 -15.45 -22.82 -32.20
N LYS E 49 -15.79 -22.64 -33.48
CA LYS E 49 -14.85 -22.66 -34.59
C LYS E 49 -15.09 -21.44 -35.47
N LEU E 50 -14.00 -20.74 -35.84
CA LEU E 50 -14.06 -19.57 -36.70
C LEU E 50 -14.41 -20.00 -38.12
N MET E 51 -15.49 -19.44 -38.68
CA MET E 51 -15.95 -19.77 -40.02
C MET E 51 -15.66 -18.66 -41.00
N ILE E 52 -15.82 -17.41 -40.57
CA ILE E 52 -15.64 -16.20 -41.39
C ILE E 52 -15.05 -15.12 -40.52
N TYR E 53 -14.19 -14.27 -41.10
CA TYR E 53 -13.63 -13.10 -40.43
C TYR E 53 -13.63 -11.95 -41.44
N GLU E 54 -13.52 -10.69 -40.96
CA GLU E 54 -13.50 -9.50 -41.82
C GLU E 54 -14.73 -9.46 -42.75
N GLY E 55 -15.88 -9.84 -42.20
CA GLY E 55 -17.15 -9.84 -42.90
C GLY E 55 -17.39 -10.93 -43.92
N THR E 56 -16.39 -11.24 -44.77
CA THR E 56 -16.57 -12.21 -45.87
C THR E 56 -15.42 -13.20 -46.10
N LYS E 57 -14.32 -13.08 -45.35
CA LYS E 57 -13.15 -13.94 -45.56
C LYS E 57 -13.28 -15.27 -44.87
N ARG E 58 -13.03 -16.36 -45.60
CA ARG E 58 -13.11 -17.71 -45.07
C ARG E 58 -11.70 -18.25 -44.77
N PRO E 59 -11.39 -18.68 -43.51
CA PRO E 59 -10.05 -19.24 -43.24
C PRO E 59 -9.83 -20.58 -43.95
N SER E 60 -8.56 -20.95 -44.23
CA SER E 60 -8.25 -22.23 -44.87
C SER E 60 -8.68 -23.38 -43.96
N GLY E 61 -9.17 -24.45 -44.56
CA GLY E 61 -9.68 -25.60 -43.83
C GLY E 61 -11.18 -25.58 -43.68
N VAL E 62 -11.79 -24.37 -43.63
CA VAL E 62 -13.24 -24.19 -43.53
C VAL E 62 -13.86 -24.52 -44.88
N SER E 63 -14.88 -25.40 -44.87
CA SER E 63 -15.59 -25.86 -46.06
C SER E 63 -16.07 -24.71 -46.96
N ASN E 64 -15.93 -24.87 -48.30
CA ASN E 64 -16.36 -23.90 -49.31
C ASN E 64 -17.89 -23.77 -49.37
N ARG E 65 -18.64 -24.59 -48.59
CA ARG E 65 -20.10 -24.51 -48.49
C ARG E 65 -20.50 -23.31 -47.63
N PHE E 66 -19.52 -22.74 -46.90
CA PHE E 66 -19.73 -21.56 -46.06
C PHE E 66 -19.24 -20.32 -46.78
N SER E 67 -20.13 -19.35 -46.94
CA SER E 67 -19.79 -18.07 -47.55
C SER E 67 -20.49 -16.97 -46.76
N ALA E 68 -20.07 -15.73 -46.93
CA ALA E 68 -20.66 -14.64 -46.19
C ALA E 68 -20.74 -13.38 -47.03
N SER E 69 -21.69 -12.51 -46.70
CA SER E 69 -21.88 -11.24 -47.38
C SER E 69 -22.04 -10.11 -46.38
N LYS E 70 -21.69 -8.91 -46.83
CA LYS E 70 -21.86 -7.70 -46.09
C LYS E 70 -22.42 -6.47 -46.77
N SER E 71 -23.16 -5.65 -46.03
CA SER E 71 -23.73 -4.41 -46.51
C SER E 71 -23.43 -3.36 -45.44
N ALA E 72 -23.94 -2.14 -45.60
CA ALA E 72 -23.76 -1.09 -44.61
C ALA E 72 -24.76 -1.24 -43.46
N THR E 73 -25.73 -2.20 -43.57
CA THR E 73 -26.77 -2.38 -42.56
C THR E 73 -26.85 -3.78 -41.92
N ALA E 74 -26.19 -4.79 -42.51
CA ALA E 74 -26.22 -6.17 -41.98
C ALA E 74 -25.06 -7.00 -42.51
N ALA E 75 -24.84 -8.16 -41.89
CA ALA E 75 -23.86 -9.15 -42.30
C ALA E 75 -24.62 -10.46 -42.33
N SER E 76 -24.30 -11.35 -43.27
CA SER E 76 -25.01 -12.61 -43.37
C SER E 76 -24.07 -13.76 -43.65
N LEU E 77 -24.37 -14.94 -43.09
CA LEU E 77 -23.63 -16.17 -43.31
C LEU E 77 -24.55 -17.09 -44.13
N THR E 78 -24.02 -17.67 -45.22
CA THR E 78 -24.78 -18.59 -46.07
C THR E 78 -24.12 -19.95 -46.06
N ILE E 79 -24.94 -20.97 -45.81
CA ILE E 79 -24.49 -22.36 -45.83
C ILE E 79 -25.22 -22.99 -46.99
N SER E 80 -24.48 -23.44 -48.01
CA SER E 80 -25.01 -24.12 -49.18
C SER E 80 -24.88 -25.63 -48.97
N GLY E 81 -25.73 -26.42 -49.64
CA GLY E 81 -25.73 -27.88 -49.56
C GLY E 81 -25.73 -28.41 -48.14
N LEU E 82 -26.72 -27.98 -47.35
CA LEU E 82 -26.87 -28.31 -45.93
C LEU E 82 -26.67 -29.79 -45.63
N GLN E 83 -25.83 -30.08 -44.64
CA GLN E 83 -25.54 -31.44 -44.20
C GLN E 83 -25.90 -31.59 -42.72
N PRO E 84 -26.24 -32.82 -42.23
CA PRO E 84 -26.56 -32.99 -40.79
C PRO E 84 -25.50 -32.44 -39.83
N GLU E 85 -24.20 -32.48 -40.22
CA GLU E 85 -23.09 -31.96 -39.39
C GLU E 85 -23.13 -30.43 -39.23
N ASP E 86 -23.95 -29.72 -40.04
CA ASP E 86 -24.11 -28.27 -39.96
C ASP E 86 -25.03 -27.87 -38.80
N GLU E 87 -25.74 -28.86 -38.19
CA GLU E 87 -26.60 -28.61 -37.06
C GLU E 87 -25.71 -28.11 -35.93
N ALA E 88 -25.91 -26.85 -35.54
CA ALA E 88 -25.07 -26.18 -34.57
C ALA E 88 -25.66 -24.83 -34.21
N ASP E 89 -25.05 -24.13 -33.24
CA ASP E 89 -25.39 -22.76 -32.91
C ASP E 89 -24.36 -21.90 -33.64
N TYR E 90 -24.82 -20.84 -34.32
CA TYR E 90 -23.96 -19.92 -35.06
C TYR E 90 -24.03 -18.55 -34.41
N TYR E 91 -22.86 -17.93 -34.17
CA TYR E 91 -22.75 -16.63 -33.53
C TYR E 91 -22.02 -15.64 -34.41
N CYS E 92 -22.55 -14.41 -34.53
CA CYS E 92 -21.82 -13.34 -35.20
C CYS E 92 -21.12 -12.56 -34.09
N CYS E 93 -20.04 -11.86 -34.43
CA CYS E 93 -19.24 -11.08 -33.48
C CYS E 93 -18.69 -9.86 -34.20
N SER E 94 -18.61 -8.73 -33.50
CA SER E 94 -18.02 -7.48 -34.02
C SER E 94 -17.67 -6.58 -32.83
N TYR E 95 -17.28 -5.34 -33.10
CA TYR E 95 -16.94 -4.40 -32.04
C TYR E 95 -18.16 -3.77 -31.42
N ALA E 96 -18.22 -3.74 -30.07
CA ALA E 96 -19.28 -3.06 -29.32
C ALA E 96 -18.88 -1.59 -29.22
N THR E 97 -17.57 -1.33 -29.01
CA THR E 97 -16.93 0.00 -28.95
C THR E 97 -15.60 -0.15 -29.69
N SER E 98 -14.83 0.93 -29.77
CA SER E 98 -13.52 0.92 -30.43
C SER E 98 -12.52 -0.10 -29.83
N ARG E 99 -12.72 -0.53 -28.57
CA ARG E 99 -11.79 -1.42 -27.89
C ARG E 99 -12.43 -2.69 -27.25
N THR E 100 -13.71 -2.98 -27.53
CA THR E 100 -14.38 -4.16 -26.96
C THR E 100 -15.19 -4.89 -28.02
N LEU E 101 -15.29 -6.21 -27.91
CA LEU E 101 -16.05 -7.03 -28.84
C LEU E 101 -17.35 -7.46 -28.19
N VAL E 102 -18.33 -7.86 -29.00
CA VAL E 102 -19.64 -8.37 -28.55
C VAL E 102 -20.14 -9.41 -29.56
N PHE E 103 -20.79 -10.46 -29.04
CA PHE E 103 -21.38 -11.49 -29.88
C PHE E 103 -22.88 -11.22 -30.03
N GLY E 104 -23.46 -11.73 -31.11
CA GLY E 104 -24.89 -11.73 -31.31
C GLY E 104 -25.43 -12.80 -30.37
N GLY E 105 -26.76 -12.88 -30.22
CA GLY E 105 -27.41 -13.84 -29.34
C GLY E 105 -27.31 -15.30 -29.73
N GLY E 106 -26.94 -15.55 -30.99
CA GLY E 106 -26.80 -16.90 -31.53
C GLY E 106 -28.05 -17.38 -32.25
N THR E 107 -27.84 -18.24 -33.25
CA THR E 107 -28.90 -18.84 -34.05
C THR E 107 -28.74 -20.34 -33.99
N LYS E 108 -29.80 -21.05 -33.55
CA LYS E 108 -29.79 -22.50 -33.51
C LYS E 108 -30.29 -23.00 -34.86
N LEU E 109 -29.41 -23.67 -35.60
CA LEU E 109 -29.74 -24.23 -36.89
C LEU E 109 -30.08 -25.70 -36.70
N THR E 110 -31.30 -26.08 -37.08
CA THR E 110 -31.76 -27.46 -37.04
C THR E 110 -31.76 -28.00 -38.45
N VAL E 111 -31.13 -29.17 -38.67
CA VAL E 111 -31.15 -29.83 -39.98
C VAL E 111 -32.22 -30.92 -39.84
N VAL E 112 -33.35 -30.76 -40.55
CA VAL E 112 -34.49 -31.65 -40.45
C VAL E 112 -34.27 -32.95 -41.25
N GLN F 3 5.55 -17.86 30.08
CA GLN F 3 4.42 -18.74 30.38
C GLN F 3 4.14 -18.81 31.87
N SER F 4 2.84 -18.90 32.19
CA SER F 4 2.17 -19.23 33.47
C SER F 4 0.80 -19.81 33.09
N VAL F 5 0.48 -20.99 33.63
CA VAL F 5 -0.79 -21.72 33.40
C VAL F 5 -1.45 -21.88 34.75
N LEU F 6 -2.72 -21.48 34.85
CA LEU F 6 -3.49 -21.52 36.09
C LEU F 6 -4.49 -22.67 36.04
N THR F 7 -4.47 -23.52 37.07
CA THR F 7 -5.36 -24.67 37.19
C THR F 7 -6.25 -24.58 38.42
N GLN F 8 -7.52 -24.89 38.23
CA GLN F 8 -8.52 -24.88 39.29
C GLN F 8 -9.26 -26.22 39.27
N PRO F 9 -9.88 -26.66 40.40
CA PRO F 9 -10.71 -27.89 40.33
C PRO F 9 -11.84 -27.67 39.33
N VAL F 10 -12.26 -28.71 38.59
CA VAL F 10 -13.32 -28.56 37.58
C VAL F 10 -14.66 -28.20 38.25
N SER F 11 -14.93 -28.82 39.40
CA SER F 11 -16.18 -28.63 40.12
C SER F 11 -16.04 -28.83 41.61
N VAL F 12 -16.91 -28.15 42.36
CA VAL F 12 -17.00 -28.22 43.82
C VAL F 12 -18.47 -28.21 44.19
N SER F 13 -18.85 -29.04 45.16
CA SER F 13 -20.23 -29.07 45.64
C SER F 13 -20.21 -28.68 47.10
N GLY F 14 -21.23 -27.95 47.50
CA GLY F 14 -21.40 -27.49 48.87
C GLY F 14 -22.86 -27.43 49.24
N SER F 15 -23.13 -27.40 50.53
CA SER F 15 -24.49 -27.32 51.07
C SER F 15 -24.72 -25.93 51.66
N PRO F 16 -25.97 -25.42 51.72
CA PRO F 16 -26.18 -24.07 52.30
C PRO F 16 -25.67 -23.96 53.73
N GLY F 17 -25.06 -22.81 54.03
CA GLY F 17 -24.49 -22.53 55.34
C GLY F 17 -23.05 -22.97 55.51
N GLN F 18 -22.56 -23.86 54.61
CA GLN F 18 -21.19 -24.39 54.68
C GLN F 18 -20.16 -23.43 54.08
N SER F 19 -18.87 -23.75 54.25
CA SER F 19 -17.75 -22.98 53.70
C SER F 19 -17.04 -23.82 52.65
N ILE F 20 -16.69 -23.19 51.51
CA ILE F 20 -15.97 -23.83 50.41
C ILE F 20 -14.76 -22.99 50.03
N THR F 21 -13.68 -23.66 49.63
CA THR F 21 -12.44 -23.03 49.20
C THR F 21 -12.09 -23.55 47.82
N ILE F 22 -11.87 -22.61 46.87
CA ILE F 22 -11.48 -22.90 45.49
C ILE F 22 -10.01 -22.49 45.35
N SER F 23 -9.16 -23.44 44.92
CA SER F 23 -7.74 -23.22 44.72
C SER F 23 -7.44 -22.84 43.28
N CYS F 24 -6.35 -22.08 43.10
CA CYS F 24 -5.83 -21.65 41.82
C CYS F 24 -4.34 -21.90 41.94
N THR F 25 -3.84 -22.95 41.25
CA THR F 25 -2.45 -23.37 41.29
C THR F 25 -1.78 -23.18 39.93
N GLY F 26 -0.56 -22.65 39.92
CA GLY F 26 0.15 -22.38 38.67
C GLY F 26 1.35 -23.26 38.39
N THR F 27 1.70 -23.44 37.09
CA THR F 27 2.87 -24.25 36.76
C THR F 27 4.15 -23.34 36.71
N SER F 28 4.51 -22.73 35.57
CA SER F 28 5.63 -21.79 35.36
C SER F 28 5.24 -20.43 36.00
N SER F 29 4.87 -20.47 37.27
CA SER F 29 4.40 -19.33 38.03
C SER F 29 5.34 -19.03 39.19
N ASN F 30 5.12 -17.89 39.87
CA ASN F 30 5.94 -17.52 41.02
C ASN F 30 5.09 -16.76 42.04
N ALA F 31 5.71 -16.25 43.12
CA ALA F 31 5.01 -15.52 44.18
C ALA F 31 4.20 -14.33 43.64
N ASP F 32 4.73 -13.64 42.62
CA ASP F 32 4.05 -12.52 41.97
C ASP F 32 2.79 -12.97 41.26
N THR F 33 2.77 -14.20 40.69
CA THR F 33 1.58 -14.73 40.04
C THR F 33 0.40 -14.68 41.05
N TYR F 34 0.62 -15.21 42.26
CA TYR F 34 -0.42 -15.28 43.30
C TYR F 34 -0.70 -13.95 43.95
N ASN F 35 0.31 -13.06 44.03
CA ASN F 35 0.14 -11.70 44.57
C ASN F 35 -0.82 -10.91 43.69
N LEU F 36 -0.89 -11.26 42.40
CA LEU F 36 -1.70 -10.55 41.41
C LEU F 36 -2.98 -11.26 40.97
N VAL F 37 -3.33 -12.38 41.64
CA VAL F 37 -4.53 -13.13 41.30
C VAL F 37 -5.80 -12.31 41.54
N SER F 38 -6.73 -12.37 40.60
CA SER F 38 -8.04 -11.76 40.76
C SER F 38 -9.06 -12.89 40.55
N TRP F 39 -10.21 -12.80 41.23
CA TRP F 39 -11.27 -13.81 41.15
C TRP F 39 -12.54 -13.23 40.57
N TYR F 40 -13.22 -14.00 39.70
CA TYR F 40 -14.46 -13.58 39.03
C TYR F 40 -15.55 -14.59 39.24
N GLN F 41 -16.77 -14.11 39.55
CA GLN F 41 -17.97 -14.93 39.72
C GLN F 41 -18.82 -14.75 38.48
N GLN F 42 -19.25 -15.86 37.87
CA GLN F 42 -20.15 -15.78 36.72
C GLN F 42 -21.36 -16.63 36.99
N ARG F 43 -22.47 -15.97 37.36
CA ARG F 43 -23.73 -16.65 37.62
C ARG F 43 -24.38 -17.11 36.30
N PRO F 44 -25.22 -18.18 36.28
CA PRO F 44 -25.81 -18.63 35.01
C PRO F 44 -26.54 -17.53 34.25
N GLY F 45 -26.10 -17.28 33.02
CA GLY F 45 -26.66 -16.26 32.13
C GLY F 45 -26.27 -14.83 32.45
N LYS F 46 -25.31 -14.62 33.36
CA LYS F 46 -24.88 -13.29 33.75
C LYS F 46 -23.43 -13.01 33.34
N ALA F 47 -23.06 -11.72 33.30
CA ALA F 47 -21.70 -11.30 32.98
C ALA F 47 -20.82 -11.55 34.21
N PRO F 48 -19.49 -11.78 34.04
CA PRO F 48 -18.63 -11.97 35.21
C PRO F 48 -18.57 -10.74 36.10
N LYS F 49 -18.27 -10.96 37.38
CA LYS F 49 -18.18 -9.92 38.41
C LYS F 49 -16.87 -10.11 39.18
N LEU F 50 -16.13 -9.01 39.38
CA LEU F 50 -14.88 -9.03 40.14
C LEU F 50 -15.19 -9.24 41.62
N MET F 51 -14.59 -10.28 42.22
CA MET F 51 -14.81 -10.60 43.62
C MET F 51 -13.61 -10.26 44.48
N ILE F 52 -12.40 -10.49 43.94
CA ILE F 52 -11.12 -10.27 44.63
C ILE F 52 -10.11 -9.78 43.62
N TYR F 53 -9.20 -8.90 44.03
CA TYR F 53 -8.09 -8.43 43.21
C TYR F 53 -6.86 -8.37 44.10
N GLU F 54 -5.65 -8.34 43.49
CA GLU F 54 -4.38 -8.27 44.25
C GLU F 54 -4.27 -9.41 45.28
N GLY F 55 -4.71 -10.59 44.87
CA GLY F 55 -4.68 -11.81 45.68
C GLY F 55 -5.68 -11.91 46.82
N THR F 56 -5.88 -10.82 47.60
CA THR F 56 -6.74 -10.88 48.80
C THR F 56 -7.70 -9.69 49.00
N LYS F 57 -7.62 -8.65 48.15
CA LYS F 57 -8.44 -7.46 48.34
C LYS F 57 -9.84 -7.62 47.77
N ARG F 58 -10.83 -7.28 48.58
CA ARG F 58 -12.24 -7.37 48.18
C ARG F 58 -12.78 -5.98 47.80
N PRO F 59 -13.31 -5.78 46.56
CA PRO F 59 -13.88 -4.44 46.22
C PRO F 59 -15.13 -4.13 47.03
N SER F 60 -15.46 -2.83 47.21
CA SER F 60 -16.67 -2.43 47.94
C SER F 60 -17.90 -2.92 47.17
N GLY F 61 -18.93 -3.32 47.92
CA GLY F 61 -20.15 -3.86 47.35
C GLY F 61 -20.17 -5.38 47.34
N VAL F 62 -18.97 -6.01 47.23
CA VAL F 62 -18.84 -7.47 47.25
C VAL F 62 -19.05 -7.96 48.69
N SER F 63 -19.94 -8.95 48.86
CA SER F 63 -20.30 -9.54 50.14
C SER F 63 -19.08 -9.97 50.97
N ASN F 64 -19.12 -9.69 52.30
CA ASN F 64 -18.06 -10.06 53.25
C ASN F 64 -17.94 -11.59 53.44
N ARG F 65 -18.86 -12.37 52.81
CA ARG F 65 -18.82 -13.84 52.85
C ARG F 65 -17.70 -14.35 51.92
N PHE F 66 -17.18 -13.46 51.05
CA PHE F 66 -16.09 -13.77 50.12
C PHE F 66 -14.79 -13.26 50.69
N SER F 67 -13.81 -14.14 50.83
CA SER F 67 -12.48 -13.79 51.29
C SER F 67 -11.48 -14.59 50.47
N ALA F 68 -10.22 -14.19 50.48
CA ALA F 68 -9.20 -14.87 49.71
C ALA F 68 -7.88 -14.90 50.43
N SER F 69 -7.07 -15.90 50.11
CA SER F 69 -5.74 -16.06 50.69
C SER F 69 -4.71 -16.34 49.61
N LYS F 70 -3.47 -15.99 49.87
CA LYS F 70 -2.33 -16.27 49.04
C LYS F 70 -1.05 -16.73 49.65
N SER F 71 -0.32 -17.60 48.96
CA SER F 71 0.94 -18.16 49.38
C SER F 71 1.89 -17.99 48.19
N ALA F 72 3.11 -18.51 48.28
CA ALA F 72 4.07 -18.45 47.19
C ALA F 72 3.79 -19.56 46.16
N THR F 73 2.84 -20.48 46.44
CA THR F 73 2.55 -21.61 45.55
C THR F 73 1.09 -21.71 45.06
N ALA F 74 0.15 -20.98 45.67
CA ALA F 74 -1.26 -21.00 45.28
C ALA F 74 -2.03 -19.78 45.77
N ALA F 75 -3.23 -19.59 45.24
CA ALA F 75 -4.16 -18.55 45.64
C ALA F 75 -5.48 -19.27 45.87
N SER F 76 -6.27 -18.84 46.85
CA SER F 76 -7.53 -19.50 47.14
C SER F 76 -8.64 -18.52 47.42
N LEU F 77 -9.86 -18.84 47.00
CA LEU F 77 -11.06 -18.05 47.28
C LEU F 77 -11.90 -18.86 48.24
N THR F 78 -12.38 -18.23 49.34
CA THR F 78 -13.22 -18.88 50.33
C THR F 78 -14.57 -18.19 50.38
N ILE F 79 -15.62 -18.99 50.30
CA ILE F 79 -16.99 -18.51 50.40
C ILE F 79 -17.53 -19.12 51.69
N SER F 80 -17.86 -18.26 52.66
CA SER F 80 -18.43 -18.68 53.95
C SER F 80 -19.96 -18.53 53.87
N GLY F 81 -20.70 -19.30 54.68
CA GLY F 81 -22.15 -19.27 54.73
C GLY F 81 -22.82 -19.38 53.37
N LEU F 82 -22.48 -20.44 52.63
CA LEU F 82 -22.95 -20.72 51.28
C LEU F 82 -24.44 -20.50 51.09
N GLN F 83 -24.82 -19.73 50.06
CA GLN F 83 -26.21 -19.46 49.73
C GLN F 83 -26.51 -19.95 48.31
N PRO F 84 -27.78 -20.30 47.97
CA PRO F 84 -28.08 -20.74 46.59
C PRO F 84 -27.61 -19.79 45.48
N GLU F 85 -27.58 -18.46 45.76
CA GLU F 85 -27.13 -17.45 44.78
C GLU F 85 -25.62 -17.53 44.48
N ASP F 86 -24.85 -18.30 45.30
CA ASP F 86 -23.42 -18.51 45.10
C ASP F 86 -23.15 -19.54 44.00
N GLU F 87 -24.20 -20.26 43.55
CA GLU F 87 -24.08 -21.24 42.48
C GLU F 87 -23.67 -20.47 41.23
N ALA F 88 -22.45 -20.73 40.76
CA ALA F 88 -21.86 -20.00 39.65
C ALA F 88 -20.57 -20.67 39.23
N ASP F 89 -19.96 -20.16 38.15
CA ASP F 89 -18.62 -20.56 37.72
C ASP F 89 -17.68 -19.49 38.27
N TYR F 90 -16.56 -19.92 38.89
CA TYR F 90 -15.56 -19.02 39.46
C TYR F 90 -14.27 -19.18 38.69
N TYR F 91 -13.65 -18.06 38.30
CA TYR F 91 -12.40 -18.04 37.54
C TYR F 91 -11.33 -17.26 38.25
N CYS F 92 -10.11 -17.81 38.30
CA CYS F 92 -8.97 -17.05 38.80
C CYS F 92 -8.28 -16.47 37.56
N CYS F 93 -7.53 -15.39 37.73
CA CYS F 93 -6.83 -14.70 36.66
C CYS F 93 -5.54 -14.13 37.20
N SER F 94 -4.47 -14.14 36.40
CA SER F 94 -3.17 -13.54 36.73
C SER F 94 -2.38 -13.32 35.45
N TYR F 95 -1.11 -12.94 35.56
CA TYR F 95 -0.27 -12.71 34.39
C TYR F 95 0.28 -14.02 33.84
N ALA F 96 0.18 -14.20 32.51
CA ALA F 96 0.77 -15.33 31.80
C ALA F 96 2.24 -14.98 31.53
N THR F 97 2.50 -13.70 31.18
CA THR F 97 3.82 -13.11 30.94
C THR F 97 3.78 -11.72 31.56
N SER F 98 4.87 -10.96 31.48
CA SER F 98 4.94 -9.60 32.00
C SER F 98 3.89 -8.64 31.42
N ARG F 99 3.34 -8.94 30.22
CA ARG F 99 2.40 -8.05 29.54
C ARG F 99 1.07 -8.71 29.08
N THR F 100 0.79 -9.96 29.50
CA THR F 100 -0.45 -10.64 29.11
C THR F 100 -1.08 -11.33 30.31
N LEU F 101 -2.42 -11.41 30.31
CA LEU F 101 -3.16 -12.07 31.38
C LEU F 101 -3.69 -13.41 30.90
N VAL F 102 -4.03 -14.30 31.83
CA VAL F 102 -4.59 -15.62 31.56
C VAL F 102 -5.54 -16.00 32.68
N PHE F 103 -6.66 -16.66 32.34
CA PHE F 103 -7.61 -17.16 33.32
C PHE F 103 -7.36 -18.63 33.57
N GLY F 104 -7.76 -19.09 34.75
CA GLY F 104 -7.78 -20.51 35.08
C GLY F 104 -8.95 -21.11 34.30
N GLY F 105 -9.06 -22.43 34.29
CA GLY F 105 -10.11 -23.13 33.55
C GLY F 105 -11.52 -22.96 34.07
N GLY F 106 -11.65 -22.47 35.30
CA GLY F 106 -12.94 -22.25 35.95
C GLY F 106 -13.38 -23.41 36.82
N THR F 107 -14.13 -23.09 37.88
CA THR F 107 -14.68 -24.06 38.82
C THR F 107 -16.18 -23.87 38.87
N LYS F 108 -16.93 -24.94 38.61
CA LYS F 108 -18.39 -24.89 38.70
C LYS F 108 -18.76 -25.26 40.12
N LEU F 109 -19.35 -24.30 40.84
CA LEU F 109 -19.79 -24.48 42.21
C LEU F 109 -21.28 -24.81 42.18
N THR F 110 -21.64 -25.99 42.71
CA THR F 110 -23.03 -26.41 42.83
C THR F 110 -23.43 -26.26 44.29
N VAL F 111 -24.57 -25.58 44.55
CA VAL F 111 -25.11 -25.47 45.91
C VAL F 111 -26.22 -26.52 45.96
N VAL F 112 -26.02 -27.58 46.76
CA VAL F 112 -26.94 -28.70 46.85
C VAL F 112 -28.13 -28.37 47.74
C1 NAG G . -7.13 10.36 40.74
C2 NAG G . -6.74 9.09 41.49
C3 NAG G . -7.87 8.07 41.34
C4 NAG G . -9.20 8.65 41.81
C5 NAG G . -9.49 9.95 41.06
C6 NAG G . -10.73 10.67 41.53
C7 NAG G . -4.52 8.06 41.79
C8 NAG G . -3.25 7.65 41.10
N2 NAG G . -5.48 8.55 41.00
O3 NAG G . -7.56 6.90 42.08
O4 NAG G . -10.24 7.70 41.55
O5 NAG G . -8.38 10.86 41.23
O6 NAG G . -10.74 10.94 42.93
O7 NAG G . -4.66 7.96 43.01
C1 NAG G . -11.01 7.19 42.64
C2 NAG G . -12.37 6.84 42.04
C3 NAG G . -13.16 5.80 42.84
C4 NAG G . -12.24 4.68 43.28
C5 NAG G . -11.09 5.25 44.13
C6 NAG G . -10.15 4.19 44.66
C7 NAG G . -13.55 8.51 40.65
C8 NAG G . -14.37 9.76 40.67
N2 NAG G . -13.16 8.05 41.85
O3 NAG G . -14.21 5.29 42.03
O4 NAG G . -12.97 3.61 43.90
O5 NAG G . -10.31 6.13 43.30
O6 NAG G . -9.60 4.57 45.92
O7 NAG G . -13.25 7.95 39.60
C1 BMA G . -13.58 3.74 45.19
C2 BMA G . -15.04 3.26 45.08
C3 BMA G . -15.14 1.77 44.69
C4 BMA G . -13.97 0.98 45.26
C5 BMA G . -13.38 1.67 46.50
C6 BMA G . -12.25 0.90 47.14
O2 BMA G . -15.77 4.07 44.17
O3 BMA G . -15.22 1.63 43.28
O4 BMA G . -14.38 -0.35 45.57
O5 BMA G . -12.86 2.97 46.16
O6 BMA G . -12.77 -0.04 48.08
C1 MAN G . -16.39 1.05 42.70
C2 MAN G . -16.55 1.63 41.29
C3 MAN G . -18.02 1.74 40.91
C4 MAN G . -18.83 0.59 41.50
C5 MAN G . -18.78 0.65 43.04
C6 MAN G . -18.88 -0.71 43.69
O2 MAN G . -15.85 0.81 40.35
O3 MAN G . -18.18 1.77 39.49
O4 MAN G . -20.20 0.67 41.07
O5 MAN G . -17.57 1.27 43.49
O6 MAN G . -20.16 -1.30 43.51
C1 MAN G . -11.81 -0.58 48.95
C2 MAN G . -12.42 -1.82 49.63
C3 MAN G . -13.43 -1.43 50.70
C4 MAN G . -12.86 -0.40 51.67
C5 MAN G . -12.28 0.79 50.91
C6 MAN G . -11.58 1.80 51.79
O2 MAN G . -11.38 -2.63 50.18
O3 MAN G . -13.87 -2.58 51.41
O4 MAN G . -13.87 0.04 52.57
O5 MAN G . -11.33 0.35 49.93
O6 MAN G . -11.17 2.95 51.05
C1 FUC G . -11.93 11.49 43.41
C2 FUC G . -12.48 10.58 44.53
C3 FUC G . -13.01 11.41 45.70
C4 FUC G . -13.78 12.63 45.22
C5 FUC G . -12.88 13.55 44.39
C6 FUC G . -13.53 14.24 43.23
O2 FUC G . -11.48 9.68 45.00
O3 FUC G . -13.85 10.60 46.53
O4 FUC G . -14.97 12.26 44.51
O5 FUC G . -11.72 12.82 43.90
C1 NAG H . 5.64 -12.03 -39.65
C2 NAG H . 4.28 -11.75 -40.30
C3 NAG H . 3.32 -12.86 -39.90
C4 NAG H . 3.86 -14.23 -40.29
C5 NAG H . 5.25 -14.42 -39.66
C6 NAG H . 5.95 -15.70 -40.07
C7 NAG H . 3.18 -9.58 -40.73
C8 NAG H . 2.82 -8.25 -40.15
N2 NAG H . 3.78 -10.44 -39.90
O3 NAG H . 2.05 -12.65 -40.53
O4 NAG H . 2.98 -15.24 -39.81
O5 NAG H . 6.11 -13.33 -40.06
O6 NAG H . 6.06 -15.86 -41.48
O7 NAG H . 2.95 -9.86 -41.90
C1 NAG H . 2.36 -16.13 -40.73
C2 NAG H . 2.11 -17.44 -39.96
C3 NAG H . 1.03 -18.32 -40.60
C4 NAG H . -0.17 -17.48 -40.99
C5 NAG H . 0.27 -16.41 -41.98
C6 NAG H . -0.86 -15.53 -42.50
C7 NAG H . 3.95 -18.41 -38.63
C8 NAG H . 5.22 -19.22 -38.69
N2 NAG H . 3.36 -18.18 -39.81
O3 NAG H . 0.65 -19.33 -39.68
O4 NAG H . -1.25 -18.31 -41.45
O5 NAG H . 1.22 -15.53 -41.35
O6 NAG H . -0.64 -15.09 -43.83
O7 NAG H . 3.49 -18.01 -37.57
C1 BMA H . -1.23 -19.00 -42.72
C2 BMA H . -1.59 -20.47 -42.50
C3 BMA H . -3.01 -20.63 -41.96
C4 BMA H . -3.94 -19.53 -42.47
C5 BMA H . -3.43 -18.98 -43.81
C6 BMA H . -4.34 -17.91 -44.39
O2 BMA H . -0.64 -21.10 -41.65
O3 BMA H . -3.01 -20.67 -40.53
O4 BMA H . -5.27 -20.03 -42.61
O5 BMA H . -2.14 -18.39 -43.65
O6 BMA H . -5.37 -18.49 -45.17
C1 MAN H . -3.45 -21.84 -39.85
C2 MAN H . -2.71 -21.92 -38.51
C3 MAN H . -2.47 -23.37 -38.10
C4 MAN H . -3.62 -24.28 -38.55
C5 MAN H . -3.72 -24.28 -40.08
C6 MAN H . -5.13 -24.48 -40.59
O2 MAN H . -3.47 -21.24 -37.52
O3 MAN H . -2.27 -23.47 -36.69
O4 MAN H . -3.40 -25.60 -38.10
O5 MAN H . -3.23 -23.05 -40.63
O6 MAN H . -5.62 -25.80 -40.32
C1 MAN H . -6.05 -17.55 -45.97
C2 MAN H . -7.37 -18.19 -46.43
C3 MAN H . -7.14 -19.22 -47.52
C4 MAN H . -6.28 -18.67 -48.66
C5 MAN H . -4.98 -18.09 -48.10
C6 MAN H . -4.13 -17.40 -49.14
O2 MAN H . -8.27 -17.17 -46.87
O3 MAN H . -8.38 -19.69 -48.04
O4 MAN H . -5.98 -19.70 -49.58
O5 MAN H . -5.29 -17.10 -47.09
O6 MAN H . -2.89 -16.97 -48.59
C1 FUC H . 6.57 -17.10 -41.88
C2 FUC H . 5.57 -17.78 -42.81
C3 FUC H . 6.27 -18.44 -43.99
C4 FUC H . 7.56 -19.14 -43.57
C5 FUC H . 8.54 -18.13 -42.96
C6 FUC H . 9.37 -18.64 -41.80
O2 FUC H . 4.60 -16.85 -43.29
O3 FUC H . 5.40 -19.38 -44.63
O4 FUC H . 7.30 -20.23 -42.69
O5 FUC H . 7.84 -16.93 -42.53
#